data_8VIU
# 
_entry.id   8VIU 
# 
_audit_conform.dict_name       mmcif_pdbx.dic 
_audit_conform.dict_version    5.402 
_audit_conform.dict_location   http://mmcif.pdb.org/dictionaries/ascii/mmcif_pdbx.dic 
# 
loop_
_database_2.database_id 
_database_2.database_code 
_database_2.pdbx_database_accession 
_database_2.pdbx_DOI 
PDB   8VIU         pdb_00008viu 10.2210/pdb8viu/pdb 
WWPDB D_1000280258 ?            ?                   
# 
loop_
_pdbx_audit_revision_history.ordinal 
_pdbx_audit_revision_history.data_content_type 
_pdbx_audit_revision_history.major_revision 
_pdbx_audit_revision_history.minor_revision 
_pdbx_audit_revision_history.revision_date 
_pdbx_audit_revision_history.part_number 
1 'Structure model' 1 0 2024-10-02 ? 
2 'Structure model' 1 1 2025-03-05 ? 
# 
_pdbx_audit_revision_details.ordinal             1 
_pdbx_audit_revision_details.revision_ordinal    1 
_pdbx_audit_revision_details.data_content_type   'Structure model' 
_pdbx_audit_revision_details.provider            repository 
_pdbx_audit_revision_details.type                'Initial release' 
_pdbx_audit_revision_details.description         ? 
_pdbx_audit_revision_details.details             ? 
# 
loop_
_pdbx_audit_revision_group.ordinal 
_pdbx_audit_revision_group.revision_ordinal 
_pdbx_audit_revision_group.data_content_type 
_pdbx_audit_revision_group.group 
1 2 'Structure model' 'Database references' 
2 2 'Structure model' 'Structure summary'   
# 
loop_
_pdbx_audit_revision_category.ordinal 
_pdbx_audit_revision_category.revision_ordinal 
_pdbx_audit_revision_category.data_content_type 
_pdbx_audit_revision_category.category 
1 2 'Structure model' citation           
2 2 'Structure model' citation_author    
3 2 'Structure model' pdbx_entry_details 
# 
loop_
_pdbx_audit_revision_item.ordinal 
_pdbx_audit_revision_item.revision_ordinal 
_pdbx_audit_revision_item.data_content_type 
_pdbx_audit_revision_item.item 
1  2 'Structure model' '_citation.country'                            
2  2 'Structure model' '_citation.journal_abbrev'                     
3  2 'Structure model' '_citation.journal_id_CSD'                     
4  2 'Structure model' '_citation.journal_id_ISSN'                    
5  2 'Structure model' '_citation.journal_volume'                     
6  2 'Structure model' '_citation.page_first'                         
7  2 'Structure model' '_citation.page_last'                          
8  2 'Structure model' '_citation.pdbx_database_id_DOI'               
9  2 'Structure model' '_citation.pdbx_database_id_PubMed'            
10 2 'Structure model' '_citation.title'                              
11 2 'Structure model' '_citation.year'                               
12 2 'Structure model' '_pdbx_entry_details.has_protein_modification' 
# 
_pdbx_database_status.status_code                     REL 
_pdbx_database_status.status_code_sf                  REL 
_pdbx_database_status.status_code_mr                  ? 
_pdbx_database_status.entry_id                        8VIU 
_pdbx_database_status.recvd_initial_deposition_date   2024-01-05 
_pdbx_database_status.SG_entry                        N 
_pdbx_database_status.deposit_site                    RCSB 
_pdbx_database_status.process_site                    RCSB 
_pdbx_database_status.status_code_cs                  ? 
_pdbx_database_status.status_code_nmr_data            ? 
_pdbx_database_status.methods_development_category    ? 
_pdbx_database_status.pdb_format_compatible           N 
# 
loop_
_pdbx_database_related.db_name 
_pdbx_database_related.details 
_pdbx_database_related.db_id 
_pdbx_database_related.content_type 
PDB . 8V4T unspecified 
PDB . 8V5J unspecified 
# 
_pdbx_contact_author.id                 3 
_pdbx_contact_author.email              wdw@gsu.edu 
_pdbx_contact_author.name_first         W 
_pdbx_contact_author.name_last          Wilson 
_pdbx_contact_author.name_mi            David 
_pdbx_contact_author.role               'principal investigator/group leader' 
_pdbx_contact_author.identifier_ORCID   0000-0001-5225-5089 
# 
loop_
_audit_author.name 
_audit_author.pdbx_ordinal 
_audit_author.identifier_ORCID 
'Terrell, J.R.' 1 0000-0001-5394-5663 
'Wilson, W.D.'  2 0000-0001-5225-5089 
# 
_citation.abstract                  ? 
_citation.abstract_id_CAS           ? 
_citation.book_id_ISBN              ? 
_citation.book_publisher            ? 
_citation.book_publisher_city       ? 
_citation.book_title                ? 
_citation.coordinate_linkage        ? 
_citation.country                   US 
_citation.database_id_Medline       ? 
_citation.details                   ? 
_citation.id                        primary 
_citation.journal_abbrev            'Acs Chem.Biol.' 
_citation.journal_id_ASTM           ? 
_citation.journal_id_CSD            ? 
_citation.journal_id_ISSN           1554-8937 
_citation.journal_full              ? 
_citation.journal_issue             ? 
_citation.journal_volume            20 
_citation.language                  ? 
_citation.page_first                489 
_citation.page_last                 506 
_citation.title                     
;Alternative Approach to Sequence-Specific Recognition of DNA: Cooperative Stacking of Dication Dimers&#9472;Sensitivity to Compound Curvature, Aromatic Structure, and DNA Sequence.
;
_citation.year                      2025 
_citation.database_id_CSD           ? 
_citation.pdbx_database_id_DOI      10.1021/acschembio.4c00800 
_citation.pdbx_database_id_PubMed   39920086 
_citation.pdbx_database_id_patent   ? 
_citation.unpublished_flag          ? 
# 
loop_
_citation_author.citation_id 
_citation_author.name 
_citation_author.ordinal 
_citation_author.identifier_ORCID 
primary 'Paul, A.'      1 0000-0003-4592-3442 
primary 'Terrell, J.R.' 2 ?                   
primary 'Farahat, A.A.' 3 ?                   
primary 'Ogbonna, E.N.' 4 ?                   
primary 'Kumar, A.'     5 ?                   
primary 'Boykin, D.W.'  6 ?                   
primary 'Neidle, S.'    7 0000-0003-0622-6548 
primary 'Wilson, W.D.'  8 0000-0001-5225-5089 
# 
loop_
_entity.id 
_entity.type 
_entity.src_method 
_entity.pdbx_description 
_entity.formula_weight 
_entity.pdbx_number_of_molecules 
_entity.pdbx_ec 
_entity.pdbx_mutation 
_entity.pdbx_fragment 
_entity.details 
1 polymer     syn 
;DNA (5'-D(*GP*CP*TP*GP*CP*GP*TP*TP*AP*AP*CP*GP*CP*AP*GP*C)-3')
;
4899.179 1  ? ? ? ? 
2 non-polymer syn '(2M)-2-[(5P)-5-(5-carbamimidoylthiophen-2-yl)furan-2-yl]-1H-benzimidazole-6-carboximidamide' 350.398  1  ? ? ? 
? 
3 non-polymer syn 'CALCIUM ION'                                                                                 40.078   7  ? ? ? 
? 
4 water       nat water                                                                                         18.015   69 ? ? ? 
? 
# 
_entity_poly.entity_id                      1 
_entity_poly.type                           polydeoxyribonucleotide 
_entity_poly.nstd_linkage                   no 
_entity_poly.nstd_monomer                   no 
_entity_poly.pdbx_seq_one_letter_code       '(DG)(DC)(DT)(DG)(DC)(DG)(DT)(DT)(DA)(DA)(DC)(DG)(DC)(DA)(DG)(DC)' 
_entity_poly.pdbx_seq_one_letter_code_can   GCTGCGTTAACGCAGC 
_entity_poly.pdbx_strand_id                 A 
_entity_poly.pdbx_target_identifier         ? 
# 
loop_
_pdbx_entity_nonpoly.entity_id 
_pdbx_entity_nonpoly.name 
_pdbx_entity_nonpoly.comp_id 
2 '(2M)-2-[(5P)-5-(5-carbamimidoylthiophen-2-yl)furan-2-yl]-1H-benzimidazole-6-carboximidamide' A1AB3 
3 'CALCIUM ION'                                                                                 CA    
4 water                                                                                         HOH   
# 
loop_
_entity_poly_seq.entity_id 
_entity_poly_seq.num 
_entity_poly_seq.mon_id 
_entity_poly_seq.hetero 
1 1  DG n 
1 2  DC n 
1 3  DT n 
1 4  DG n 
1 5  DC n 
1 6  DG n 
1 7  DT n 
1 8  DT n 
1 9  DA n 
1 10 DA n 
1 11 DC n 
1 12 DG n 
1 13 DC n 
1 14 DA n 
1 15 DG n 
1 16 DC n 
# 
_pdbx_entity_src_syn.entity_id              1 
_pdbx_entity_src_syn.pdbx_src_id            1 
_pdbx_entity_src_syn.pdbx_alt_source_flag   sample 
_pdbx_entity_src_syn.pdbx_beg_seq_num       1 
_pdbx_entity_src_syn.pdbx_end_seq_num       16 
_pdbx_entity_src_syn.organism_scientific    'synthetic construct' 
_pdbx_entity_src_syn.organism_common_name   ? 
_pdbx_entity_src_syn.ncbi_taxonomy_id       32630 
_pdbx_entity_src_syn.details                ? 
# 
loop_
_chem_comp.id 
_chem_comp.type 
_chem_comp.mon_nstd_flag 
_chem_comp.name 
_chem_comp.pdbx_synonyms 
_chem_comp.formula 
_chem_comp.formula_weight 
A1AB3 non-polymer   . '(2M)-2-[(5P)-5-(5-carbamimidoylthiophen-2-yl)furan-2-yl]-1H-benzimidazole-6-carboximidamide' ? 
'C17 H14 N6 O S'  350.398 
CA    non-polymer   . 'CALCIUM ION'                                                                                 ? 'Ca 2' 
40.078  
DA    'DNA linking' y "2'-DEOXYADENOSINE-5'-MONOPHOSPHATE"                                                          ? 
'C10 H14 N5 O6 P' 331.222 
DC    'DNA linking' y "2'-DEOXYCYTIDINE-5'-MONOPHOSPHATE"                                                           ? 
'C9 H14 N3 O7 P'  307.197 
DG    'DNA linking' y "2'-DEOXYGUANOSINE-5'-MONOPHOSPHATE"                                                          ? 
'C10 H14 N5 O7 P' 347.221 
DT    'DNA linking' y "THYMIDINE-5'-MONOPHOSPHATE"                                                                  ? 
'C10 H15 N2 O8 P' 322.208 
HOH   non-polymer   . WATER                                                                                         ? 'H2 O' 
18.015  
# 
loop_
_pdbx_poly_seq_scheme.asym_id 
_pdbx_poly_seq_scheme.entity_id 
_pdbx_poly_seq_scheme.seq_id 
_pdbx_poly_seq_scheme.mon_id 
_pdbx_poly_seq_scheme.ndb_seq_num 
_pdbx_poly_seq_scheme.pdb_seq_num 
_pdbx_poly_seq_scheme.auth_seq_num 
_pdbx_poly_seq_scheme.pdb_mon_id 
_pdbx_poly_seq_scheme.auth_mon_id 
_pdbx_poly_seq_scheme.pdb_strand_id 
_pdbx_poly_seq_scheme.pdb_ins_code 
_pdbx_poly_seq_scheme.hetero 
A 1 1  DG 1  1  1  DG DG A . n 
A 1 2  DC 2  2  2  DC DC A . n 
A 1 3  DT 3  3  3  DT DT A . n 
A 1 4  DG 4  4  4  DG DG A . n 
A 1 5  DC 5  5  5  DC DC A . n 
A 1 6  DG 6  6  6  DG DG A . n 
A 1 7  DT 7  7  7  DT DT A . n 
A 1 8  DT 8  8  8  DT DT A . n 
A 1 9  DA 9  9  9  DA DA A . n 
A 1 10 DA 10 10 10 DA DA A . n 
A 1 11 DC 11 11 11 DC DC A . n 
A 1 12 DG 12 12 12 DG DG A . n 
A 1 13 DC 13 13 13 DC DC A . n 
A 1 14 DA 14 14 14 DA DA A . n 
A 1 15 DG 15 15 15 DG DG A . n 
A 1 16 DC 16 16 16 DC DC A . n 
# 
loop_
_pdbx_entity_instance_feature.ordinal 
_pdbx_entity_instance_feature.comp_id 
_pdbx_entity_instance_feature.asym_id 
_pdbx_entity_instance_feature.seq_num 
_pdbx_entity_instance_feature.auth_comp_id 
_pdbx_entity_instance_feature.auth_asym_id 
_pdbx_entity_instance_feature.auth_seq_num 
_pdbx_entity_instance_feature.feature_type 
_pdbx_entity_instance_feature.details 
1 A1AB3 ? ? A1AB3 ? ? 'SUBJECT OF INVESTIGATION' ? 
2 CA    ? ? CA    ? ? 'SUBJECT OF INVESTIGATION' ? 
# 
loop_
_pdbx_nonpoly_scheme.asym_id 
_pdbx_nonpoly_scheme.entity_id 
_pdbx_nonpoly_scheme.mon_id 
_pdbx_nonpoly_scheme.ndb_seq_num 
_pdbx_nonpoly_scheme.pdb_seq_num 
_pdbx_nonpoly_scheme.auth_seq_num 
_pdbx_nonpoly_scheme.pdb_mon_id 
_pdbx_nonpoly_scheme.auth_mon_id 
_pdbx_nonpoly_scheme.pdb_strand_id 
_pdbx_nonpoly_scheme.pdb_ins_code 
B 2 A1AB3 1  101 101 A1AB3 992 A . 
C 3 CA    1  102 8   CA    CA  A . 
D 3 CA    1  103 9   CA    CA  A . 
E 3 CA    1  104 10  CA    CA  A . 
F 3 CA    1  105 11  CA    CA  A . 
G 3 CA    1  106 12  CA    CA  A . 
H 3 CA    1  107 13  CA    CA  A . 
I 3 CA    1  108 14  CA    CA  A . 
J 4 HOH   1  201 43  HOH   HOH A . 
J 4 HOH   2  202 59  HOH   HOH A . 
J 4 HOH   3  203 29  HOH   HOH A . 
J 4 HOH   4  204 27  HOH   HOH A . 
J 4 HOH   5  205 60  HOH   HOH A . 
J 4 HOH   6  206 30  HOH   HOH A . 
J 4 HOH   7  207 5   HOH   HOH A . 
J 4 HOH   8  208 40  HOH   HOH A . 
J 4 HOH   9  209 32  HOH   HOH A . 
J 4 HOH   10 210 69  HOH   HOH A . 
J 4 HOH   11 211 33  HOH   HOH A . 
J 4 HOH   12 212 22  HOH   HOH A . 
J 4 HOH   13 213 13  HOH   HOH A . 
J 4 HOH   14 214 54  HOH   HOH A . 
J 4 HOH   15 215 16  HOH   HOH A . 
J 4 HOH   16 216 25  HOH   HOH A . 
J 4 HOH   17 217 14  HOH   HOH A . 
J 4 HOH   18 218 17  HOH   HOH A . 
J 4 HOH   19 219 57  HOH   HOH A . 
J 4 HOH   20 220 2   HOH   HOH A . 
J 4 HOH   21 221 44  HOH   HOH A . 
J 4 HOH   22 222 19  HOH   HOH A . 
J 4 HOH   23 223 15  HOH   HOH A . 
J 4 HOH   24 224 67  HOH   HOH A . 
J 4 HOH   25 225 50  HOH   HOH A . 
J 4 HOH   26 226 9   HOH   HOH A . 
J 4 HOH   27 227 10  HOH   HOH A . 
J 4 HOH   28 228 49  HOH   HOH A . 
J 4 HOH   29 229 38  HOH   HOH A . 
J 4 HOH   30 230 1   HOH   HOH A . 
J 4 HOH   31 231 65  HOH   HOH A . 
J 4 HOH   32 232 11  HOH   HOH A . 
J 4 HOH   33 233 61  HOH   HOH A . 
J 4 HOH   34 234 31  HOH   HOH A . 
J 4 HOH   35 235 7   HOH   HOH A . 
J 4 HOH   36 236 21  HOH   HOH A . 
J 4 HOH   37 237 23  HOH   HOH A . 
J 4 HOH   38 238 64  HOH   HOH A . 
J 4 HOH   39 239 37  HOH   HOH A . 
J 4 HOH   40 240 68  HOH   HOH A . 
J 4 HOH   41 241 41  HOH   HOH A . 
J 4 HOH   42 242 42  HOH   HOH A . 
J 4 HOH   43 243 63  HOH   HOH A . 
J 4 HOH   44 244 24  HOH   HOH A . 
J 4 HOH   45 245 52  HOH   HOH A . 
J 4 HOH   46 246 20  HOH   HOH A . 
J 4 HOH   47 247 3   HOH   HOH A . 
J 4 HOH   48 248 6   HOH   HOH A . 
J 4 HOH   49 249 8   HOH   HOH A . 
J 4 HOH   50 250 45  HOH   HOH A . 
J 4 HOH   51 251 46  HOH   HOH A . 
J 4 HOH   52 252 26  HOH   HOH A . 
J 4 HOH   53 253 39  HOH   HOH A . 
J 4 HOH   54 254 4   HOH   HOH A . 
J 4 HOH   55 255 36  HOH   HOH A . 
J 4 HOH   56 256 47  HOH   HOH A . 
J 4 HOH   57 257 28  HOH   HOH A . 
J 4 HOH   58 258 51  HOH   HOH A . 
J 4 HOH   59 259 62  HOH   HOH A . 
J 4 HOH   60 260 58  HOH   HOH A . 
J 4 HOH   61 261 12  HOH   HOH A . 
J 4 HOH   62 262 56  HOH   HOH A . 
J 4 HOH   63 263 66  HOH   HOH A . 
J 4 HOH   64 264 55  HOH   HOH A . 
J 4 HOH   65 265 48  HOH   HOH A . 
J 4 HOH   66 266 18  HOH   HOH A . 
J 4 HOH   67 267 35  HOH   HOH A . 
J 4 HOH   68 268 34  HOH   HOH A . 
J 4 HOH   69 269 53  HOH   HOH A . 
# 
loop_
_software.citation_id 
_software.classification 
_software.compiler_name 
_software.compiler_version 
_software.contact_author 
_software.contact_author_email 
_software.date 
_software.description 
_software.dependencies 
_software.hardware 
_software.language 
_software.location 
_software.mods 
_software.name 
_software.os 
_software.os_version 
_software.type 
_software.version 
_software.pdbx_ordinal 
? refinement       ? ? ? ? ? ? ? ? ? ? ? PHENIX   ? ? ? 1.19.2_4158 1 
? 'data reduction' ? ? ? ? ? ? ? ? ? ? ? autoPROC ? ? ? .           2 
? 'data scaling'   ? ? ? ? ? ? ? ? ? ? ? Aimless  ? ? ? .           3 
? phasing          ? ? ? ? ? ? ? ? ? ? ? PHASER   ? ? ? .           4 
# 
_cell.angle_alpha                  90.000 
_cell.angle_alpha_esd              ? 
_cell.angle_beta                   90.000 
_cell.angle_beta_esd               ? 
_cell.angle_gamma                  120.000 
_cell.angle_gamma_esd              ? 
_cell.entry_id                     8VIU 
_cell.details                      ? 
_cell.formula_units_Z              ? 
_cell.length_a                     38.345 
_cell.length_a_esd                 ? 
_cell.length_b                     38.345 
_cell.length_b_esd                 ? 
_cell.length_c                     162.141 
_cell.length_c_esd                 ? 
_cell.volume                       206462.396 
_cell.volume_esd                   ? 
_cell.Z_PDB                        18 
_cell.reciprocal_angle_alpha       ? 
_cell.reciprocal_angle_beta        ? 
_cell.reciprocal_angle_gamma       ? 
_cell.reciprocal_angle_alpha_esd   ? 
_cell.reciprocal_angle_beta_esd    ? 
_cell.reciprocal_angle_gamma_esd   ? 
_cell.reciprocal_length_a          ? 
_cell.reciprocal_length_b          ? 
_cell.reciprocal_length_c          ? 
_cell.reciprocal_length_a_esd      ? 
_cell.reciprocal_length_b_esd      ? 
_cell.reciprocal_length_c_esd      ? 
_cell.pdbx_unique_axis             ? 
_cell.pdbx_esd_method              ? 
# 
_symmetry.entry_id                         8VIU 
_symmetry.cell_setting                     ? 
_symmetry.Int_Tables_number                155 
_symmetry.space_group_name_Hall            
;R 3 2"
;
_symmetry.space_group_name_H-M             'H 3 2' 
_symmetry.pdbx_full_space_group_name_H-M   ? 
# 
_exptl.absorpt_coefficient_mu     ? 
_exptl.absorpt_correction_T_max   ? 
_exptl.absorpt_correction_T_min   ? 
_exptl.absorpt_correction_type    ? 
_exptl.absorpt_process_details    ? 
_exptl.entry_id                   8VIU 
_exptl.crystals_number            1 
_exptl.details                    ? 
_exptl.method                     'X-RAY DIFFRACTION' 
_exptl.method_details             ? 
# 
_exptl_crystal.colour                       ? 
_exptl_crystal.density_diffrn               ? 
_exptl_crystal.density_Matthews             2.34 
_exptl_crystal.density_method               ? 
_exptl_crystal.density_percent_sol          47.46 
_exptl_crystal.description                  ? 
_exptl_crystal.F_000                        ? 
_exptl_crystal.id                           1 
_exptl_crystal.preparation                  ? 
_exptl_crystal.size_max                     ? 
_exptl_crystal.size_mid                     ? 
_exptl_crystal.size_min                     ? 
_exptl_crystal.size_rad                     ? 
_exptl_crystal.colour_lustre                ? 
_exptl_crystal.colour_modifier              ? 
_exptl_crystal.colour_primary               ? 
_exptl_crystal.density_meas                 ? 
_exptl_crystal.density_meas_esd             ? 
_exptl_crystal.density_meas_gt              ? 
_exptl_crystal.density_meas_lt              ? 
_exptl_crystal.density_meas_temp            ? 
_exptl_crystal.density_meas_temp_esd        ? 
_exptl_crystal.density_meas_temp_gt         ? 
_exptl_crystal.density_meas_temp_lt         ? 
_exptl_crystal.pdbx_crystal_image_url       ? 
_exptl_crystal.pdbx_crystal_image_format    ? 
_exptl_crystal.pdbx_mosaicity               ? 
_exptl_crystal.pdbx_mosaicity_esd           ? 
_exptl_crystal.pdbx_mosaic_method           ? 
_exptl_crystal.pdbx_mosaic_block_size       ? 
_exptl_crystal.pdbx_mosaic_block_size_esd   ? 
# 
_exptl_crystal_grow.apparatus       ? 
_exptl_crystal_grow.atmosphere      ? 
_exptl_crystal_grow.crystal_id      1 
_exptl_crystal_grow.details         ? 
_exptl_crystal_grow.method          'VAPOR DIFFUSION, HANGING DROP' 
_exptl_crystal_grow.method_ref      ? 
_exptl_crystal_grow.pH              8.6 
_exptl_crystal_grow.pressure        ? 
_exptl_crystal_grow.pressure_esd    ? 
_exptl_crystal_grow.seeding         ? 
_exptl_crystal_grow.seeding_ref     ? 
_exptl_crystal_grow.temp_details    ? 
_exptl_crystal_grow.temp_esd        ? 
_exptl_crystal_grow.time            ? 
_exptl_crystal_grow.pdbx_details    '10mM HEPES, pH=8.6, 600mM CaCl2, 41% PEG200 mixed 1:1 with 1mM DNA duplex' 
_exptl_crystal_grow.pdbx_pH_range   ? 
_exptl_crystal_grow.temp            295 
# 
_diffrn.ambient_environment              ? 
_diffrn.ambient_temp                     100 
_diffrn.ambient_temp_details             ? 
_diffrn.ambient_temp_esd                 ? 
_diffrn.crystal_id                       1 
_diffrn.crystal_support                  ? 
_diffrn.crystal_treatment                ? 
_diffrn.details                          ? 
_diffrn.id                               1 
_diffrn.ambient_pressure                 ? 
_diffrn.ambient_pressure_esd             ? 
_diffrn.ambient_pressure_gt              ? 
_diffrn.ambient_pressure_lt              ? 
_diffrn.ambient_temp_gt                  ? 
_diffrn.ambient_temp_lt                  ? 
_diffrn.pdbx_serial_crystal_experiment   N 
# 
_diffrn_detector.details                      ? 
_diffrn_detector.detector                     PIXEL 
_diffrn_detector.diffrn_id                    1 
_diffrn_detector.type                         'DECTRIS EIGER X 16M' 
_diffrn_detector.area_resol_mean              ? 
_diffrn_detector.dtime                        ? 
_diffrn_detector.pdbx_frames_total            ? 
_diffrn_detector.pdbx_collection_time_total   ? 
_diffrn_detector.pdbx_collection_date         2023-10-15 
_diffrn_detector.pdbx_frequency               ? 
_diffrn_detector.id                           ? 
_diffrn_detector.number_of_axes               ? 
# 
_diffrn_radiation.collimation                      ? 
_diffrn_radiation.diffrn_id                        1 
_diffrn_radiation.filter_edge                      ? 
_diffrn_radiation.inhomogeneity                    ? 
_diffrn_radiation.monochromator                    'Horizontal DCM' 
_diffrn_radiation.polarisn_norm                    ? 
_diffrn_radiation.polarisn_ratio                   ? 
_diffrn_radiation.probe                            ? 
_diffrn_radiation.type                             ? 
_diffrn_radiation.xray_symbol                      ? 
_diffrn_radiation.wavelength_id                    1 
_diffrn_radiation.pdbx_monochromatic_or_laue_m_l   M 
_diffrn_radiation.pdbx_wavelength_list             ? 
_diffrn_radiation.pdbx_wavelength                  ? 
_diffrn_radiation.pdbx_diffrn_protocol             'SINGLE WAVELENGTH' 
_diffrn_radiation.pdbx_analyzer                    ? 
_diffrn_radiation.pdbx_scattering_type             x-ray 
# 
_diffrn_radiation_wavelength.id           1 
_diffrn_radiation_wavelength.wavelength   0.979340 
_diffrn_radiation_wavelength.wt           1.0 
# 
_diffrn_source.current                     ? 
_diffrn_source.details                     ? 
_diffrn_source.diffrn_id                   1 
_diffrn_source.power                       ? 
_diffrn_source.size                        ? 
_diffrn_source.source                      SYNCHROTRON 
_diffrn_source.target                      ? 
_diffrn_source.type                        'NSLS-II BEAMLINE 17-ID-2' 
_diffrn_source.voltage                     ? 
_diffrn_source.take-off_angle              ? 
_diffrn_source.pdbx_wavelength_list        0.979340 
_diffrn_source.pdbx_wavelength             ? 
_diffrn_source.pdbx_synchrotron_beamline   17-ID-2 
_diffrn_source.pdbx_synchrotron_site       NSLS-II 
# 
_reflns.B_iso_Wilson_estimate                          16.94 
_reflns.entry_id                                       8VIU 
_reflns.data_reduction_details                         ? 
_reflns.data_reduction_method                          ? 
_reflns.d_resolution_high                              1.49 
_reflns.d_resolution_low                               32.53 
_reflns.details                                        ? 
_reflns.limit_h_max                                    ? 
_reflns.limit_h_min                                    ? 
_reflns.limit_k_max                                    ? 
_reflns.limit_k_min                                    ? 
_reflns.limit_l_max                                    ? 
_reflns.limit_l_min                                    ? 
_reflns.number_all                                     ? 
_reflns.number_obs                                     7906 
_reflns.observed_criterion                             ? 
_reflns.observed_criterion_F_max                       ? 
_reflns.observed_criterion_F_min                       ? 
_reflns.observed_criterion_I_max                       ? 
_reflns.observed_criterion_I_min                       ? 
_reflns.observed_criterion_sigma_F                     ? 
_reflns.observed_criterion_sigma_I                     ? 
_reflns.percent_possible_obs                           99.28 
_reflns.R_free_details                                 ? 
_reflns.Rmerge_F_all                                   ? 
_reflns.Rmerge_F_obs                                   ? 
_reflns.Friedel_coverage                               ? 
_reflns.number_gt                                      ? 
_reflns.threshold_expression                           ? 
_reflns.pdbx_redundancy                                10.8 
_reflns.pdbx_netI_over_av_sigmaI                       ? 
_reflns.pdbx_netI_over_sigmaI                          22.13 
_reflns.pdbx_res_netI_over_av_sigmaI_2                 ? 
_reflns.pdbx_res_netI_over_sigmaI_2                    ? 
_reflns.pdbx_chi_squared                               ? 
_reflns.pdbx_scaling_rejects                           ? 
_reflns.pdbx_d_res_high_opt                            ? 
_reflns.pdbx_d_res_low_opt                             ? 
_reflns.pdbx_d_res_opt_method                          ? 
_reflns.phase_calculation_details                      ? 
_reflns.pdbx_Rrim_I_all                                0.05887 
_reflns.pdbx_Rpim_I_all                                0.01832 
_reflns.pdbx_d_opt                                     ? 
_reflns.pdbx_number_measured_all                       ? 
_reflns.pdbx_diffrn_id                                 1 
_reflns.pdbx_ordinal                                   1 
_reflns.pdbx_CC_half                                   0.999 
_reflns.pdbx_CC_star                                   1 
_reflns.pdbx_R_split                                   ? 
_reflns.pdbx_Rmerge_I_obs                              0.05583 
_reflns.pdbx_Rmerge_I_all                              ? 
_reflns.pdbx_Rsym_value                                ? 
_reflns.pdbx_CC_split_method                           ? 
_reflns.pdbx_aniso_diffraction_limit_axis_1_ortho[1]   ? 
_reflns.pdbx_aniso_diffraction_limit_axis_1_ortho[2]   ? 
_reflns.pdbx_aniso_diffraction_limit_axis_1_ortho[3]   ? 
_reflns.pdbx_aniso_diffraction_limit_axis_2_ortho[1]   ? 
_reflns.pdbx_aniso_diffraction_limit_axis_2_ortho[2]   ? 
_reflns.pdbx_aniso_diffraction_limit_axis_2_ortho[3]   ? 
_reflns.pdbx_aniso_diffraction_limit_axis_3_ortho[1]   ? 
_reflns.pdbx_aniso_diffraction_limit_axis_3_ortho[2]   ? 
_reflns.pdbx_aniso_diffraction_limit_axis_3_ortho[3]   ? 
_reflns.pdbx_aniso_diffraction_limit_1                 ? 
_reflns.pdbx_aniso_diffraction_limit_2                 ? 
_reflns.pdbx_aniso_diffraction_limit_3                 ? 
_reflns.pdbx_aniso_B_tensor_eigenvector_1_ortho[1]     ? 
_reflns.pdbx_aniso_B_tensor_eigenvector_1_ortho[2]     ? 
_reflns.pdbx_aniso_B_tensor_eigenvector_1_ortho[3]     ? 
_reflns.pdbx_aniso_B_tensor_eigenvector_2_ortho[1]     ? 
_reflns.pdbx_aniso_B_tensor_eigenvector_2_ortho[2]     ? 
_reflns.pdbx_aniso_B_tensor_eigenvector_2_ortho[3]     ? 
_reflns.pdbx_aniso_B_tensor_eigenvector_3_ortho[1]     ? 
_reflns.pdbx_aniso_B_tensor_eigenvector_3_ortho[2]     ? 
_reflns.pdbx_aniso_B_tensor_eigenvector_3_ortho[3]     ? 
_reflns.pdbx_aniso_B_tensor_eigenvalue_1               ? 
_reflns.pdbx_aniso_B_tensor_eigenvalue_2               ? 
_reflns.pdbx_aniso_B_tensor_eigenvalue_3               ? 
_reflns.pdbx_orthogonalization_convention              ? 
_reflns.pdbx_percent_possible_ellipsoidal              ? 
_reflns.pdbx_percent_possible_spherical                ? 
_reflns.pdbx_percent_possible_ellipsoidal_anomalous    ? 
_reflns.pdbx_percent_possible_spherical_anomalous      ? 
_reflns.pdbx_redundancy_anomalous                      ? 
_reflns.pdbx_CC_half_anomalous                         ? 
_reflns.pdbx_absDiff_over_sigma_anomalous              ? 
_reflns.pdbx_percent_possible_anomalous                ? 
_reflns.pdbx_observed_signal_threshold                 ? 
_reflns.pdbx_signal_type                               ? 
_reflns.pdbx_signal_details                            ? 
_reflns.pdbx_signal_software_id                        ? 
# 
_reflns_shell.d_res_high                                    1.49 
_reflns_shell.d_res_low                                     1.543 
_reflns_shell.meanI_over_sigI_all                           ? 
_reflns_shell.meanI_over_sigI_obs                           4.18 
_reflns_shell.number_measured_all                           ? 
_reflns_shell.number_measured_obs                           ? 
_reflns_shell.number_possible                               ? 
_reflns_shell.number_unique_all                             ? 
_reflns_shell.number_unique_obs                             775 
_reflns_shell.percent_possible_obs                          ? 
_reflns_shell.Rmerge_F_all                                  ? 
_reflns_shell.Rmerge_F_obs                                  ? 
_reflns_shell.meanI_over_sigI_gt                            ? 
_reflns_shell.meanI_over_uI_all                             ? 
_reflns_shell.meanI_over_uI_gt                              ? 
_reflns_shell.number_measured_gt                            ? 
_reflns_shell.number_unique_gt                              ? 
_reflns_shell.percent_possible_gt                           ? 
_reflns_shell.Rmerge_F_gt                                   ? 
_reflns_shell.Rmerge_I_gt                                   ? 
_reflns_shell.pdbx_redundancy                               10.9 
_reflns_shell.pdbx_chi_squared                              ? 
_reflns_shell.pdbx_netI_over_sigmaI_all                     ? 
_reflns_shell.pdbx_netI_over_sigmaI_obs                     ? 
_reflns_shell.pdbx_Rrim_I_all                               0.5799 
_reflns_shell.pdbx_Rpim_I_all                               0.1751 
_reflns_shell.pdbx_rejects                                  ? 
_reflns_shell.pdbx_ordinal                                  1 
_reflns_shell.pdbx_diffrn_id                                1 
_reflns_shell.pdbx_CC_half                                  0.947 
_reflns_shell.pdbx_CC_star                                  0.986 
_reflns_shell.pdbx_R_split                                  ? 
_reflns_shell.percent_possible_all                          99.87 
_reflns_shell.Rmerge_I_all                                  ? 
_reflns_shell.Rmerge_I_obs                                  0.5523 
_reflns_shell.pdbx_Rsym_value                               ? 
_reflns_shell.pdbx_percent_possible_ellipsoidal             ? 
_reflns_shell.pdbx_percent_possible_spherical               ? 
_reflns_shell.pdbx_percent_possible_ellipsoidal_anomalous   ? 
_reflns_shell.pdbx_percent_possible_spherical_anomalous     ? 
_reflns_shell.pdbx_redundancy_anomalous                     ? 
_reflns_shell.pdbx_CC_half_anomalous                        ? 
_reflns_shell.pdbx_absDiff_over_sigma_anomalous             ? 
_reflns_shell.pdbx_percent_possible_anomalous               ? 
# 
_refine.aniso_B[1][1]                            ? 
_refine.aniso_B[1][2]                            ? 
_refine.aniso_B[1][3]                            ? 
_refine.aniso_B[2][2]                            ? 
_refine.aniso_B[2][3]                            ? 
_refine.aniso_B[3][3]                            ? 
_refine.B_iso_max                                ? 
_refine.B_iso_mean                               25.04 
_refine.B_iso_min                                ? 
_refine.correlation_coeff_Fo_to_Fc               ? 
_refine.correlation_coeff_Fo_to_Fc_free          ? 
_refine.details                                  ? 
_refine.diff_density_max                         ? 
_refine.diff_density_max_esd                     ? 
_refine.diff_density_min                         ? 
_refine.diff_density_min_esd                     ? 
_refine.diff_density_rms                         ? 
_refine.diff_density_rms_esd                     ? 
_refine.entry_id                                 8VIU 
_refine.pdbx_refine_id                           'X-RAY DIFFRACTION' 
_refine.ls_abs_structure_details                 ? 
_refine.ls_abs_structure_Flack                   ? 
_refine.ls_abs_structure_Flack_esd               ? 
_refine.ls_abs_structure_Rogers                  ? 
_refine.ls_abs_structure_Rogers_esd              ? 
_refine.ls_d_res_high                            1.49 
_refine.ls_d_res_low                             32.53 
_refine.ls_extinction_coef                       ? 
_refine.ls_extinction_coef_esd                   ? 
_refine.ls_extinction_expression                 ? 
_refine.ls_extinction_method                     ? 
_refine.ls_goodness_of_fit_all                   ? 
_refine.ls_goodness_of_fit_all_esd               ? 
_refine.ls_goodness_of_fit_obs                   ? 
_refine.ls_goodness_of_fit_obs_esd               ? 
_refine.ls_hydrogen_treatment                    ? 
_refine.ls_matrix_type                           ? 
_refine.ls_number_constraints                    ? 
_refine.ls_number_parameters                     ? 
_refine.ls_number_reflns_all                     ? 
_refine.ls_number_reflns_obs                     7864 
_refine.ls_number_reflns_R_free                  784 
_refine.ls_number_reflns_R_work                  7080 
_refine.ls_number_restraints                     ? 
_refine.ls_percent_reflns_obs                    99.32 
_refine.ls_percent_reflns_R_free                 9.97 
_refine.ls_R_factor_all                          ? 
_refine.ls_R_factor_obs                          0.2273 
_refine.ls_R_factor_R_free                       0.2492 
_refine.ls_R_factor_R_free_error                 ? 
_refine.ls_R_factor_R_free_error_details         ? 
_refine.ls_R_factor_R_work                       0.2245 
_refine.ls_R_Fsqd_factor_obs                     ? 
_refine.ls_R_I_factor_obs                        ? 
_refine.ls_redundancy_reflns_all                 ? 
_refine.ls_redundancy_reflns_obs                 ? 
_refine.ls_restrained_S_all                      ? 
_refine.ls_restrained_S_obs                      ? 
_refine.ls_shift_over_esd_max                    ? 
_refine.ls_shift_over_esd_mean                   ? 
_refine.ls_structure_factor_coef                 ? 
_refine.ls_weighting_details                     ? 
_refine.ls_weighting_scheme                      ? 
_refine.ls_wR_factor_all                         ? 
_refine.ls_wR_factor_obs                         ? 
_refine.ls_wR_factor_R_free                      ? 
_refine.ls_wR_factor_R_work                      ? 
_refine.occupancy_max                            ? 
_refine.occupancy_min                            ? 
_refine.solvent_model_details                    'FLAT BULK SOLVENT MODEL' 
_refine.solvent_model_param_bsol                 ? 
_refine.solvent_model_param_ksol                 ? 
_refine.pdbx_R_complete                          ? 
_refine.ls_R_factor_gt                           ? 
_refine.ls_goodness_of_fit_gt                    ? 
_refine.ls_goodness_of_fit_ref                   ? 
_refine.ls_shift_over_su_max                     ? 
_refine.ls_shift_over_su_max_lt                  ? 
_refine.ls_shift_over_su_mean                    ? 
_refine.ls_shift_over_su_mean_lt                 ? 
_refine.pdbx_ls_sigma_I                          ? 
_refine.pdbx_ls_sigma_F                          1.34 
_refine.pdbx_ls_sigma_Fsqd                       ? 
_refine.pdbx_data_cutoff_high_absF               ? 
_refine.pdbx_data_cutoff_high_rms_absF           ? 
_refine.pdbx_data_cutoff_low_absF                ? 
_refine.pdbx_isotropic_thermal_model             ? 
_refine.pdbx_ls_cross_valid_method               'FREE R-VALUE' 
_refine.pdbx_method_to_determine_struct          'MOLECULAR REPLACEMENT' 
_refine.pdbx_starting_model                      ? 
_refine.pdbx_stereochemistry_target_values       'GeoStd + Monomer Library + CDL v1.2' 
_refine.pdbx_R_Free_selection_details            ? 
_refine.pdbx_stereochem_target_val_spec_case     ? 
_refine.pdbx_overall_ESU_R                       ? 
_refine.pdbx_overall_ESU_R_Free                  ? 
_refine.pdbx_solvent_vdw_probe_radii             1.1100 
_refine.pdbx_solvent_ion_probe_radii             ? 
_refine.pdbx_solvent_shrinkage_radii             0.9000 
_refine.pdbx_real_space_R                        ? 
_refine.pdbx_density_correlation                 ? 
_refine.pdbx_pd_number_of_powder_patterns        ? 
_refine.pdbx_pd_number_of_points                 ? 
_refine.pdbx_pd_meas_number_of_points            ? 
_refine.pdbx_pd_proc_ls_prof_R_factor            ? 
_refine.pdbx_pd_proc_ls_prof_wR_factor           ? 
_refine.pdbx_pd_Marquardt_correlation_coeff      ? 
_refine.pdbx_pd_Fsqrd_R_factor                   ? 
_refine.pdbx_pd_ls_matrix_band_width             ? 
_refine.pdbx_overall_phase_error                 27.6407 
_refine.pdbx_overall_SU_R_free_Cruickshank_DPI   ? 
_refine.pdbx_overall_SU_R_free_Blow_DPI          ? 
_refine.pdbx_overall_SU_R_Blow_DPI               ? 
_refine.pdbx_TLS_residual_ADP_flag               ? 
_refine.pdbx_diffrn_id                           1 
_refine.overall_SU_B                             ? 
_refine.overall_SU_ML                            0.1554 
_refine.overall_SU_R_Cruickshank_DPI             ? 
_refine.overall_SU_R_free                        ? 
_refine.overall_FOM_free_R_set                   ? 
_refine.overall_FOM_work_R_set                   ? 
_refine.pdbx_average_fsc_overall                 ? 
_refine.pdbx_average_fsc_work                    ? 
_refine.pdbx_average_fsc_free                    ? 
# 
_refine_hist.pdbx_refine_id                   'X-RAY DIFFRACTION' 
_refine_hist.cycle_id                         LAST 
_refine_hist.details                          ? 
_refine_hist.d_res_high                       1.49 
_refine_hist.d_res_low                        32.53 
_refine_hist.number_atoms_solvent             69 
_refine_hist.number_atoms_total               426 
_refine_hist.number_reflns_all                ? 
_refine_hist.number_reflns_obs                ? 
_refine_hist.number_reflns_R_free             ? 
_refine_hist.number_reflns_R_work             ? 
_refine_hist.R_factor_all                     ? 
_refine_hist.R_factor_obs                     ? 
_refine_hist.R_factor_R_free                  ? 
_refine_hist.R_factor_R_work                  ? 
_refine_hist.pdbx_number_residues_total       ? 
_refine_hist.pdbx_B_iso_mean_ligand           ? 
_refine_hist.pdbx_B_iso_mean_solvent          ? 
_refine_hist.pdbx_number_atoms_protein        0 
_refine_hist.pdbx_number_atoms_nucleic_acid   325 
_refine_hist.pdbx_number_atoms_ligand         32 
_refine_hist.pdbx_number_atoms_lipid          ? 
_refine_hist.pdbx_number_atoms_carb           ? 
_refine_hist.pdbx_pseudo_atom_details         ? 
# 
loop_
_refine_ls_restr.pdbx_refine_id 
_refine_ls_restr.criterion 
_refine_ls_restr.dev_ideal 
_refine_ls_restr.dev_ideal_target 
_refine_ls_restr.number 
_refine_ls_restr.rejects 
_refine_ls_restr.type 
_refine_ls_restr.weight 
_refine_ls_restr.pdbx_restraint_function 
'X-RAY DIFFRACTION' ? 0.0199  ? 392 ? f_bond_d           ? ? 
'X-RAY DIFFRACTION' ? 1.7471  ? 601 ? f_angle_d          ? ? 
'X-RAY DIFFRACTION' ? 0.0852  ? 63  ? f_chiral_restr     ? ? 
'X-RAY DIFFRACTION' ? 0.0190  ? 22  ? f_plane_restr      ? ? 
'X-RAY DIFFRACTION' ? 32.2557 ? 178 ? f_dihedral_angle_d ? ? 
# 
loop_
_refine_ls_shell.pdbx_refine_id 
_refine_ls_shell.d_res_high 
_refine_ls_shell.d_res_low 
_refine_ls_shell.number_reflns_all 
_refine_ls_shell.number_reflns_obs 
_refine_ls_shell.number_reflns_R_free 
_refine_ls_shell.number_reflns_R_work 
_refine_ls_shell.percent_reflns_obs 
_refine_ls_shell.percent_reflns_R_free 
_refine_ls_shell.R_factor_all 
_refine_ls_shell.R_factor_obs 
_refine_ls_shell.R_factor_R_free_error 
_refine_ls_shell.R_factor_R_work 
_refine_ls_shell.redundancy_reflns_all 
_refine_ls_shell.redundancy_reflns_obs 
_refine_ls_shell.wR_factor_all 
_refine_ls_shell.wR_factor_obs 
_refine_ls_shell.wR_factor_R_free 
_refine_ls_shell.wR_factor_R_work 
_refine_ls_shell.pdbx_R_complete 
_refine_ls_shell.pdbx_total_number_of_bins_used 
_refine_ls_shell.pdbx_phase_error 
_refine_ls_shell.pdbx_fsc_work 
_refine_ls_shell.pdbx_fsc_free 
_refine_ls_shell.R_factor_R_free 
'X-RAY DIFFRACTION' 1.49 1.58  . . 130 1162 99.61  . . . . 0.2412 . . . . . . . . . . . 0.2530 
'X-RAY DIFFRACTION' 1.58 1.71  . . 124 1129 97.89  . . . . 0.2413 . . . . . . . . . . . 0.2237 
'X-RAY DIFFRACTION' 1.71 1.88  . . 126 1153 98.92  . . . . 0.2269 . . . . . . . . . . . 0.2400 
'X-RAY DIFFRACTION' 1.88 2.15  . . 131 1179 99.92  . . . . 0.2407 . . . . . . . . . . . 0.2959 
'X-RAY DIFFRACTION' 2.15 2.71  . . 132 1187 100.00 . . . . 0.2449 . . . . . . . . . . . 0.2633 
'X-RAY DIFFRACTION' 2.71 32.53 . . 141 1270 99.51  . . . . 0.2071 . . . . . . . . . . . 0.2360 
# 
_struct.entry_id                     8VIU 
_struct.title                        
;The DNA 16-mer sequence 5'-GCTGCGTTAACGCAGC-3' bound by a DB1992 stacked dimer
;
_struct.pdbx_model_details           ? 
_struct.pdbx_formula_weight          ? 
_struct.pdbx_formula_weight_method   ? 
_struct.pdbx_model_type_details      ? 
_struct.pdbx_CASP_flag               N 
# 
_struct_keywords.entry_id        8VIU 
_struct_keywords.text            'DNA duplex, DNA, 16-mer, self-complementary, diamidine, minor-groove binder' 
_struct_keywords.pdbx_keywords   DNA 
# 
loop_
_struct_asym.id 
_struct_asym.pdbx_blank_PDB_chainid_flag 
_struct_asym.pdbx_modified 
_struct_asym.entity_id 
_struct_asym.details 
A N N 1 ? 
B N N 2 ? 
C N N 3 ? 
D N N 3 ? 
E N N 3 ? 
F N N 3 ? 
G N N 3 ? 
H N N 3 ? 
I N N 3 ? 
J N N 4 ? 
# 
_struct_ref.id                         1 
_struct_ref.db_name                    PDB 
_struct_ref.db_code                    8VIU 
_struct_ref.pdbx_db_accession          8VIU 
_struct_ref.pdbx_db_isoform            ? 
_struct_ref.entity_id                  1 
_struct_ref.pdbx_seq_one_letter_code   ? 
_struct_ref.pdbx_align_begin           1 
# 
_struct_ref_seq.align_id                      1 
_struct_ref_seq.ref_id                        1 
_struct_ref_seq.pdbx_PDB_id_code              8VIU 
_struct_ref_seq.pdbx_strand_id                A 
_struct_ref_seq.seq_align_beg                 1 
_struct_ref_seq.pdbx_seq_align_beg_ins_code   ? 
_struct_ref_seq.seq_align_end                 16 
_struct_ref_seq.pdbx_seq_align_end_ins_code   ? 
_struct_ref_seq.pdbx_db_accession             8VIU 
_struct_ref_seq.db_align_beg                  1 
_struct_ref_seq.pdbx_db_align_beg_ins_code    ? 
_struct_ref_seq.db_align_end                  16 
_struct_ref_seq.pdbx_db_align_end_ins_code    ? 
_struct_ref_seq.pdbx_auth_seq_align_beg       1 
_struct_ref_seq.pdbx_auth_seq_align_end       16 
# 
_pdbx_struct_assembly.id                   1 
_pdbx_struct_assembly.details              author_and_software_defined_assembly 
_pdbx_struct_assembly.method_details       PISA 
_pdbx_struct_assembly.oligomeric_details   dimeric 
_pdbx_struct_assembly.oligomeric_count     2 
# 
loop_
_pdbx_struct_assembly_prop.biol_id 
_pdbx_struct_assembly_prop.type 
_pdbx_struct_assembly_prop.value 
_pdbx_struct_assembly_prop.details 
1 'ABSA (A^2)' 3370 ? 
1 MORE         -33  ? 
1 'SSA (A^2)'  5660 ? 
# 
_pdbx_struct_assembly_gen.assembly_id       1 
_pdbx_struct_assembly_gen.oper_expression   1,2 
_pdbx_struct_assembly_gen.asym_id_list      A,B,C,D,E,F,G,H,I,J 
# 
loop_
_pdbx_struct_oper_list.id 
_pdbx_struct_oper_list.type 
_pdbx_struct_oper_list.name 
_pdbx_struct_oper_list.symmetry_operation 
_pdbx_struct_oper_list.matrix[1][1] 
_pdbx_struct_oper_list.matrix[1][2] 
_pdbx_struct_oper_list.matrix[1][3] 
_pdbx_struct_oper_list.vector[1] 
_pdbx_struct_oper_list.matrix[2][1] 
_pdbx_struct_oper_list.matrix[2][2] 
_pdbx_struct_oper_list.matrix[2][3] 
_pdbx_struct_oper_list.vector[2] 
_pdbx_struct_oper_list.matrix[3][1] 
_pdbx_struct_oper_list.matrix[3][2] 
_pdbx_struct_oper_list.matrix[3][3] 
_pdbx_struct_oper_list.vector[3] 
1 'identity operation'         1_555  x,y,z                 1.0000000000 0.0000000000  0.0000000000 0.0000000000  0.0000000000  1.0000000000  0.0000000000  0.0000000000  0.0000000000 0.0000000000  1.0000000000  0.0000000000 
2 'crystal symmetry operation' 17_435 x-y-2/3,-y-4/3,-z+2/3 0.6404734220 -0.7677648880 0.0181899025 -0.7059016870 -0.7677648880 -0.6406751153 -0.0085131330 -1.4730480166 0.0181899025 -0.0085131330 -0.9997983067 1.4875511575 
# 
loop_
_struct_conn.id 
_struct_conn.conn_type_id 
_struct_conn.pdbx_leaving_atom_flag 
_struct_conn.pdbx_PDB_id 
_struct_conn.ptnr1_label_asym_id 
_struct_conn.ptnr1_label_comp_id 
_struct_conn.ptnr1_label_seq_id 
_struct_conn.ptnr1_label_atom_id 
_struct_conn.pdbx_ptnr1_label_alt_id 
_struct_conn.pdbx_ptnr1_PDB_ins_code 
_struct_conn.pdbx_ptnr1_standard_comp_id 
_struct_conn.ptnr1_symmetry 
_struct_conn.ptnr2_label_asym_id 
_struct_conn.ptnr2_label_comp_id 
_struct_conn.ptnr2_label_seq_id 
_struct_conn.ptnr2_label_atom_id 
_struct_conn.pdbx_ptnr2_label_alt_id 
_struct_conn.pdbx_ptnr2_PDB_ins_code 
_struct_conn.ptnr1_auth_asym_id 
_struct_conn.ptnr1_auth_comp_id 
_struct_conn.ptnr1_auth_seq_id 
_struct_conn.ptnr2_auth_asym_id 
_struct_conn.ptnr2_auth_comp_id 
_struct_conn.ptnr2_auth_seq_id 
_struct_conn.ptnr2_symmetry 
_struct_conn.pdbx_ptnr3_label_atom_id 
_struct_conn.pdbx_ptnr3_label_seq_id 
_struct_conn.pdbx_ptnr3_label_comp_id 
_struct_conn.pdbx_ptnr3_label_asym_id 
_struct_conn.pdbx_ptnr3_label_alt_id 
_struct_conn.pdbx_ptnr3_PDB_ins_code 
_struct_conn.details 
_struct_conn.pdbx_dist_value 
_struct_conn.pdbx_value_order 
_struct_conn.pdbx_role 
metalc1  metalc ? ? A DC 2  OP1 ? ? ? 1_555 C CA  .  CA ? ? A DC 2   A CA  102 1_555  ? ? ? ? ? ? ?            2.356 ? ? 
metalc2  metalc ? ? A DC 2  OP1 ? ? ? 1_555 C CA  .  CA ? ? A DC 2   A CA  102 2_455  ? ? ? ? ? ? ?            2.356 ? ? 
metalc3  metalc ? ? A DG 6  OP1 ? ? ? 1_555 E CA  .  CA ? ? A DG 6   A CA  104 1_555  ? ? ? ? ? ? ?            2.347 ? ? 
metalc4  metalc ? ? A DG 6  OP1 ? ? ? 1_555 E CA  .  CA ? ? A DG 6   A CA  104 3_545  ? ? ? ? ? ? ?            2.374 ? ? 
metalc5  metalc ? ? A DG 6  OP2 ? ? ? 1_555 F CA  .  CA ? ? A DG 6   A CA  105 1_555  ? ? ? ? ? ? ?            2.339 ? ? 
metalc6  metalc ? ? A DG 6  OP2 ? ? ? 1_555 F CA  .  CA ? ? A DG 6   A CA  105 2_445  ? ? ? ? ? ? ?            2.340 ? ? 
metalc7  metalc ? ? A DG 15 OP1 ? ? ? 1_555 D CA  .  CA ? ? A DG 15  A CA  103 18_445 ? ? ? ? ? ? ?            2.334 ? ? 
metalc8  metalc ? ? A DC 16 OP1 ? ? ? 1_555 H CA  .  CA ? ? A DC 16  A CA  107 1_555  ? ? ? ? ? ? ?            2.328 ? ? 
metalc9  metalc ? ? A DC 16 OP1 ? ? ? 1_555 H CA  .  CA ? ? A DC 16  A CA  107 2_445  ? ? ? ? ? ? ?            2.327 ? ? 
metalc10 metalc ? ? C CA .  CA  ? ? ? 1_555 J HOH .  O  ? ? A CA 102 A HOH 235 1_555  ? ? ? ? ? ? ?            2.422 ? ? 
metalc11 metalc ? ? C CA .  CA  ? ? ? 1_555 J HOH .  O  ? ? A CA 102 A HOH 235 2_455  ? ? ? ? ? ? ?            2.422 ? ? 
metalc12 metalc ? ? D CA .  CA  ? ? ? 1_555 J HOH .  O  ? ? A CA 103 A HOH 207 1_555  ? ? ? ? ? ? ?            2.222 ? ? 
metalc13 metalc ? ? D CA .  CA  ? ? ? 1_555 J HOH .  O  ? ? A CA 103 A HOH 230 17_435 ? ? ? ? ? ? ?            2.261 ? ? 
metalc14 metalc ? ? D CA .  CA  ? ? ? 1_555 J HOH .  O  ? ? A CA 103 A HOH 247 18_445 ? ? ? ? ? ? ?            2.505 ? ? 
metalc15 metalc ? ? D CA .  CA  ? ? ? 1_555 J HOH .  O  ? ? A CA 103 A HOH 257 18_445 ? ? ? ? ? ? ?            2.574 ? ? 
metalc16 metalc ? ? D CA .  CA  ? ? ? 1_555 J HOH .  O  ? ? A CA 103 A HOH 261 18_445 ? ? ? ? ? ? ?            2.420 ? ? 
metalc17 metalc ? ? E CA .  CA  ? ? ? 1_555 J HOH .  O  ? ? A CA 104 A HOH 248 1_555  ? ? ? ? ? ? ?            2.455 ? ? 
metalc18 metalc ? ? E CA .  CA  ? ? ? 1_555 J HOH .  O  ? ? A CA 104 A HOH 248 2_445  ? ? ? ? ? ? ?            2.438 ? ? 
metalc19 metalc ? ? F CA .  CA  ? ? ? 1_555 J HOH .  O  ? ? A CA 105 A HOH 254 1_555  ? ? ? ? ? ? ?            2.368 ? ? 
metalc20 metalc ? ? F CA .  CA  ? ? ? 1_555 J HOH .  O  ? ? A CA 105 A HOH 254 2_445  ? ? ? ? ? ? ?            2.368 ? ? 
metalc21 metalc ? ? G CA .  CA  ? ? ? 1_555 J HOH .  O  ? ? A CA 106 A HOH 237 1_555  ? ? ? ? ? ? ?            2.406 ? ? 
metalc22 metalc ? ? G CA .  CA  ? ? ? 1_555 J HOH .  O  ? ? A CA 106 A HOH 242 1_555  ? ? ? ? ? ? ?            2.671 ? ? 
metalc23 metalc ? ? G CA .  CA  ? ? ? 1_555 J HOH .  O  ? ? A CA 106 A HOH 258 2_445  ? ? ? ? ? ? ?            2.431 ? ? 
metalc24 metalc ? ? G CA .  CA  ? ? ? 1_555 J HOH .  O  ? ? A CA 106 A HOH 260 17_435 ? ? ? ? ? ? ?            2.306 ? ? 
metalc25 metalc ? ? G CA .  CA  ? ? ? 1_555 J HOH .  O  ? ? A CA 106 A HOH 266 17_435 ? ? ? ? ? ? ?            2.617 ? ? 
metalc26 metalc ? ? H CA .  CA  ? ? ? 1_555 J HOH .  O  ? ? A CA 107 A HOH 220 15_434 ? ? ? ? ? ? ?            2.394 ? ? 
metalc27 metalc ? ? I CA .  CA  ? ? ? 1_555 J HOH .  O  ? ? A CA 108 A HOH 214 1_555  ? ? ? ? ? ? ?            2.176 ? ? 
metalc28 metalc ? ? I CA .  CA  ? ? ? 1_555 J HOH .  O  ? ? A CA 108 A HOH 221 2_445  ? ? ? ? ? ? ?            2.329 ? ? 
metalc29 metalc ? ? I CA .  CA  ? ? ? 1_555 J HOH .  O  ? ? A CA 108 A HOH 223 2_445  ? ? ? ? ? ? ?            2.236 ? ? 
metalc30 metalc ? ? I CA .  CA  ? ? ? 1_555 J HOH .  O  ? ? A CA 108 A HOH 252 1_555  ? ? ? ? ? ? ?            2.245 ? ? 
metalc31 metalc ? ? I CA .  CA  ? ? ? 1_555 J HOH .  O  ? ? A CA 108 A HOH 263 16_545 ? ? ? ? ? ? ?            2.410 ? ? 
hydrog1  hydrog ? ? A DG 1  N1  ? ? ? 1_555 A DC  16 N3 ? ? A DG 1   A DC  16  17_435 ? ? ? ? ? ? WATSON-CRICK ?     ? ? 
hydrog2  hydrog ? ? A DG 1  N2  ? ? ? 1_555 A DC  16 O2 ? ? A DG 1   A DC  16  17_435 ? ? ? ? ? ? WATSON-CRICK ?     ? ? 
hydrog3  hydrog ? ? A DG 1  O6  ? ? ? 1_555 A DC  16 N4 ? ? A DG 1   A DC  16  17_435 ? ? ? ? ? ? WATSON-CRICK ?     ? ? 
hydrog4  hydrog ? ? A DC 2  N3  ? ? ? 1_555 A DG  15 N1 ? ? A DC 2   A DG  15  17_435 ? ? ? ? ? ? WATSON-CRICK ?     ? ? 
hydrog5  hydrog ? ? A DC 2  N4  ? ? ? 1_555 A DG  15 O6 ? ? A DC 2   A DG  15  17_435 ? ? ? ? ? ? WATSON-CRICK ?     ? ? 
hydrog6  hydrog ? ? A DC 2  O2  ? ? ? 1_555 A DG  15 N2 ? ? A DC 2   A DG  15  17_435 ? ? ? ? ? ? WATSON-CRICK ?     ? ? 
hydrog7  hydrog ? ? A DT 3  N3  ? ? ? 1_555 A DA  14 N1 ? ? A DT 3   A DA  14  17_435 ? ? ? ? ? ? WATSON-CRICK ?     ? ? 
hydrog8  hydrog ? ? A DT 3  O4  ? ? ? 1_555 A DA  14 N6 ? ? A DT 3   A DA  14  17_435 ? ? ? ? ? ? WATSON-CRICK ?     ? ? 
hydrog9  hydrog ? ? A DG 4  N1  ? ? ? 1_555 A DC  13 N3 ? ? A DG 4   A DC  13  17_435 ? ? ? ? ? ? WATSON-CRICK ?     ? ? 
hydrog10 hydrog ? ? A DG 4  N2  ? ? ? 1_555 A DC  13 O2 ? ? A DG 4   A DC  13  17_435 ? ? ? ? ? ? WATSON-CRICK ?     ? ? 
hydrog11 hydrog ? ? A DG 4  O6  ? ? ? 1_555 A DC  13 N4 ? ? A DG 4   A DC  13  17_435 ? ? ? ? ? ? WATSON-CRICK ?     ? ? 
hydrog12 hydrog ? ? A DC 5  N3  ? ? ? 1_555 A DG  12 N1 ? ? A DC 5   A DG  12  17_435 ? ? ? ? ? ? WATSON-CRICK ?     ? ? 
hydrog13 hydrog ? ? A DC 5  N4  ? ? ? 1_555 A DG  12 O6 ? ? A DC 5   A DG  12  17_435 ? ? ? ? ? ? WATSON-CRICK ?     ? ? 
hydrog14 hydrog ? ? A DC 5  O2  ? ? ? 1_555 A DG  12 N2 ? ? A DC 5   A DG  12  17_435 ? ? ? ? ? ? WATSON-CRICK ?     ? ? 
hydrog15 hydrog ? ? A DG 6  N1  ? ? ? 1_555 A DC  11 N3 ? ? A DG 6   A DC  11  17_435 ? ? ? ? ? ? WATSON-CRICK ?     ? ? 
hydrog16 hydrog ? ? A DG 6  N2  ? ? ? 1_555 A DC  11 O2 ? ? A DG 6   A DC  11  17_435 ? ? ? ? ? ? WATSON-CRICK ?     ? ? 
hydrog17 hydrog ? ? A DG 6  O6  ? ? ? 1_555 A DC  11 N4 ? ? A DG 6   A DC  11  17_435 ? ? ? ? ? ? WATSON-CRICK ?     ? ? 
hydrog18 hydrog ? ? A DT 7  N3  ? ? ? 1_555 A DA  10 N1 ? ? A DT 7   A DA  10  17_435 ? ? ? ? ? ? WATSON-CRICK ?     ? ? 
hydrog19 hydrog ? ? A DT 7  O4  ? ? ? 1_555 A DA  10 N6 ? ? A DT 7   A DA  10  17_435 ? ? ? ? ? ? WATSON-CRICK ?     ? ? 
hydrog20 hydrog ? ? A DT 8  N3  ? ? ? 1_555 A DA  9  N1 ? ? A DT 8   A DA  9   17_435 ? ? ? ? ? ? WATSON-CRICK ?     ? ? 
hydrog21 hydrog ? ? A DT 8  O4  ? ? ? 1_555 A DA  9  N6 ? ? A DT 8   A DA  9   17_435 ? ? ? ? ? ? WATSON-CRICK ?     ? ? 
hydrog22 hydrog ? ? A DA 9  N1  ? ? ? 1_555 A DT  8  N3 ? ? A DA 9   A DT  8   17_435 ? ? ? ? ? ? WATSON-CRICK ?     ? ? 
hydrog23 hydrog ? ? A DA 9  N6  ? ? ? 1_555 A DT  8  O4 ? ? A DA 9   A DT  8   17_435 ? ? ? ? ? ? WATSON-CRICK ?     ? ? 
hydrog24 hydrog ? ? A DA 10 N1  ? ? ? 1_555 A DT  7  N3 ? ? A DA 10  A DT  7   17_435 ? ? ? ? ? ? WATSON-CRICK ?     ? ? 
hydrog25 hydrog ? ? A DA 10 N6  ? ? ? 1_555 A DT  7  O4 ? ? A DA 10  A DT  7   17_435 ? ? ? ? ? ? WATSON-CRICK ?     ? ? 
hydrog26 hydrog ? ? A DC 11 N3  ? ? ? 1_555 A DG  6  N1 ? ? A DC 11  A DG  6   17_435 ? ? ? ? ? ? WATSON-CRICK ?     ? ? 
hydrog27 hydrog ? ? A DC 11 N4  ? ? ? 1_555 A DG  6  O6 ? ? A DC 11  A DG  6   17_435 ? ? ? ? ? ? WATSON-CRICK ?     ? ? 
hydrog28 hydrog ? ? A DC 11 O2  ? ? ? 1_555 A DG  6  N2 ? ? A DC 11  A DG  6   17_435 ? ? ? ? ? ? WATSON-CRICK ?     ? ? 
hydrog29 hydrog ? ? A DG 12 N1  ? ? ? 1_555 A DC  5  N3 ? ? A DG 12  A DC  5   17_435 ? ? ? ? ? ? WATSON-CRICK ?     ? ? 
hydrog30 hydrog ? ? A DG 12 N2  ? ? ? 1_555 A DC  5  O2 ? ? A DG 12  A DC  5   17_435 ? ? ? ? ? ? WATSON-CRICK ?     ? ? 
hydrog31 hydrog ? ? A DG 12 O6  ? ? ? 1_555 A DC  5  N4 ? ? A DG 12  A DC  5   17_435 ? ? ? ? ? ? WATSON-CRICK ?     ? ? 
hydrog32 hydrog ? ? A DC 13 N3  ? ? ? 1_555 A DG  4  N1 ? ? A DC 13  A DG  4   17_435 ? ? ? ? ? ? WATSON-CRICK ?     ? ? 
hydrog33 hydrog ? ? A DC 13 N4  ? ? ? 1_555 A DG  4  O6 ? ? A DC 13  A DG  4   17_435 ? ? ? ? ? ? WATSON-CRICK ?     ? ? 
hydrog34 hydrog ? ? A DC 13 O2  ? ? ? 1_555 A DG  4  N2 ? ? A DC 13  A DG  4   17_435 ? ? ? ? ? ? WATSON-CRICK ?     ? ? 
hydrog35 hydrog ? ? A DA 14 N1  ? ? ? 1_555 A DT  3  N3 ? ? A DA 14  A DT  3   17_435 ? ? ? ? ? ? WATSON-CRICK ?     ? ? 
hydrog36 hydrog ? ? A DA 14 N6  ? ? ? 1_555 A DT  3  O4 ? ? A DA 14  A DT  3   17_435 ? ? ? ? ? ? WATSON-CRICK ?     ? ? 
hydrog37 hydrog ? ? A DG 15 N1  ? ? ? 1_555 A DC  2  N3 ? ? A DG 15  A DC  2   17_435 ? ? ? ? ? ? WATSON-CRICK ?     ? ? 
hydrog38 hydrog ? ? A DG 15 N2  ? ? ? 1_555 A DC  2  O2 ? ? A DG 15  A DC  2   17_435 ? ? ? ? ? ? WATSON-CRICK ?     ? ? 
hydrog39 hydrog ? ? A DG 15 O6  ? ? ? 1_555 A DC  2  N4 ? ? A DG 15  A DC  2   17_435 ? ? ? ? ? ? WATSON-CRICK ?     ? ? 
hydrog40 hydrog ? ? A DC 16 N3  ? ? ? 1_555 A DG  1  N1 ? ? A DC 16  A DG  1   17_435 ? ? ? ? ? ? WATSON-CRICK ?     ? ? 
hydrog41 hydrog ? ? A DC 16 N4  ? ? ? 1_555 A DG  1  O6 ? ? A DC 16  A DG  1   17_435 ? ? ? ? ? ? WATSON-CRICK ?     ? ? 
hydrog42 hydrog ? ? A DC 16 O2  ? ? ? 1_555 A DG  1  N2 ? ? A DC 16  A DG  1   17_435 ? ? ? ? ? ? WATSON-CRICK ?     ? ? 
# 
loop_
_struct_conn_type.id 
_struct_conn_type.criteria 
_struct_conn_type.reference 
metalc ? ? 
hydrog ? ? 
# 
loop_
_pdbx_struct_conn_angle.id 
_pdbx_struct_conn_angle.ptnr1_label_atom_id 
_pdbx_struct_conn_angle.ptnr1_label_alt_id 
_pdbx_struct_conn_angle.ptnr1_label_asym_id 
_pdbx_struct_conn_angle.ptnr1_label_comp_id 
_pdbx_struct_conn_angle.ptnr1_label_seq_id 
_pdbx_struct_conn_angle.ptnr1_auth_atom_id 
_pdbx_struct_conn_angle.ptnr1_auth_asym_id 
_pdbx_struct_conn_angle.ptnr1_auth_comp_id 
_pdbx_struct_conn_angle.ptnr1_auth_seq_id 
_pdbx_struct_conn_angle.ptnr1_PDB_ins_code 
_pdbx_struct_conn_angle.ptnr1_symmetry 
_pdbx_struct_conn_angle.ptnr2_label_atom_id 
_pdbx_struct_conn_angle.ptnr2_label_alt_id 
_pdbx_struct_conn_angle.ptnr2_label_asym_id 
_pdbx_struct_conn_angle.ptnr2_label_comp_id 
_pdbx_struct_conn_angle.ptnr2_label_seq_id 
_pdbx_struct_conn_angle.ptnr2_auth_atom_id 
_pdbx_struct_conn_angle.ptnr2_auth_asym_id 
_pdbx_struct_conn_angle.ptnr2_auth_comp_id 
_pdbx_struct_conn_angle.ptnr2_auth_seq_id 
_pdbx_struct_conn_angle.ptnr2_PDB_ins_code 
_pdbx_struct_conn_angle.ptnr2_symmetry 
_pdbx_struct_conn_angle.ptnr3_label_atom_id 
_pdbx_struct_conn_angle.ptnr3_label_alt_id 
_pdbx_struct_conn_angle.ptnr3_label_asym_id 
_pdbx_struct_conn_angle.ptnr3_label_comp_id 
_pdbx_struct_conn_angle.ptnr3_label_seq_id 
_pdbx_struct_conn_angle.ptnr3_auth_atom_id 
_pdbx_struct_conn_angle.ptnr3_auth_asym_id 
_pdbx_struct_conn_angle.ptnr3_auth_comp_id 
_pdbx_struct_conn_angle.ptnr3_auth_seq_id 
_pdbx_struct_conn_angle.ptnr3_PDB_ins_code 
_pdbx_struct_conn_angle.ptnr3_symmetry 
_pdbx_struct_conn_angle.value 
_pdbx_struct_conn_angle.value_esd 
1  OP1 ? A DC  2  ? A DC  2   ? 1_555  CA ? C CA . ? A CA 102 ? 1_555  OP1 ? A DC  2  ? A DC  2   ? 1_555  0.0   ? 
2  OP1 ? A DC  2  ? A DC  2   ? 1_555  CA ? C CA . ? A CA 102 ? 1_555  O   ? J HOH .  ? A HOH 235 ? 1_555  84.1  ? 
3  OP1 ? A DC  2  ? A DC  2   ? 1_555  CA ? C CA . ? A CA 102 ? 1_555  O   ? J HOH .  ? A HOH 235 ? 1_555  84.1  ? 
4  OP1 ? A DC  2  ? A DC  2   ? 1_555  CA ? C CA . ? A CA 102 ? 1_555  O   ? J HOH .  ? A HOH 235 ? 2_455  95.8  ? 
5  OP1 ? A DC  2  ? A DC  2   ? 1_555  CA ? C CA . ? A CA 102 ? 1_555  O   ? J HOH .  ? A HOH 235 ? 2_455  95.8  ? 
6  O   ? J HOH .  ? A HOH 235 ? 1_555  CA ? C CA . ? A CA 102 ? 1_555  O   ? J HOH .  ? A HOH 235 ? 2_455  86.5  ? 
7  OP1 ? A DG  6  ? A DG  6   ? 1_555  CA ? E CA . ? A CA 104 ? 1_555  OP1 ? A DG  6  ? A DG  6   ? 1_555  0.0   ? 
8  OP1 ? A DG  6  ? A DG  6   ? 1_555  CA ? E CA . ? A CA 104 ? 1_555  O   ? J HOH .  ? A HOH 248 ? 1_555  95.7  ? 
9  OP1 ? A DG  6  ? A DG  6   ? 1_555  CA ? E CA . ? A CA 104 ? 1_555  O   ? J HOH .  ? A HOH 248 ? 1_555  95.7  ? 
10 OP1 ? A DG  6  ? A DG  6   ? 1_555  CA ? E CA . ? A CA 104 ? 1_555  O   ? J HOH .  ? A HOH 248 ? 2_445  87.4  ? 
11 OP1 ? A DG  6  ? A DG  6   ? 1_555  CA ? E CA . ? A CA 104 ? 1_555  O   ? J HOH .  ? A HOH 248 ? 2_445  87.4  ? 
12 O   ? J HOH .  ? A HOH 248 ? 1_555  CA ? E CA . ? A CA 104 ? 1_555  O   ? J HOH .  ? A HOH 248 ? 2_445  89.9  ? 
13 OP2 ? A DG  6  ? A DG  6   ? 1_555  CA ? F CA . ? A CA 105 ? 1_555  OP2 ? A DG  6  ? A DG  6   ? 1_555  0.0   ? 
14 OP2 ? A DG  6  ? A DG  6   ? 1_555  CA ? F CA . ? A CA 105 ? 1_555  O   ? J HOH .  ? A HOH 254 ? 1_555  89.7  ? 
15 OP2 ? A DG  6  ? A DG  6   ? 1_555  CA ? F CA . ? A CA 105 ? 1_555  O   ? J HOH .  ? A HOH 254 ? 1_555  89.7  ? 
16 OP2 ? A DG  6  ? A DG  6   ? 1_555  CA ? F CA . ? A CA 105 ? 1_555  O   ? J HOH .  ? A HOH 254 ? 2_445  90.0  ? 
17 OP2 ? A DG  6  ? A DG  6   ? 1_555  CA ? F CA . ? A CA 105 ? 1_555  O   ? J HOH .  ? A HOH 254 ? 2_445  90.0  ? 
18 O   ? J HOH .  ? A HOH 254 ? 1_555  CA ? F CA . ? A CA 105 ? 1_555  O   ? J HOH .  ? A HOH 254 ? 2_445  85.0  ? 
19 OP1 ? A DG  15 ? A DG  15  ? 1_555  CA ? D CA . ? A CA 103 ? 18_445 O   ? J HOH .  ? A HOH 207 ? 1_555  71.2  ? 
20 OP1 ? A DG  15 ? A DG  15  ? 1_555  CA ? D CA . ? A CA 103 ? 18_445 O   ? J HOH .  ? A HOH 230 ? 17_435 72.3  ? 
21 O   ? J HOH .  ? A HOH 207 ? 1_555  CA ? D CA . ? A CA 103 ? 18_445 O   ? J HOH .  ? A HOH 230 ? 17_435 3.3   ? 
22 OP1 ? A DG  15 ? A DG  15  ? 1_555  CA ? D CA . ? A CA 103 ? 18_445 O   ? J HOH .  ? A HOH 247 ? 18_445 75.6  ? 
23 O   ? J HOH .  ? A HOH 207 ? 1_555  CA ? D CA . ? A CA 103 ? 18_445 O   ? J HOH .  ? A HOH 247 ? 18_445 4.5   ? 
24 O   ? J HOH .  ? A HOH 230 ? 17_435 CA ? D CA . ? A CA 103 ? 18_445 O   ? J HOH .  ? A HOH 247 ? 18_445 4.6   ? 
25 OP1 ? A DG  15 ? A DG  15  ? 1_555  CA ? D CA . ? A CA 103 ? 18_445 O   ? J HOH .  ? A HOH 257 ? 18_445 74.8  ? 
26 O   ? J HOH .  ? A HOH 207 ? 1_555  CA ? D CA . ? A CA 103 ? 18_445 O   ? J HOH .  ? A HOH 257 ? 18_445 4.1   ? 
27 O   ? J HOH .  ? A HOH 230 ? 17_435 CA ? D CA . ? A CA 103 ? 18_445 O   ? J HOH .  ? A HOH 257 ? 18_445 2.9   ? 
28 O   ? J HOH .  ? A HOH 247 ? 18_445 CA ? D CA . ? A CA 103 ? 18_445 O   ? J HOH .  ? A HOH 257 ? 18_445 2.0   ? 
29 OP1 ? A DG  15 ? A DG  15  ? 1_555  CA ? D CA . ? A CA 103 ? 18_445 O   ? J HOH .  ? A HOH 261 ? 18_445 76.6  ? 
30 O   ? J HOH .  ? A HOH 207 ? 1_555  CA ? D CA . ? A CA 103 ? 18_445 O   ? J HOH .  ? A HOH 261 ? 18_445 5.9   ? 
31 O   ? J HOH .  ? A HOH 230 ? 17_435 CA ? D CA . ? A CA 103 ? 18_445 O   ? J HOH .  ? A HOH 261 ? 18_445 4.5   ? 
32 O   ? J HOH .  ? A HOH 247 ? 18_445 CA ? D CA . ? A CA 103 ? 18_445 O   ? J HOH .  ? A HOH 261 ? 18_445 2.5   ? 
33 O   ? J HOH .  ? A HOH 257 ? 18_445 CA ? D CA . ? A CA 103 ? 18_445 O   ? J HOH .  ? A HOH 261 ? 18_445 1.8   ? 
34 OP1 ? A DC  16 ? A DC  16  ? 1_555  CA ? H CA . ? A CA 107 ? 1_555  OP1 ? A DC  16 ? A DC  16  ? 1_555  0.0   ? 
35 OP1 ? A DC  16 ? A DC  16  ? 1_555  CA ? H CA . ? A CA 107 ? 1_555  O   ? J HOH .  ? A HOH 220 ? 15_434 87.8  ? 
36 OP1 ? A DC  16 ? A DC  16  ? 1_555  CA ? H CA . ? A CA 107 ? 1_555  O   ? J HOH .  ? A HOH 220 ? 15_434 87.8  ? 
37 O   ? J HOH .  ? A HOH 237 ? 1_555  CA ? G CA . ? A CA 106 ? 1_555  O   ? J HOH .  ? A HOH 242 ? 1_555  81.8  ? 
38 O   ? J HOH .  ? A HOH 237 ? 1_555  CA ? G CA . ? A CA 106 ? 1_555  O   ? J HOH .  ? A HOH 258 ? 2_445  78.4  ? 
39 O   ? J HOH .  ? A HOH 242 ? 1_555  CA ? G CA . ? A CA 106 ? 1_555  O   ? J HOH .  ? A HOH 258 ? 2_445  98.8  ? 
40 O   ? J HOH .  ? A HOH 237 ? 1_555  CA ? G CA . ? A CA 106 ? 1_555  O   ? J HOH .  ? A HOH 260 ? 17_435 79.1  ? 
41 O   ? J HOH .  ? A HOH 242 ? 1_555  CA ? G CA . ? A CA 106 ? 1_555  O   ? J HOH .  ? A HOH 260 ? 17_435 160.7 ? 
42 O   ? J HOH .  ? A HOH 258 ? 2_445  CA ? G CA . ? A CA 106 ? 1_555  O   ? J HOH .  ? A HOH 260 ? 17_435 80.7  ? 
43 O   ? J HOH .  ? A HOH 237 ? 1_555  CA ? G CA . ? A CA 106 ? 1_555  O   ? J HOH .  ? A HOH 266 ? 17_435 125.5 ? 
44 O   ? J HOH .  ? A HOH 242 ? 1_555  CA ? G CA . ? A CA 106 ? 1_555  O   ? J HOH .  ? A HOH 266 ? 17_435 66.4  ? 
45 O   ? J HOH .  ? A HOH 258 ? 2_445  CA ? G CA . ? A CA 106 ? 1_555  O   ? J HOH .  ? A HOH 266 ? 17_435 146.4 ? 
46 O   ? J HOH .  ? A HOH 260 ? 17_435 CA ? G CA . ? A CA 106 ? 1_555  O   ? J HOH .  ? A HOH 266 ? 17_435 123.3 ? 
47 O   ? J HOH .  ? A HOH 214 ? 1_555  CA ? I CA . ? A CA 108 ? 1_555  O   ? J HOH .  ? A HOH 221 ? 2_445  111.0 ? 
48 O   ? J HOH .  ? A HOH 214 ? 1_555  CA ? I CA . ? A CA 108 ? 1_555  O   ? J HOH .  ? A HOH 223 ? 2_445  69.9  ? 
49 O   ? J HOH .  ? A HOH 221 ? 2_445  CA ? I CA . ? A CA 108 ? 1_555  O   ? J HOH .  ? A HOH 223 ? 2_445  77.7  ? 
50 O   ? J HOH .  ? A HOH 214 ? 1_555  CA ? I CA . ? A CA 108 ? 1_555  O   ? J HOH .  ? A HOH 252 ? 1_555  135.6 ? 
51 O   ? J HOH .  ? A HOH 221 ? 2_445  CA ? I CA . ? A CA 108 ? 1_555  O   ? J HOH .  ? A HOH 252 ? 1_555  81.9  ? 
52 O   ? J HOH .  ? A HOH 223 ? 2_445  CA ? I CA . ? A CA 108 ? 1_555  O   ? J HOH .  ? A HOH 252 ? 1_555  152.6 ? 
53 O   ? J HOH .  ? A HOH 214 ? 1_555  CA ? I CA . ? A CA 108 ? 1_555  O   ? J HOH .  ? A HOH 263 ? 16_545 105.4 ? 
54 O   ? J HOH .  ? A HOH 221 ? 2_445  CA ? I CA . ? A CA 108 ? 1_555  O   ? J HOH .  ? A HOH 263 ? 16_545 132.6 ? 
55 O   ? J HOH .  ? A HOH 223 ? 2_445  CA ? I CA . ? A CA 108 ? 1_555  O   ? J HOH .  ? A HOH 263 ? 16_545 87.7  ? 
56 O   ? J HOH .  ? A HOH 252 ? 1_555  CA ? I CA . ? A CA 108 ? 1_555  O   ? J HOH .  ? A HOH 263 ? 16_545 92.8  ? 
# 
_pdbx_entry_details.entry_id                   8VIU 
_pdbx_entry_details.has_ligand_of_interest     Y 
_pdbx_entry_details.compound_details           ? 
_pdbx_entry_details.source_details             ? 
_pdbx_entry_details.nonpolymer_details         ? 
_pdbx_entry_details.sequence_details           ? 
_pdbx_entry_details.has_protein_modification   N 
# 
_pdbx_validate_close_contact.id               1 
_pdbx_validate_close_contact.PDB_model_num    1 
_pdbx_validate_close_contact.auth_atom_id_1   OP1 
_pdbx_validate_close_contact.auth_asym_id_1   A 
_pdbx_validate_close_contact.auth_comp_id_1   DG 
_pdbx_validate_close_contact.auth_seq_id_1    4 
_pdbx_validate_close_contact.PDB_ins_code_1   ? 
_pdbx_validate_close_contact.label_alt_id_1   ? 
_pdbx_validate_close_contact.auth_atom_id_2   O 
_pdbx_validate_close_contact.auth_asym_id_2   A 
_pdbx_validate_close_contact.auth_comp_id_2   HOH 
_pdbx_validate_close_contact.auth_seq_id_2    201 
_pdbx_validate_close_contact.PDB_ins_code_2   ? 
_pdbx_validate_close_contact.label_alt_id_2   ? 
_pdbx_validate_close_contact.dist             2.18 
# 
loop_
_pdbx_validate_rmsd_bond.id 
_pdbx_validate_rmsd_bond.PDB_model_num 
_pdbx_validate_rmsd_bond.auth_atom_id_1 
_pdbx_validate_rmsd_bond.auth_asym_id_1 
_pdbx_validate_rmsd_bond.auth_comp_id_1 
_pdbx_validate_rmsd_bond.auth_seq_id_1 
_pdbx_validate_rmsd_bond.PDB_ins_code_1 
_pdbx_validate_rmsd_bond.label_alt_id_1 
_pdbx_validate_rmsd_bond.auth_atom_id_2 
_pdbx_validate_rmsd_bond.auth_asym_id_2 
_pdbx_validate_rmsd_bond.auth_comp_id_2 
_pdbx_validate_rmsd_bond.auth_seq_id_2 
_pdbx_validate_rmsd_bond.PDB_ins_code_2 
_pdbx_validate_rmsd_bond.label_alt_id_2 
_pdbx_validate_rmsd_bond.bond_value 
_pdbx_validate_rmsd_bond.bond_target_value 
_pdbx_validate_rmsd_bond.bond_deviation 
_pdbx_validate_rmsd_bond.bond_standard_deviation 
_pdbx_validate_rmsd_bond.linker_flag 
1 1 N1    A DC 5  ? ? C6    A DC 5  ? ? 1.330 1.367 -0.037 0.006 N 
2 1 "O3'" A DA 10 ? ? "C3'" A DA 10 ? ? 1.382 1.419 -0.037 0.006 N 
# 
loop_
_pdbx_validate_rmsd_angle.id 
_pdbx_validate_rmsd_angle.PDB_model_num 
_pdbx_validate_rmsd_angle.auth_atom_id_1 
_pdbx_validate_rmsd_angle.auth_asym_id_1 
_pdbx_validate_rmsd_angle.auth_comp_id_1 
_pdbx_validate_rmsd_angle.auth_seq_id_1 
_pdbx_validate_rmsd_angle.PDB_ins_code_1 
_pdbx_validate_rmsd_angle.label_alt_id_1 
_pdbx_validate_rmsd_angle.auth_atom_id_2 
_pdbx_validate_rmsd_angle.auth_asym_id_2 
_pdbx_validate_rmsd_angle.auth_comp_id_2 
_pdbx_validate_rmsd_angle.auth_seq_id_2 
_pdbx_validate_rmsd_angle.PDB_ins_code_2 
_pdbx_validate_rmsd_angle.label_alt_id_2 
_pdbx_validate_rmsd_angle.auth_atom_id_3 
_pdbx_validate_rmsd_angle.auth_asym_id_3 
_pdbx_validate_rmsd_angle.auth_comp_id_3 
_pdbx_validate_rmsd_angle.auth_seq_id_3 
_pdbx_validate_rmsd_angle.PDB_ins_code_3 
_pdbx_validate_rmsd_angle.label_alt_id_3 
_pdbx_validate_rmsd_angle.angle_value 
_pdbx_validate_rmsd_angle.angle_target_value 
_pdbx_validate_rmsd_angle.angle_deviation 
_pdbx_validate_rmsd_angle.angle_standard_deviation 
_pdbx_validate_rmsd_angle.linker_flag 
1 1 "O4'" A DC 5  ? ? "C1'" A DC 5  ? ? N1    A DC 5  ? ? 110.94 108.30 2.64  0.30 N 
2 1 "O4'" A DG 6  ? ? "C1'" A DG 6  ? ? N9    A DG 6  ? ? 102.55 108.00 -5.45 0.70 N 
3 1 N3    A DT 7  ? ? C4    A DT 7  ? ? O4    A DT 7  ? ? 125.06 119.90 5.16  0.60 N 
4 1 C5    A DT 7  ? ? C4    A DT 7  ? ? O4    A DT 7  ? ? 119.51 124.90 -5.39 0.70 N 
5 1 "O4'" A DA 10 ? ? "C1'" A DA 10 ? ? N9    A DA 10 ? ? 110.36 108.30 2.06  0.30 N 
6 1 "C3'" A DC 13 ? ? "C2'" A DC 13 ? ? "C1'" A DC 13 ? ? 97.18  102.40 -5.22 0.80 N 
7 1 "O4'" A DC 13 ? ? "C1'" A DC 13 ? ? N1    A DC 13 ? ? 111.85 108.30 3.55  0.30 N 
# 
loop_
_pdbx_struct_special_symmetry.id 
_pdbx_struct_special_symmetry.PDB_model_num 
_pdbx_struct_special_symmetry.auth_asym_id 
_pdbx_struct_special_symmetry.auth_comp_id 
_pdbx_struct_special_symmetry.auth_seq_id 
_pdbx_struct_special_symmetry.PDB_ins_code 
_pdbx_struct_special_symmetry.label_asym_id 
_pdbx_struct_special_symmetry.label_comp_id 
_pdbx_struct_special_symmetry.label_seq_id 
1 1 A CA 102 ? C CA . 
2 1 A CA 104 ? E CA . 
3 1 A CA 105 ? F CA . 
4 1 A CA 107 ? H CA . 
# 
loop_
_space_group_symop.id 
_space_group_symop.operation_xyz 
1  x,y,z                  
2  -y,x-y,z               
3  -x+y,-x,z              
4  x-y,-y,-z              
5  -x,-x+y,-z             
6  y,x,-z                 
7  x+1/3,y+2/3,z+2/3      
8  -y+1/3,x-y+2/3,z+2/3   
9  -x+y+1/3,-x+2/3,z+2/3  
10 x-y+1/3,-y+2/3,-z+2/3  
11 -x+1/3,-x+y+2/3,-z+2/3 
12 y+1/3,x+2/3,-z+2/3     
13 x+2/3,y+1/3,z+1/3      
14 -y+2/3,x-y+1/3,z+1/3   
15 -x+y+2/3,-x+1/3,z+1/3  
16 x-y+2/3,-y+1/3,-z+1/3  
17 -x+2/3,-x+y+1/3,-z+1/3 
18 y+2/3,x+1/3,-z+1/3     
# 
loop_
_chem_comp_atom.comp_id 
_chem_comp_atom.atom_id 
_chem_comp_atom.type_symbol 
_chem_comp_atom.pdbx_aromatic_flag 
_chem_comp_atom.pdbx_stereo_config 
_chem_comp_atom.pdbx_ordinal 
A1AB3 C6     C  Y N 1   
A1AB3 C5     C  Y N 2   
A1AB3 C4     C  Y N 3   
A1AB3 C3     C  Y N 4   
A1AB3 C2     C  Y N 5   
A1AB3 C1     C  N N 6   
A1AB3 C7     C  Y N 7   
A1AB3 C10    C  Y N 8   
A1AB3 C11    C  Y N 9   
A1AB3 C12    C  Y N 10  
A1AB3 C13    C  Y N 11  
A1AB3 C14    C  Y N 12  
A1AB3 C8     C  Y N 13  
A1AB3 C9     C  Y N 14  
A1AB3 C15    C  N N 15  
A1AB3 C16    C  Y N 16  
A1AB3 C17    C  Y N 17  
A1AB3 N1     N  N N 18  
A1AB3 N2     N  N N 19  
A1AB3 N3     N  Y N 20  
A1AB3 N4     N  N N 21  
A1AB3 N5     N  N N 22  
A1AB3 N6     N  Y N 23  
A1AB3 O1     O  Y N 24  
A1AB3 S1     S  Y N 25  
A1AB3 H6     H  N N 26  
A1AB3 H5     H  N N 27  
A1AB3 H9     H  N N 28  
A1AB3 H10    H  N N 29  
A1AB3 H7     H  N N 30  
A1AB3 H8     H  N N 31  
A1AB3 H16    H  N N 32  
A1AB3 H2     H  N N 33  
A1AB3 H1     H  N N 34  
A1AB3 H4     H  N N 35  
A1AB3 H12    H  N N 36  
A1AB3 H11    H  N N 37  
A1AB3 H13    H  N N 38  
A1AB3 H15    H  N N 39  
CA    CA     CA N N 40  
DA    OP3    O  N N 41  
DA    P      P  N N 42  
DA    OP1    O  N N 43  
DA    OP2    O  N N 44  
DA    "O5'"  O  N N 45  
DA    "C5'"  C  N N 46  
DA    "C4'"  C  N R 47  
DA    "O4'"  O  N N 48  
DA    "C3'"  C  N S 49  
DA    "O3'"  O  N N 50  
DA    "C2'"  C  N N 51  
DA    "C1'"  C  N R 52  
DA    N9     N  Y N 53  
DA    C8     C  Y N 54  
DA    N7     N  Y N 55  
DA    C5     C  Y N 56  
DA    C6     C  Y N 57  
DA    N6     N  N N 58  
DA    N1     N  Y N 59  
DA    C2     C  Y N 60  
DA    N3     N  Y N 61  
DA    C4     C  Y N 62  
DA    HOP3   H  N N 63  
DA    HOP2   H  N N 64  
DA    "H5'"  H  N N 65  
DA    "H5''" H  N N 66  
DA    "H4'"  H  N N 67  
DA    "H3'"  H  N N 68  
DA    "HO3'" H  N N 69  
DA    "H2'"  H  N N 70  
DA    "H2''" H  N N 71  
DA    "H1'"  H  N N 72  
DA    H8     H  N N 73  
DA    H61    H  N N 74  
DA    H62    H  N N 75  
DA    H2     H  N N 76  
DC    OP3    O  N N 77  
DC    P      P  N N 78  
DC    OP1    O  N N 79  
DC    OP2    O  N N 80  
DC    "O5'"  O  N N 81  
DC    "C5'"  C  N N 82  
DC    "C4'"  C  N R 83  
DC    "O4'"  O  N N 84  
DC    "C3'"  C  N S 85  
DC    "O3'"  O  N N 86  
DC    "C2'"  C  N N 87  
DC    "C1'"  C  N R 88  
DC    N1     N  N N 89  
DC    C2     C  N N 90  
DC    O2     O  N N 91  
DC    N3     N  N N 92  
DC    C4     C  N N 93  
DC    N4     N  N N 94  
DC    C5     C  N N 95  
DC    C6     C  N N 96  
DC    HOP3   H  N N 97  
DC    HOP2   H  N N 98  
DC    "H5'"  H  N N 99  
DC    "H5''" H  N N 100 
DC    "H4'"  H  N N 101 
DC    "H3'"  H  N N 102 
DC    "HO3'" H  N N 103 
DC    "H2'"  H  N N 104 
DC    "H2''" H  N N 105 
DC    "H1'"  H  N N 106 
DC    H41    H  N N 107 
DC    H42    H  N N 108 
DC    H5     H  N N 109 
DC    H6     H  N N 110 
DG    OP3    O  N N 111 
DG    P      P  N N 112 
DG    OP1    O  N N 113 
DG    OP2    O  N N 114 
DG    "O5'"  O  N N 115 
DG    "C5'"  C  N N 116 
DG    "C4'"  C  N R 117 
DG    "O4'"  O  N N 118 
DG    "C3'"  C  N S 119 
DG    "O3'"  O  N N 120 
DG    "C2'"  C  N N 121 
DG    "C1'"  C  N R 122 
DG    N9     N  Y N 123 
DG    C8     C  Y N 124 
DG    N7     N  Y N 125 
DG    C5     C  Y N 126 
DG    C6     C  N N 127 
DG    O6     O  N N 128 
DG    N1     N  N N 129 
DG    C2     C  N N 130 
DG    N2     N  N N 131 
DG    N3     N  N N 132 
DG    C4     C  Y N 133 
DG    HOP3   H  N N 134 
DG    HOP2   H  N N 135 
DG    "H5'"  H  N N 136 
DG    "H5''" H  N N 137 
DG    "H4'"  H  N N 138 
DG    "H3'"  H  N N 139 
DG    "HO3'" H  N N 140 
DG    "H2'"  H  N N 141 
DG    "H2''" H  N N 142 
DG    "H1'"  H  N N 143 
DG    H8     H  N N 144 
DG    H1     H  N N 145 
DG    H21    H  N N 146 
DG    H22    H  N N 147 
DT    OP3    O  N N 148 
DT    P      P  N N 149 
DT    OP1    O  N N 150 
DT    OP2    O  N N 151 
DT    "O5'"  O  N N 152 
DT    "C5'"  C  N N 153 
DT    "C4'"  C  N R 154 
DT    "O4'"  O  N N 155 
DT    "C3'"  C  N S 156 
DT    "O3'"  O  N N 157 
DT    "C2'"  C  N N 158 
DT    "C1'"  C  N R 159 
DT    N1     N  N N 160 
DT    C2     C  N N 161 
DT    O2     O  N N 162 
DT    N3     N  N N 163 
DT    C4     C  N N 164 
DT    O4     O  N N 165 
DT    C5     C  N N 166 
DT    C7     C  N N 167 
DT    C6     C  N N 168 
DT    HOP3   H  N N 169 
DT    HOP2   H  N N 170 
DT    "H5'"  H  N N 171 
DT    "H5''" H  N N 172 
DT    "H4'"  H  N N 173 
DT    "H3'"  H  N N 174 
DT    "HO3'" H  N N 175 
DT    "H2'"  H  N N 176 
DT    "H2''" H  N N 177 
DT    "H1'"  H  N N 178 
DT    H3     H  N N 179 
DT    H71    H  N N 180 
DT    H72    H  N N 181 
DT    H73    H  N N 182 
DT    H6     H  N N 183 
HOH   O      O  N N 184 
HOH   H1     H  N N 185 
HOH   H2     H  N N 186 
# 
loop_
_chem_comp_bond.comp_id 
_chem_comp_bond.atom_id_1 
_chem_comp_bond.atom_id_2 
_chem_comp_bond.value_order 
_chem_comp_bond.pdbx_aromatic_flag 
_chem_comp_bond.pdbx_stereo_config 
_chem_comp_bond.pdbx_ordinal 
A1AB3 N1    C1     sing N N 1   
A1AB3 C1    N2     doub N N 2   
A1AB3 C1    C2     sing N N 3   
A1AB3 C2    C3     doub Y N 4   
A1AB3 C3    C4     sing Y N 5   
A1AB3 C4    C5     doub Y N 6   
A1AB3 C5    N3     sing Y N 7   
A1AB3 N3    C6     doub Y N 8   
A1AB3 C6    C7     sing N N 9   
A1AB3 C7    C8     doub Y N 10  
A1AB3 C8    C9     sing Y N 11  
A1AB3 C9    C10    doub Y N 12  
A1AB3 C10   C11    sing N N 13  
A1AB3 C11   C12    doub Y N 14  
A1AB3 C12   C13    sing Y N 15  
A1AB3 C13   C14    doub Y N 16  
A1AB3 C14   C15    sing N N 17  
A1AB3 C15   N4     sing N N 18  
A1AB3 C15   N5     doub N N 19  
A1AB3 C14   S1     sing Y N 20  
A1AB3 C10   O1     sing Y N 21  
A1AB3 C6    N6     sing Y N 22  
A1AB3 N6    C16    sing Y N 23  
A1AB3 C16   C17    doub Y N 24  
A1AB3 C2    C17    sing Y N 25  
A1AB3 C5    C16    sing Y N 26  
A1AB3 C7    O1     sing Y N 27  
A1AB3 C11   S1     sing Y N 28  
A1AB3 C4    H6     sing N N 29  
A1AB3 C3    H5     sing N N 30  
A1AB3 C12   H9     sing N N 31  
A1AB3 C13   H10    sing N N 32  
A1AB3 C8    H7     sing N N 33  
A1AB3 C9    H8     sing N N 34  
A1AB3 C17   H16    sing N N 35  
A1AB3 N1    H2     sing N N 36  
A1AB3 N1    H1     sing N N 37  
A1AB3 N2    H4     sing N N 38  
A1AB3 N4    H12    sing N N 39  
A1AB3 N4    H11    sing N N 40  
A1AB3 N5    H13    sing N N 41  
A1AB3 N6    H15    sing N N 42  
DA    OP3   P      sing N N 43  
DA    OP3   HOP3   sing N N 44  
DA    P     OP1    doub N N 45  
DA    P     OP2    sing N N 46  
DA    P     "O5'"  sing N N 47  
DA    OP2   HOP2   sing N N 48  
DA    "O5'" "C5'"  sing N N 49  
DA    "C5'" "C4'"  sing N N 50  
DA    "C5'" "H5'"  sing N N 51  
DA    "C5'" "H5''" sing N N 52  
DA    "C4'" "O4'"  sing N N 53  
DA    "C4'" "C3'"  sing N N 54  
DA    "C4'" "H4'"  sing N N 55  
DA    "O4'" "C1'"  sing N N 56  
DA    "C3'" "O3'"  sing N N 57  
DA    "C3'" "C2'"  sing N N 58  
DA    "C3'" "H3'"  sing N N 59  
DA    "O3'" "HO3'" sing N N 60  
DA    "C2'" "C1'"  sing N N 61  
DA    "C2'" "H2'"  sing N N 62  
DA    "C2'" "H2''" sing N N 63  
DA    "C1'" N9     sing N N 64  
DA    "C1'" "H1'"  sing N N 65  
DA    N9    C8     sing Y N 66  
DA    N9    C4     sing Y N 67  
DA    C8    N7     doub Y N 68  
DA    C8    H8     sing N N 69  
DA    N7    C5     sing Y N 70  
DA    C5    C6     sing Y N 71  
DA    C5    C4     doub Y N 72  
DA    C6    N6     sing N N 73  
DA    C6    N1     doub Y N 74  
DA    N6    H61    sing N N 75  
DA    N6    H62    sing N N 76  
DA    N1    C2     sing Y N 77  
DA    C2    N3     doub Y N 78  
DA    C2    H2     sing N N 79  
DA    N3    C4     sing Y N 80  
DC    OP3   P      sing N N 81  
DC    OP3   HOP3   sing N N 82  
DC    P     OP1    doub N N 83  
DC    P     OP2    sing N N 84  
DC    P     "O5'"  sing N N 85  
DC    OP2   HOP2   sing N N 86  
DC    "O5'" "C5'"  sing N N 87  
DC    "C5'" "C4'"  sing N N 88  
DC    "C5'" "H5'"  sing N N 89  
DC    "C5'" "H5''" sing N N 90  
DC    "C4'" "O4'"  sing N N 91  
DC    "C4'" "C3'"  sing N N 92  
DC    "C4'" "H4'"  sing N N 93  
DC    "O4'" "C1'"  sing N N 94  
DC    "C3'" "O3'"  sing N N 95  
DC    "C3'" "C2'"  sing N N 96  
DC    "C3'" "H3'"  sing N N 97  
DC    "O3'" "HO3'" sing N N 98  
DC    "C2'" "C1'"  sing N N 99  
DC    "C2'" "H2'"  sing N N 100 
DC    "C2'" "H2''" sing N N 101 
DC    "C1'" N1     sing N N 102 
DC    "C1'" "H1'"  sing N N 103 
DC    N1    C2     sing N N 104 
DC    N1    C6     sing N N 105 
DC    C2    O2     doub N N 106 
DC    C2    N3     sing N N 107 
DC    N3    C4     doub N N 108 
DC    C4    N4     sing N N 109 
DC    C4    C5     sing N N 110 
DC    N4    H41    sing N N 111 
DC    N4    H42    sing N N 112 
DC    C5    C6     doub N N 113 
DC    C5    H5     sing N N 114 
DC    C6    H6     sing N N 115 
DG    OP3   P      sing N N 116 
DG    OP3   HOP3   sing N N 117 
DG    P     OP1    doub N N 118 
DG    P     OP2    sing N N 119 
DG    P     "O5'"  sing N N 120 
DG    OP2   HOP2   sing N N 121 
DG    "O5'" "C5'"  sing N N 122 
DG    "C5'" "C4'"  sing N N 123 
DG    "C5'" "H5'"  sing N N 124 
DG    "C5'" "H5''" sing N N 125 
DG    "C4'" "O4'"  sing N N 126 
DG    "C4'" "C3'"  sing N N 127 
DG    "C4'" "H4'"  sing N N 128 
DG    "O4'" "C1'"  sing N N 129 
DG    "C3'" "O3'"  sing N N 130 
DG    "C3'" "C2'"  sing N N 131 
DG    "C3'" "H3'"  sing N N 132 
DG    "O3'" "HO3'" sing N N 133 
DG    "C2'" "C1'"  sing N N 134 
DG    "C2'" "H2'"  sing N N 135 
DG    "C2'" "H2''" sing N N 136 
DG    "C1'" N9     sing N N 137 
DG    "C1'" "H1'"  sing N N 138 
DG    N9    C8     sing Y N 139 
DG    N9    C4     sing Y N 140 
DG    C8    N7     doub Y N 141 
DG    C8    H8     sing N N 142 
DG    N7    C5     sing Y N 143 
DG    C5    C6     sing N N 144 
DG    C5    C4     doub Y N 145 
DG    C6    O6     doub N N 146 
DG    C6    N1     sing N N 147 
DG    N1    C2     sing N N 148 
DG    N1    H1     sing N N 149 
DG    C2    N2     sing N N 150 
DG    C2    N3     doub N N 151 
DG    N2    H21    sing N N 152 
DG    N2    H22    sing N N 153 
DG    N3    C4     sing N N 154 
DT    OP3   P      sing N N 155 
DT    OP3   HOP3   sing N N 156 
DT    P     OP1    doub N N 157 
DT    P     OP2    sing N N 158 
DT    P     "O5'"  sing N N 159 
DT    OP2   HOP2   sing N N 160 
DT    "O5'" "C5'"  sing N N 161 
DT    "C5'" "C4'"  sing N N 162 
DT    "C5'" "H5'"  sing N N 163 
DT    "C5'" "H5''" sing N N 164 
DT    "C4'" "O4'"  sing N N 165 
DT    "C4'" "C3'"  sing N N 166 
DT    "C4'" "H4'"  sing N N 167 
DT    "O4'" "C1'"  sing N N 168 
DT    "C3'" "O3'"  sing N N 169 
DT    "C3'" "C2'"  sing N N 170 
DT    "C3'" "H3'"  sing N N 171 
DT    "O3'" "HO3'" sing N N 172 
DT    "C2'" "C1'"  sing N N 173 
DT    "C2'" "H2'"  sing N N 174 
DT    "C2'" "H2''" sing N N 175 
DT    "C1'" N1     sing N N 176 
DT    "C1'" "H1'"  sing N N 177 
DT    N1    C2     sing N N 178 
DT    N1    C6     sing N N 179 
DT    C2    O2     doub N N 180 
DT    C2    N3     sing N N 181 
DT    N3    C4     sing N N 182 
DT    N3    H3     sing N N 183 
DT    C4    O4     doub N N 184 
DT    C4    C5     sing N N 185 
DT    C5    C7     sing N N 186 
DT    C5    C6     doub N N 187 
DT    C7    H71    sing N N 188 
DT    C7    H72    sing N N 189 
DT    C7    H73    sing N N 190 
DT    C6    H6     sing N N 191 
HOH   O     H1     sing N N 192 
HOH   O     H2     sing N N 193 
# 
_ndb_struct_conf_na.entry_id   8VIU 
_ndb_struct_conf_na.feature    'b-form double helix' 
# 
loop_
_ndb_struct_na_base_pair.model_number 
_ndb_struct_na_base_pair.i_label_asym_id 
_ndb_struct_na_base_pair.i_label_comp_id 
_ndb_struct_na_base_pair.i_label_seq_id 
_ndb_struct_na_base_pair.i_symmetry 
_ndb_struct_na_base_pair.j_label_asym_id 
_ndb_struct_na_base_pair.j_label_comp_id 
_ndb_struct_na_base_pair.j_label_seq_id 
_ndb_struct_na_base_pair.j_symmetry 
_ndb_struct_na_base_pair.shear 
_ndb_struct_na_base_pair.stretch 
_ndb_struct_na_base_pair.stagger 
_ndb_struct_na_base_pair.buckle 
_ndb_struct_na_base_pair.propeller 
_ndb_struct_na_base_pair.opening 
_ndb_struct_na_base_pair.pair_number 
_ndb_struct_na_base_pair.pair_name 
_ndb_struct_na_base_pair.i_auth_asym_id 
_ndb_struct_na_base_pair.i_auth_seq_id 
_ndb_struct_na_base_pair.i_PDB_ins_code 
_ndb_struct_na_base_pair.j_auth_asym_id 
_ndb_struct_na_base_pair.j_auth_seq_id 
_ndb_struct_na_base_pair.j_PDB_ins_code 
_ndb_struct_na_base_pair.hbond_type_28 
_ndb_struct_na_base_pair.hbond_type_12 
1 A DG 1  1_555 A DC 16 17_435 -0.214 -0.140 -0.104 0.274   -8.846  0.241  1  A_DG1:DC16_A A 1  ? A 16 ? 19 1 
1 A DC 2  1_555 A DG 15 17_435 0.168  -0.143 0.382  -7.975  -14.827 -2.204 2  A_DC2:DG15_A A 2  ? A 15 ? 19 1 
1 A DT 3  1_555 A DA 14 17_435 -0.058 -0.081 0.052  -5.506  -16.779 0.885  3  A_DT3:DA14_A A 3  ? A 14 ? 20 1 
1 A DG 4  1_555 A DC 13 17_435 -0.146 -0.134 -0.288 -12.412 -6.082  -2.710 4  A_DG4:DC13_A A 4  ? A 13 ? 19 1 
1 A DC 5  1_555 A DG 12 17_435 0.326  -0.088 0.007  -0.536  -2.451  0.933  5  A_DC5:DG12_A A 5  ? A 12 ? 19 1 
1 A DG 6  1_555 A DC 11 17_435 0.073  -0.093 0.240  -6.081  -16.194 -1.333 6  A_DG6:DC11_A A 6  ? A 11 ? 19 1 
1 A DT 7  1_555 A DA 10 17_435 -0.301 -0.166 0.317  -12.417 -11.984 -1.861 7  A_DT7:DA10_A A 7  ? A 10 ? 20 1 
1 A DT 8  1_555 A DA 9  17_435 -0.186 -0.163 -0.095 -7.389  -10.267 0.201  8  A_DT8:DA9_A  A 8  ? A 9  ? 20 1 
1 A DA 9  1_555 A DT 8  17_435 0.186  -0.163 -0.095 7.389   -10.267 0.201  9  A_DA9:DT8_A  A 9  ? A 8  ? 20 1 
1 A DA 10 1_555 A DT 7  17_435 0.301  -0.166 0.317  12.417  -11.984 -1.861 10 A_DA10:DT7_A A 10 ? A 7  ? 20 1 
1 A DC 11 1_555 A DG 6  17_435 -0.073 -0.093 0.240  6.081   -16.194 -1.333 11 A_DC11:DG6_A A 11 ? A 6  ? 19 1 
1 A DG 12 1_555 A DC 5  17_435 -0.326 -0.088 0.007  0.536   -2.451  0.933  12 A_DG12:DC5_A A 12 ? A 5  ? 19 1 
1 A DC 13 1_555 A DG 4  17_435 0.146  -0.134 -0.288 12.412  -6.082  -2.710 13 A_DC13:DG4_A A 13 ? A 4  ? 19 1 
1 A DA 14 1_555 A DT 3  17_435 0.058  -0.081 0.052  5.506   -16.779 0.885  14 A_DA14:DT3_A A 14 ? A 3  ? 20 1 
1 A DG 15 1_555 A DC 2  17_435 -0.168 -0.143 0.382  7.975   -14.827 -2.204 15 A_DG15:DC2_A A 15 ? A 2  ? 19 1 
1 A DC 16 1_555 A DG 1  17_435 0.214  -0.140 -0.104 -0.274  -8.846  0.241  16 A_DC16:DG1_A A 16 ? A 1  ? 19 1 
# 
loop_
_ndb_struct_na_base_pair_step.model_number 
_ndb_struct_na_base_pair_step.i_label_asym_id_1 
_ndb_struct_na_base_pair_step.i_label_comp_id_1 
_ndb_struct_na_base_pair_step.i_label_seq_id_1 
_ndb_struct_na_base_pair_step.i_symmetry_1 
_ndb_struct_na_base_pair_step.j_label_asym_id_1 
_ndb_struct_na_base_pair_step.j_label_comp_id_1 
_ndb_struct_na_base_pair_step.j_label_seq_id_1 
_ndb_struct_na_base_pair_step.j_symmetry_1 
_ndb_struct_na_base_pair_step.i_label_asym_id_2 
_ndb_struct_na_base_pair_step.i_label_comp_id_2 
_ndb_struct_na_base_pair_step.i_label_seq_id_2 
_ndb_struct_na_base_pair_step.i_symmetry_2 
_ndb_struct_na_base_pair_step.j_label_asym_id_2 
_ndb_struct_na_base_pair_step.j_label_comp_id_2 
_ndb_struct_na_base_pair_step.j_label_seq_id_2 
_ndb_struct_na_base_pair_step.j_symmetry_2 
_ndb_struct_na_base_pair_step.shift 
_ndb_struct_na_base_pair_step.slide 
_ndb_struct_na_base_pair_step.rise 
_ndb_struct_na_base_pair_step.tilt 
_ndb_struct_na_base_pair_step.roll 
_ndb_struct_na_base_pair_step.twist 
_ndb_struct_na_base_pair_step.x_displacement 
_ndb_struct_na_base_pair_step.y_displacement 
_ndb_struct_na_base_pair_step.helical_rise 
_ndb_struct_na_base_pair_step.inclination 
_ndb_struct_na_base_pair_step.tip 
_ndb_struct_na_base_pair_step.helical_twist 
_ndb_struct_na_base_pair_step.step_number 
_ndb_struct_na_base_pair_step.step_name 
_ndb_struct_na_base_pair_step.i_auth_asym_id_1 
_ndb_struct_na_base_pair_step.i_auth_seq_id_1 
_ndb_struct_na_base_pair_step.i_PDB_ins_code_1 
_ndb_struct_na_base_pair_step.j_auth_asym_id_1 
_ndb_struct_na_base_pair_step.j_auth_seq_id_1 
_ndb_struct_na_base_pair_step.j_PDB_ins_code_1 
_ndb_struct_na_base_pair_step.i_auth_asym_id_2 
_ndb_struct_na_base_pair_step.i_auth_seq_id_2 
_ndb_struct_na_base_pair_step.i_PDB_ins_code_2 
_ndb_struct_na_base_pair_step.j_auth_asym_id_2 
_ndb_struct_na_base_pair_step.j_auth_seq_id_2 
_ndb_struct_na_base_pair_step.j_PDB_ins_code_2 
1 A DG 1  1_555 A DC 16 17_435 A DC 2  1_555 A DG 15 17_435 -1.074 -0.463 3.402 -5.471 -2.164 34.768 -0.422 0.905  3.546 -3.590 
9.076  35.247 1  AA_DG1DC2:DG15DC16_AA A 1  ? A 16 ? A 2  ? A 15 ? 
1 A DC 2  1_555 A DG 15 17_435 A DT 3  1_555 A DA 14 17_435 -0.541 -0.128 3.248 2.724  6.537  28.322 -1.652 1.656  3.077 13.103 
-5.461 29.176 2  AA_DC2DT3:DA14DG15_AA A 2  ? A 15 ? A 3  ? A 14 ? 
1 A DT 3  1_555 A DA 14 17_435 A DG 4  1_555 A DC 13 17_435 0.317  1.001  3.562 1.784  4.529  42.974 0.869  -0.237 3.654 6.158  
-2.425 43.236 3  AA_DT3DG4:DC13DA14_AA A 3  ? A 14 ? A 4  ? A 13 ? 
1 A DG 4  1_555 A DC 13 17_435 A DC 5  1_555 A DG 12 17_435 0.311  -0.055 3.059 -2.115 5.883  23.663 -1.831 -1.345 2.921 14.034 
5.046  24.464 4  AA_DG4DC5:DG12DC13_AA A 4  ? A 13 ? A 5  ? A 12 ? 
1 A DC 5  1_555 A DG 12 17_435 A DG 6  1_555 A DC 11 17_435 -1.280 0.893  3.510 -6.118 0.456  40.590 1.219  1.091  3.666 0.653  
8.758  41.032 5  AA_DC5DG6:DC11DG12_AA A 5  ? A 12 ? A 6  ? A 11 ? 
1 A DG 6  1_555 A DC 11 17_435 A DT 7  1_555 A DA 10 17_435 0.267  0.308  3.508 -0.481 -1.831 34.413 0.825  -0.530 3.484 -3.093 
0.812  34.464 6  AA_DG6DT7:DA10DC11_AA A 6  ? A 11 ? A 7  ? A 10 ? 
1 A DT 7  1_555 A DA 10 17_435 A DT 8  1_555 A DA 9  17_435 0.234  0.300  3.279 3.210  5.682  30.533 -0.538 0.184  3.287 10.637 
-6.010 31.207 7  AA_DT7DT8:DA9DA10_AA  A 7  ? A 10 ? A 8  ? A 9  ? 
1 A DT 8  1_555 A DA 9  17_435 A DA 9  1_555 A DT 8  17_435 0.000  1.377  3.130 0.000  -0.653 37.791 2.206  0.000  3.107 -1.009 
0.000  37.796 8  AA_DT8DA9:DT8DA9_AA   A 8  ? A 9  ? A 9  ? A 8  ? 
1 A DA 9  1_555 A DT 8  17_435 A DA 10 1_555 A DT 7  17_435 -0.234 0.300  3.279 -3.210 5.682  30.533 -0.538 -0.184 3.287 10.637 
6.010  31.207 9  AA_DA9DA10:DT7DT8_AA  A 9  ? A 8  ? A 10 ? A 7  ? 
1 A DA 10 1_555 A DT 7  17_435 A DC 11 1_555 A DG 6  17_435 -0.267 0.308  3.508 0.481  -1.831 34.413 0.825  0.530  3.484 -3.093 
-0.812 34.464 10 AA_DA10DC11:DG6DT7_AA A 10 ? A 7  ? A 11 ? A 6  ? 
1 A DC 11 1_555 A DG 6  17_435 A DG 12 1_555 A DC 5  17_435 1.280  0.893  3.510 6.118  0.456  40.590 1.219  -1.091 3.666 0.653  
-8.758 41.032 11 AA_DC11DG12:DC5DG6_AA A 11 ? A 6  ? A 12 ? A 5  ? 
1 A DG 12 1_555 A DC 5  17_435 A DC 13 1_555 A DG 4  17_435 -0.311 -0.055 3.059 2.115  5.883  23.663 -1.831 1.345  2.921 14.034 
-5.046 24.464 12 AA_DG12DC13:DG4DC5_AA A 12 ? A 5  ? A 13 ? A 4  ? 
1 A DC 13 1_555 A DG 4  17_435 A DA 14 1_555 A DT 3  17_435 -0.317 1.001  3.562 -1.784 4.529  42.974 0.869  0.237  3.654 6.158  
2.425  43.236 13 AA_DC13DA14:DT3DG4_AA A 13 ? A 4  ? A 14 ? A 3  ? 
1 A DA 14 1_555 A DT 3  17_435 A DG 15 1_555 A DC 2  17_435 0.541  -0.128 3.248 -2.724 6.537  28.322 -1.652 -1.656 3.077 13.103 
5.461  29.176 14 AA_DA14DG15:DC2DT3_AA A 14 ? A 3  ? A 15 ? A 2  ? 
1 A DG 15 1_555 A DC 2  17_435 A DC 16 1_555 A DG 1  17_435 1.074  -0.463 3.402 5.471  -2.164 34.768 -0.422 -0.905 3.546 -3.590 
-9.076 35.247 15 AA_DG15DC16:DG1DC2_AA A 15 ? A 2  ? A 16 ? A 1  ? 
# 
_pdbx_audit_support.funding_organization   
'National Institutes of Health/National Institute of General Medical Sciences (NIH/NIGMS)' 
_pdbx_audit_support.country                'United States' 
_pdbx_audit_support.grant_number           GM111749 
_pdbx_audit_support.ordinal                1 
# 
_pdbx_initial_refinement_model.id               1 
_pdbx_initial_refinement_model.entity_id_list   ? 
_pdbx_initial_refinement_model.type             'experimental model' 
_pdbx_initial_refinement_model.source_name      PDB 
_pdbx_initial_refinement_model.accession_code   8V4T 
_pdbx_initial_refinement_model.details          ? 
# 
_space_group.name_H-M_alt     'R 3 2 :H' 
_space_group.name_Hall        
;R 3 2"
;
_space_group.IT_number        155 
_space_group.crystal_system   trigonal 
_space_group.id               1 
# 
_atom_sites.entry_id                    8VIU 
_atom_sites.Cartn_transf_matrix[1][1]   ? 
_atom_sites.Cartn_transf_matrix[1][2]   ? 
_atom_sites.Cartn_transf_matrix[1][3]   ? 
_atom_sites.Cartn_transf_matrix[2][1]   ? 
_atom_sites.Cartn_transf_matrix[2][2]   ? 
_atom_sites.Cartn_transf_matrix[2][3]   ? 
_atom_sites.Cartn_transf_matrix[3][1]   ? 
_atom_sites.Cartn_transf_matrix[3][2]   ? 
_atom_sites.Cartn_transf_matrix[3][3]   ? 
_atom_sites.Cartn_transf_vector[1]      ? 
_atom_sites.Cartn_transf_vector[2]      ? 
_atom_sites.Cartn_transf_vector[3]      ? 
_atom_sites.Cartn_transform_axes        ? 
_atom_sites.fract_transf_matrix[1][1]   -0.01803621 
_atom_sites.fract_transf_matrix[1][2]   0.02280290 
_atom_sites.fract_transf_matrix[1][3]   -0.00784540 
_atom_sites.fract_transf_matrix[2][1]   0.01116511 
_atom_sites.fract_transf_matrix[2][2]   0.02349702 
_atom_sites.fract_transf_matrix[2][3]   -0.01516651 
_atom_sites.fract_transf_matrix[3][1]   -0.00126822 
_atom_sites.fract_transf_matrix[3][2]   -0.00283600 
_atom_sites.fract_transf_matrix[3][3]   -0.00532735 
_atom_sites.fract_transf_vector[1]      -0.602995 
_atom_sites.fract_transf_vector[2]      -0.634129 
_atom_sites.fract_transf_vector[3]      0.334734 
_atom_sites.solution_primary            ? 
_atom_sites.solution_secondary          ? 
_atom_sites.solution_hydrogens          ? 
_atom_sites.special_details             ? 
# 
loop_
_atom_type.symbol 
_atom_type.scat_dispersion_real 
_atom_type.scat_dispersion_imag 
_atom_type.scat_Cromer_Mann_a1 
_atom_type.scat_Cromer_Mann_a2 
_atom_type.scat_Cromer_Mann_a3 
_atom_type.scat_Cromer_Mann_a4 
_atom_type.scat_Cromer_Mann_b1 
_atom_type.scat_Cromer_Mann_b2 
_atom_type.scat_Cromer_Mann_b3 
_atom_type.scat_Cromer_Mann_b4 
_atom_type.scat_Cromer_Mann_c 
_atom_type.scat_source 
_atom_type.scat_dispersion_source 
C   ? ? 3.54356  2.42580 ? ? 25.62398 1.50364  ? ? 0.0 
;2-Gaussian fit: Grosse-Kunstleve RW, Sauter NK, Adams PD: Newsletter of the IUCr Commission on Crystallographic Computing 2004, 3, 22-31.
;
? 
CA  ? ? 16.26893 3.65395 ? ? 3.58509  77.28589 ? ? 0.0 
;2-Gaussian fit: Grosse-Kunstleve RW, Sauter NK, Adams PD: Newsletter of the IUCr Commission on Crystallographic Computing 2004, 3, 22-31.
;
? 
H   ? ? 0.51345  0.48472 ? ? 24.73122 6.32584  ? ? 0.0 
;2-Gaussian fit: Grosse-Kunstleve RW, Sauter NK, Adams PD: Newsletter of the IUCr Commission on Crystallographic Computing 2004, 3, 22-31.
;
? 
N   ? ? 4.01032  2.96436 ? ? 19.97189 1.75589  ? ? 0.0 
;2-Gaussian fit: Grosse-Kunstleve RW, Sauter NK, Adams PD: Newsletter of the IUCr Commission on Crystallographic Computing 2004, 3, 22-31.
;
? 
O   ? ? 4.49882  3.47563 ? ? 15.80542 1.70748  ? ? 0.0 
;2-Gaussian fit: Grosse-Kunstleve RW, Sauter NK, Adams PD: Newsletter of the IUCr Commission on Crystallographic Computing 2004, 3, 22-31.
;
? 
O1- ? ? 5.12366  3.84317 ? ? 3.49406  27.47979 ? ? 0.0 
;2-Gaussian fit: Grosse-Kunstleve RW, Sauter NK, Adams PD: Newsletter of the IUCr Commission on Crystallographic Computing 2004, 3, 22-31.
;
? 
P   ? ? 9.51135  5.44231 ? ? 1.42069  35.72801 ? ? 0.0 
;2-Gaussian fit: Grosse-Kunstleve RW, Sauter NK, Adams PD: Newsletter of the IUCr Commission on Crystallographic Computing 2004, 3, 22-31.
;
? 
S   ? ? 9.55732  6.39887 ? ? 1.23737  29.19336 ? ? 0.0 
;2-Gaussian fit: Grosse-Kunstleve RW, Sauter NK, Adams PD: Newsletter of the IUCr Commission on Crystallographic Computing 2004, 3, 22-31.
;
? 
# 
loop_
_atom_site.group_PDB 
_atom_site.id 
_atom_site.type_symbol 
_atom_site.label_atom_id 
_atom_site.label_alt_id 
_atom_site.label_comp_id 
_atom_site.label_asym_id 
_atom_site.label_entity_id 
_atom_site.label_seq_id 
_atom_site.pdbx_PDB_ins_code 
_atom_site.Cartn_x 
_atom_site.Cartn_y 
_atom_site.Cartn_z 
_atom_site.occupancy 
_atom_site.B_iso_or_equiv 
_atom_site.pdbx_formal_charge 
_atom_site.auth_seq_id 
_atom_site.auth_comp_id 
_atom_site.auth_asym_id 
_atom_site.auth_atom_id 
_atom_site.pdbx_PDB_model_num 
ATOM   1   O  "O5'"  . DG    A 1 1  ? 3.86112   -14.52234 -24.00767 1.000 44.68133 ? 1   DG    A "O5'"  1 
ATOM   2   C  "C5'"  . DG    A 1 1  ? 4.32756   -13.47860 -23.19253 1.000 24.27625 ? 1   DG    A "C5'"  1 
ATOM   3   C  "C4'"  . DG    A 1 1  ? 3.78850   -12.14548 -23.63306 1.000 21.26373 ? 1   DG    A "C4'"  1 
ATOM   4   O  "O4'"  . DG    A 1 1  ? 2.34330   -12.15709 -23.63981 1.000 18.07085 ? 1   DG    A "O4'"  1 
ATOM   5   C  "C3'"  . DG    A 1 1  ? 4.12082   -10.99183 -22.70123 1.000 17.04381 ? 1   DG    A "C3'"  1 
ATOM   6   O  "O3'"  . DG    A 1 1  ? 4.11863   -9.74207  -23.45219 1.000 17.90325 ? 1   DG    A "O3'"  1 
ATOM   7   C  "C2'"  . DG    A 1 1  ? 3.04432   -11.08616 -21.64465 1.000 17.39122 ? 1   DG    A "C2'"  1 
ATOM   8   C  "C1'"  . DG    A 1 1  ? 1.84384   -11.47273 -22.48332 1.000 17.87490 ? 1   DG    A "C1'"  1 
ATOM   9   N  N9     . DG    A 1 1  ? 0.87664   -12.35589 -21.84328 1.000 16.64247 ? 1   DG    A N9     1 
ATOM   10  C  C8     . DG    A 1 1  ? 1.11867   -13.53185 -21.18740 1.000 17.96284 ? 1   DG    A C8     1 
ATOM   11  N  N7     . DG    A 1 1  ? 0.04836   -14.11650 -20.75194 1.000 18.56816 ? 1   DG    A N7     1 
ATOM   12  C  C5     . DG    A 1 1  ? -0.99833  -13.29706 -21.21059 1.000 15.20953 ? 1   DG    A C5     1 
ATOM   13  C  C6     . DG    A 1 1  ? -2.38547  -13.40173 -21.03117 1.000 15.68726 ? 1   DG    A C6     1 
ATOM   14  O  O6     . DG    A 1 1  ? -3.01705  -14.28793 -20.45489 1.000 18.13051 ? 1   DG    A O6     1 
ATOM   15  N  N1     . DG    A 1 1  ? -3.06309  -12.30005 -21.61964 1.000 14.11708 ? 1   DG    A N1     1 
ATOM   16  C  C2     . DG    A 1 1  ? -2.47454  -11.29268 -22.25212 1.000 14.51307 ? 1   DG    A C2     1 
ATOM   17  N  N2     . DG    A 1 1  ? -3.28271  -10.36397 -22.75445 1.000 14.59914 ? 1   DG    A N2     1 
ATOM   18  N  N3     . DG    A 1 1  ? -1.17283  -11.20455 -22.44619 1.000 12.71969 ? 1   DG    A N3     1 
ATOM   19  C  C4     . DG    A 1 1  ? -0.48827  -12.22453 -21.88994 1.000 12.94378 ? 1   DG    A C4     1 
ATOM   20  H  "H5'"  . DG    A 1 1  ? 5.29655   -13.45620 -23.23103 1.000 29.20180 ? 1   DG    A "H5'"  1 
ATOM   21  H  "H5''" . DG    A 1 1  ? 4.05162   -13.64453 -22.27753 1.000 29.20180 ? 1   DG    A "H5''" 1 
ATOM   22  H  "H4'"  . DG    A 1 1  ? 4.11616   -11.97552 -24.53008 1.000 25.58677 ? 1   DG    A "H4'"  1 
ATOM   23  H  "H3'"  . DG    A 1 1  ? 4.98213   -11.11291 -22.27183 1.000 20.52286 ? 1   DG    A "H3'"  1 
ATOM   24  H  "H2'"  . DG    A 1 1  ? 3.25139   -11.76411 -20.98252 1.000 20.93976 ? 1   DG    A "H2'"  1 
ATOM   25  H  "H2''" . DG    A 1 1  ? 2.90851   -10.23718 -21.19554 1.000 20.93976 ? 1   DG    A "H2''" 1 
ATOM   26  H  "H1'"  . DG    A 1 1  ? 1.39705   -10.64986 -22.73664 1.000 21.52018 ? 1   DG    A "H1'"  1 
ATOM   27  H  H8     . DG    A 1 1  ? 1.97272   -13.87920 -21.06555 1.000 21.62571 ? 1   DG    A H8     1 
ATOM   28  H  H1     . DG    A 1 1  ? -3.92099  -12.28494 -21.56143 1.000 17.01080 ? 1   DG    A H1     1 
ATOM   29  H  H21    . DG    A 1 1  ? -2.95640  -9.70787  -23.20463 1.000 17.58926 ? 1   DG    A H21    1 
ATOM   30  H  H22    . DG    A 1 1  ? -4.13173  -10.41939 -22.62918 1.000 17.58926 ? 1   DG    A H22    1 
ATOM   31  H  "HO5'" . DG    A 1 1  ? 3.09604   -14.48355 -24.34597 1.000 53.68790 ? 1   DG    A "HO5'" 1 
ATOM   32  P  P      . DC    A 1 2  ? 4.52803   -8.37399  -22.78467 1.000 17.59182 ? 2   DC    A P      1 
ATOM   33  O  OP1    . DC    A 1 2  ? 5.32505   -7.62466  -23.85416 1.000 17.07589 ? 2   DC    A OP1    1 
ATOM   34  O  OP2    . DC    A 1 2  ? 5.15312   -8.53127  -21.46520 1.000 19.97587 ? 2   DC    A OP2    1 
ATOM   35  O  "O5'"  . DC    A 1 2  ? 3.14790   -7.62562  -22.55867 1.000 18.81983 ? 2   DC    A "O5'"  1 
ATOM   36  C  "C5'"  . DC    A 1 2  ? 2.46472   -7.08919  -23.66627 1.000 22.59860 ? 2   DC    A "C5'"  1 
ATOM   37  C  "C4'"  . DC    A 1 2  ? 1.17314   -6.49466  -23.19723 1.000 17.07056 ? 2   DC    A "C4'"  1 
ATOM   38  O  "O4'"  . DC    A 1 2  ? 0.34094   -7.56307  -22.72913 1.000 17.93548 ? 2   DC    A "O4'"  1 
ATOM   39  C  "C3'"  . DC    A 1 2  ? 1.33470   -5.52296  -22.05850 1.000 22.75957 ? 2   DC    A "C3'"  1 
ATOM   40  O  "O3'"  . DC    A 1 2  ? 1.04948   -4.18514  -22.47243 1.000 27.63274 ? 2   DC    A "O3'"  1 
ATOM   41  C  "C2'"  . DC    A 1 2  ? 0.37357   -5.97381  -20.99653 1.000 29.48635 ? 2   DC    A "C2'"  1 
ATOM   42  C  "C1'"  . DC    A 1 2  ? -0.42776  -7.08134  -21.63239 1.000 23.09211 ? 2   DC    A "C1'"  1 
ATOM   43  N  N1     . DC    A 1 2  ? -0.66607  -8.19132  -20.75396 1.000 21.18732 ? 2   DC    A N1     1 
ATOM   44  C  C2     . DC    A 1 2  ? -1.95260  -8.44295  -20.29122 1.000 16.76523 ? 2   DC    A C2     1 
ATOM   45  O  O2     . DC    A 1 2  ? -2.87616  -7.69018  -20.69078 1.000 17.71326 ? 2   DC    A O2     1 
ATOM   46  N  N3     . DC    A 1 2  ? -2.14533  -9.45822  -19.45061 1.000 16.05643 ? 2   DC    A N3     1 
ATOM   47  C  C4     . DC    A 1 2  ? -1.14998  -10.23454 -19.05836 1.000 15.15215 ? 2   DC    A C4     1 
ATOM   48  N  N4     . DC    A 1 2  ? -1.42512  -11.26921 -18.31520 1.000 15.58325 ? 2   DC    A N4     1 
ATOM   49  C  C5     . DC    A 1 2  ? 0.17925   -9.97530  -19.48167 1.000 16.72296 ? 2   DC    A C5     1 
ATOM   50  C  C6     . DC    A 1 2  ? 0.38219   -8.94845  -20.28950 1.000 18.09307 ? 2   DC    A C6     1 
ATOM   51  H  "H5'"  . DC    A 1 2  ? 2.28701   -7.79035  -24.31258 1.000 27.18861 ? 2   DC    A "H5'"  1 
ATOM   52  H  "H5''" . DC    A 1 2  ? 3.00785   -6.40352  -24.08552 1.000 27.18861 ? 2   DC    A "H5''" 1 
ATOM   53  H  "H4'"  . DC    A 1 2  ? 0.71048   -6.04112  -23.91915 1.000 20.55497 ? 2   DC    A "H4'"  1 
ATOM   54  H  "H3'"  . DC    A 1 2  ? 2.24330   -5.60786  -21.72964 1.000 27.38178 ? 2   DC    A "H3'"  1 
ATOM   55  H  "H2'"  . DC    A 1 2  ? 0.85202   -6.30090  -20.21872 1.000 35.45391 ? 2   DC    A "H2'"  1 
ATOM   56  H  "H2''" . DC    A 1 2  ? -0.20558  -5.24381  -20.72712 1.000 35.45391 ? 2   DC    A "H2''" 1 
ATOM   57  H  "H1'"  . DC    A 1 2  ? -1.26961  -6.71985  -21.95102 1.000 27.78083 ? 2   DC    A "H1'"  1 
ATOM   58  H  H41    . DC    A 1 2  ? -0.79277  -11.78765 -18.04881 1.000 18.77020 ? 2   DC    A H41    1 
ATOM   59  H  H42    . DC    A 1 2  ? -2.23901  -11.43353 -18.09122 1.000 18.77020 ? 2   DC    A H42    1 
ATOM   60  H  H5     . DC    A 1 2  ? 0.88547   -10.51075 -19.19981 1.000 20.13785 ? 2   DC    A H5     1 
ATOM   61  H  H6     . DC    A 1 2  ? 1.24968   -8.73492  -20.54787 1.000 21.78197 ? 2   DC    A H6     1 
ATOM   62  P  P      . DT    A 1 3  ? 1.20558   -2.98572  -21.39572 1.000 37.90804 ? 3   DT    A P      1 
ATOM   63  O  OP1    . DT    A 1 3  ? 1.58290   -1.79459  -22.20615 1.000 42.07574 ? 3   DT    A OP1    1 
ATOM   64  O  OP2    . DT    A 1 3  ? 1.97158   -3.46516  -20.26830 1.000 31.43692 ? 3   DT    A OP2    1 
ATOM   65  O  "O5'"  . DT    A 1 3  ? -0.27459  -2.88171  -20.79855 1.000 23.19371 ? 3   DT    A "O5'"  1 
ATOM   66  C  "C5'"  . DT    A 1 3  ? -1.34657  -2.70514  -21.63381 1.000 20.61269 ? 3   DT    A "C5'"  1 
ATOM   67  C  "C4'"  . DT    A 1 3  ? -2.61266  -2.58636  -20.77835 1.000 20.52621 ? 3   DT    A "C4'"  1 
ATOM   68  O  "O4'"  . DT    A 1 3  ? -2.82870  -3.86599  -20.15156 1.000 20.47330 ? 3   DT    A "O4'"  1 
ATOM   69  C  "C3'"  . DT    A 1 3  ? -2.51714  -1.55505  -19.64027 1.000 25.00158 ? 3   DT    A "C3'"  1 
ATOM   70  O  "O3'"  . DT    A 1 3  ? -3.68105  -0.75474  -19.68762 1.000 22.37510 ? 3   DT    A "O3'"  1 
ATOM   71  C  "C2'"  . DT    A 1 3  ? -2.40890  -2.40789  -18.38259 1.000 19.42049 ? 3   DT    A "C2'"  1 
ATOM   72  C  "C1'"  . DT    A 1 3  ? -3.10198  -3.69159  -18.74811 1.000 19.80783 ? 3   DT    A "C1'"  1 
ATOM   73  N  N1     . DT    A 1 3  ? -2.60157  -4.89322  -18.07247 1.000 17.62593 ? 3   DT    A N1     1 
ATOM   74  C  C2     . DT    A 1 3  ? -3.48502  -5.78215  -17.46660 1.000 16.91623 ? 3   DT    A C2     1 
ATOM   75  O  O2     . DT    A 1 3  ? -4.67347  -5.59279  -17.44360 1.000 19.44446 ? 3   DT    A O2     1 
ATOM   76  N  N3     . DT    A 1 3  ? -2.93885  -6.86778  -16.92431 1.000 16.30339 ? 3   DT    A N3     1 
ATOM   77  C  C4     . DT    A 1 3  ? -1.58425  -7.20086  -16.83678 1.000 13.49737 ? 3   DT    A C4     1 
ATOM   78  O  O4     . DT    A 1 3  ? -1.21704  -8.23782  -16.35249 1.000 16.10577 ? 3   DT    A O4     1 
ATOM   79  C  C5     . DT    A 1 3  ? -0.72211  -6.26104  -17.47633 1.000 15.74509 ? 3   DT    A C5     1 
ATOM   80  C  C7     . DT    A 1 3  ? 0.76122   -6.48819  -17.45133 1.000 18.86226 ? 3   DT    A C7     1 
ATOM   81  C  C6     . DT    A 1 3  ? -1.24006  -5.18262  -18.04659 1.000 18.81325 ? 3   DT    A C6     1 
ATOM   82  H  "H5'"  . DT    A 1 3  ? -1.42463  -3.46293  -22.23429 1.000 24.80553 ? 3   DT    A "H5'"  1 
ATOM   83  H  "H5''" . DT    A 1 3  ? -1.22627  -1.89791  -22.15802 1.000 24.80553 ? 3   DT    A "H5''" 1 
ATOM   84  H  "H4'"  . DT    A 1 3  ? -3.38008  -2.35811  -21.32594 1.000 24.70175 ? 3   DT    A "H4'"  1 
ATOM   85  H  "H3'"  . DT    A 1 3  ? -1.71377  -1.01470  -19.69968 1.000 30.07220 ? 3   DT    A "H3'"  1 
ATOM   86  H  "H2'"  . DT    A 1 3  ? -1.48049  -2.56907  -18.15243 1.000 23.37489 ? 3   DT    A "H2'"  1 
ATOM   87  H  "H2''" . DT    A 1 3  ? -2.84986  -1.97752  -17.63344 1.000 23.37489 ? 3   DT    A "H2''" 1 
ATOM   88  H  "H1'"  . DT    A 1 3  ? -4.04904  -3.59843  -18.56019 1.000 23.83969 ? 3   DT    A "H1'"  1 
ATOM   89  H  H71    . DT    A 1 3  ? 1.01469   -6.82332  -16.57706 1.000 22.70500 ? 3   DT    A H71    1 
ATOM   90  H  H72    . DT    A 1 3  ? 0.99291   -7.13697  -18.13420 1.000 22.70500 ? 3   DT    A H72    1 
ATOM   91  H  H73    . DT    A 1 3  ? 1.21242   -5.64767  -17.62694 1.000 22.70500 ? 3   DT    A H73    1 
ATOM   92  H  H6     . DT    A 1 3  ? -0.65838  -4.58246  -18.45444 1.000 22.64619 ? 3   DT    A H6     1 
ATOM   93  P  P      . DG    A 1 4  ? -3.82952  0.41615   -18.60695 1.000 25.36853 ? 4   DG    A P      1 
ATOM   94  O  OP1    . DG    A 1 4  ? -4.50430  1.49886   -19.36043 1.000 32.37885 ? 4   DG    A OP1    1 
ATOM   95  O  OP2    . DG    A 1 4  ? -2.56557  0.65416   -17.93008 1.000 31.17234 ? 4   DG    A OP2    1 
ATOM   96  O  "O5'"  . DG    A 1 4  ? -4.82876  -0.17424  -17.54306 1.000 19.05747 ? 4   DG    A "O5'"  1 
ATOM   97  C  "C5'"  . DG    A 1 4  ? -6.02749  -0.72650  -17.97592 1.000 18.01068 ? 4   DG    A "C5'"  1 
ATOM   98  C  "C4'"  . DG    A 1 4  ? -6.85763  -1.12900  -16.77173 1.000 16.42949 ? 4   DG    A "C4'"  1 
ATOM   99  O  "O4'"  . DG    A 1 4  ? -6.31149  -2.28544  -16.16652 1.000 18.05095 ? 4   DG    A "O4'"  1 
ATOM   100 C  "C3'"  . DG    A 1 4  ? -6.95081  -0.10450  -15.63903 1.000 20.39877 ? 4   DG    A "C3'"  1 
ATOM   101 O  "O3'"  . DG    A 1 4  ? -8.24406  -0.21490  -15.13068 1.000 18.46510 ? 4   DG    A "O3'"  1 
ATOM   102 C  "C2'"  . DG    A 1 4  ? -5.81870  -0.50988  -14.71116 1.000 20.31484 ? 4   DG    A "C2'"  1 
ATOM   103 C  "C1'"  . DG    A 1 4  ? -5.84999  -1.99647  -14.81062 1.000 18.16253 ? 4   DG    A "C1'"  1 
ATOM   104 N  N9     . DG    A 1 4  ? -4.58728  -2.68392  -14.65127 1.000 15.46787 ? 4   DG    A N9     1 
ATOM   105 C  C8     . DG    A 1 4  ? -3.37382  -2.29502  -15.12101 1.000 21.57923 ? 4   DG    A C8     1 
ATOM   106 N  N7     . DG    A 1 4  ? -2.43729  -3.15200  -14.86284 1.000 19.11646 ? 4   DG    A N7     1 
ATOM   107 C  C5     . DG    A 1 4  ? -3.06169  -4.19418  -14.24064 1.000 16.65472 ? 4   DG    A C5     1 
ATOM   108 C  C6     . DG    A 1 4  ? -2.56184  -5.41444  -13.74537 1.000 15.97840 ? 4   DG    A C6     1 
ATOM   109 O  O6     . DG    A 1 4  ? -1.42343  -5.86440  -13.82628 1.000 19.13308 ? 4   DG    A O6     1 
ATOM   110 N  N1     . DG    A 1 4  ? -3.54955  -6.22159  -13.18795 1.000 16.36010 ? 4   DG    A N1     1 
ATOM   111 C  C2     . DG    A 1 4  ? -4.87993  -5.84860  -13.07614 1.000 14.59188 ? 4   DG    A C2     1 
ATOM   112 N  N2     . DG    A 1 4  ? -5.64375  -6.69998  -12.44635 1.000 16.52121 ? 4   DG    A N2     1 
ATOM   113 N  N3     . DG    A 1 4  ? -5.33614  -4.71707  -13.52666 1.000 15.26547 ? 4   DG    A N3     1 
ATOM   114 C  C4     . DG    A 1 4  ? -4.41140  -3.93500  -14.09924 1.000 17.58650 ? 4   DG    A C4     1 
ATOM   115 H  "H5'"  . DG    A 1 4  ? -5.84795  -1.50675  -18.52353 1.000 21.68312 ? 4   DG    A "H5'"  1 
ATOM   116 H  "H5''" . DG    A 1 4  ? -6.51445  -0.07501  -18.50445 1.000 21.68312 ? 4   DG    A "H5''" 1 
ATOM   117 H  "H4'"  . DG    A 1 4  ? -7.75300  -1.32395  -17.08989 1.000 19.78569 ? 4   DG    A "H4'"  1 
ATOM   118 H  "H3'"  . DG    A 1 4  ? -6.76248  0.81120   -15.89773 1.000 24.54881 ? 4   DG    A "H3'"  1 
ATOM   119 H  "H2'"  . DG    A 1 4  ? -4.96873  -0.15268  -15.01260 1.000 24.44810 ? 4   DG    A "H2'"  1 
ATOM   120 H  "H2''" . DG    A 1 4  ? -5.98189  -0.21230  -13.80248 1.000 24.44810 ? 4   DG    A "H2''" 1 
ATOM   121 H  "H1'"  . DG    A 1 4  ? -6.46172  -2.32001  -14.13090 1.000 21.86533 ? 4   DG    A "H1'"  1 
ATOM   122 H  H8     . DG    A 1 4  ? -3.23050  -1.49848  -15.57913 1.000 25.96537 ? 4   DG    A H8     1 
ATOM   123 H  H1     . DG    A 1 4  ? -3.32089  -6.99742  -12.89569 1.000 19.70242 ? 4   DG    A H1     1 
ATOM   124 H  H21    . DG    A 1 4  ? -6.47490  -6.51954  -12.31896 1.000 19.89574 ? 4   DG    A H21    1 
ATOM   125 H  H22    . DG    A 1 4  ? -5.31567  -7.44117  -12.15893 1.000 19.89574 ? 4   DG    A H22    1 
ATOM   126 P  P      . DC    A 1 5  ? -8.80039  0.78462   -14.02666 1.000 19.97327 ? 5   DC    A P      1 
ATOM   127 O  OP1    . DC    A 1 5  ? -10.27385 0.65799   -14.10911 1.000 26.68868 ? 5   DC    A OP1    1 
ATOM   128 O  OP2    . DC    A 1 5  ? -8.15912  2.03893   -14.06945 1.000 19.13529 ? 5   DC    A OP2    1 
ATOM   129 O  "O5'"  . DC    A 1 5  ? -8.36069  0.10729   -12.62596 1.000 17.26559 ? 5   DC    A "O5'"  1 
ATOM   130 C  "C5'"  . DC    A 1 5  ? -8.92744  -1.12123  -12.26239 1.000 16.85638 ? 5   DC    A "C5'"  1 
ATOM   131 C  "C4'"  . DC    A 1 5  ? -8.25835  -1.64740  -11.04975 1.000 15.12932 ? 5   DC    A "C4'"  1 
ATOM   132 O  "O4'"  . DC    A 1 5  ? -6.92972  -2.20320  -11.40664 1.000 16.31053 ? 5   DC    A "O4'"  1 
ATOM   133 C  "C3'"  . DC    A 1 5  ? -7.93582  -0.61229  -9.94831  1.000 14.83251 ? 5   DC    A "C3'"  1 
ATOM   134 O  "O3'"  . DC    A 1 5  ? -8.36048  -1.13548  -8.68817  1.000 18.10711 ? 5   DC    A "O3'"  1 
ATOM   135 C  "C2'"  . DC    A 1 5  ? -6.43632  -0.48443  -10.01054 1.000 15.90698 ? 5   DC    A "C2'"  1 
ATOM   136 C  "C1'"  . DC    A 1 5  ? -6.06959  -1.92363  -10.32046 1.000 18.66801 ? 5   DC    A "C1'"  1 
ATOM   137 N  N1     . DC    A 1 5  ? -4.68445  -2.17881  -10.67597 1.000 14.98677 ? 5   DC    A N1     1 
ATOM   138 C  C2     . DC    A 1 5  ? -4.15524  -3.44003  -10.37023 1.000 14.82480 ? 5   DC    A C2     1 
ATOM   139 O  O2     . DC    A 1 5  ? -4.87476  -4.27200  -9.83712  1.000 18.58446 ? 5   DC    A O2     1 
ATOM   140 N  N3     . DC    A 1 5  ? -2.86535  -3.69274  -10.67694 1.000 14.24763 ? 5   DC    A N3     1 
ATOM   141 C  C4     . DC    A 1 5  ? -2.17642  -2.76838  -11.32387 1.000 16.46118 ? 5   DC    A C4     1 
ATOM   142 N  N4     . DC    A 1 5  ? -0.88935  -3.08810  -11.61873 1.000 20.94885 ? 5   DC    A N4     1 
ATOM   143 C  C5     . DC    A 1 5  ? -2.70295  -1.53936  -11.68560 1.000 17.78561 ? 5   DC    A C5     1 
ATOM   144 C  C6     . DC    A 1 5  ? -3.96866  -1.29112  -11.36115 1.000 17.64240 ? 5   DC    A C6     1 
ATOM   145 H  "H5'"  . DC    A 1 5  ? -8.82201  -1.75390  -12.99007 1.000 20.29796 ? 5   DC    A "H5'"  1 
ATOM   146 H  "H5''" . DC    A 1 5  ? -9.87310  -1.00066  -12.08328 1.000 20.29796 ? 5   DC    A "H5''" 1 
ATOM   147 H  "H4'"  . DC    A 1 5  ? -8.82743  -2.34276  -10.68432 1.000 18.22548 ? 5   DC    A "H4'"  1 
ATOM   148 H  "H3'"  . DC    A 1 5  ? -8.34804  0.24326   -10.14583 1.000 17.86930 ? 5   DC    A "H3'"  1 
ATOM   149 H  "H2'"  . DC    A 1 5  ? -6.15235  0.12192   -10.71238 1.000 19.15868 ? 5   DC    A "H2'"  1 
ATOM   150 H  "H2''" . DC    A 1 5  ? -6.06176  -0.18792  -9.16633  1.000 19.15868 ? 5   DC    A "H2''" 1 
ATOM   151 H  "H1'"  . DC    A 1 5  ? -6.23348  -2.50470  -9.56125  1.000 22.47191 ? 5   DC    A "H1'"  1 
ATOM   152 H  H41    . DC    A 1 5  ? -0.39207  -2.52605  -12.03874 1.000 25.20892 ? 5   DC    A H41    1 
ATOM   153 H  H42    . DC    A 1 5  ? -0.57190  -3.85254  -11.38537 1.000 25.20892 ? 5   DC    A H42    1 
ATOM   154 H  H5     . DC    A 1 5  ? -2.18975  -0.91021  -12.13915 1.000 21.41302 ? 5   DC    A H5     1 
ATOM   155 H  H6     . DC    A 1 5  ? -4.35848  -0.48635  -11.61665 1.000 21.24117 ? 5   DC    A H6     1 
ATOM   156 P  P      . DG    A 1 6  ? -9.87247  -1.15796  -8.23951  1.000 15.01483 ? 6   DG    A P      1 
ATOM   157 O  OP1    . DG    A 1 6  ? -10.69671 -1.29267  -9.41247  1.000 14.53534 ? 6   DG    A OP1    1 
ATOM   158 O  OP2    . DG    A 1 6  ? -10.13103 -0.02867  -7.32428  1.000 16.16645 ? 6   DG    A OP2    1 
ATOM   159 O  "O5'"  . DG    A 1 6  ? -9.88709  -2.45590  -7.33726  1.000 14.66481 ? 6   DG    A "O5'"  1 
ATOM   160 C  "C5'"  . DG    A 1 6  ? -10.08142 -3.74395  -7.89687  1.000 12.97729 ? 6   DG    A "C5'"  1 
ATOM   161 C  "C4'"  . DG    A 1 6  ? -9.68608  -4.78254  -6.89992  1.000 16.78859 ? 6   DG    A "C4'"  1 
ATOM   162 O  "O4'"  . DG    A 1 6  ? -8.24385  -4.95264  -6.89409  1.000 17.92573 ? 6   DG    A "O4'"  1 
ATOM   163 C  "C3'"  . DG    A 1 6  ? -10.03442 -4.45720  -5.44036  1.000 13.63710 ? 6   DG    A "C3'"  1 
ATOM   164 O  "O3'"  . DG    A 1 6  ? -10.40124 -5.69546  -4.80919  1.000 18.37677 ? 6   DG    A "O3'"  1 
ATOM   165 C  "C2'"  . DG    A 1 6  ? -8.76413  -3.82661  -4.87783  1.000 15.02569 ? 6   DG    A "C2'"  1 
ATOM   166 C  "C1'"  . DG    A 1 6  ? -7.67956  -4.54862  -5.62005  1.000 17.07804 ? 6   DG    A "C1'"  1 
ATOM   167 N  N9     . DG    A 1 6  ? -6.51825  -3.78464  -6.01881  1.000 18.54689 ? 6   DG    A N9     1 
ATOM   168 C  C8     . DG    A 1 6  ? -6.49311  -2.49589  -6.54086  1.000 20.89511 ? 6   DG    A C8     1 
ATOM   169 N  N7     . DG    A 1 6  ? -5.30331  -2.09962  -6.89060  1.000 16.85061 ? 6   DG    A N7     1 
ATOM   170 C  C5     . DG    A 1 6  ? -4.47664  -3.19407  -6.57815  1.000 14.91541 ? 6   DG    A C5     1 
ATOM   171 C  C6     . DG    A 1 6  ? -3.07341  -3.38862  -6.79845  1.000 19.65991 ? 6   DG    A C6     1 
ATOM   172 O  O6     . DG    A 1 6  ? -2.27595  -2.61113  -7.25742  1.000 22.76423 ? 6   DG    A O6     1 
ATOM   173 N  N1     . DG    A 1 6  ? -2.65029  -4.62576  -6.36988  1.000 17.16345 ? 6   DG    A N1     1 
ATOM   174 C  C2     . DG    A 1 6  ? -3.46254  -5.59005  -5.83521  1.000 20.01833 ? 6   DG    A C2     1 
ATOM   175 N  N2     . DG    A 1 6  ? -2.89802  -6.73522  -5.51633  1.000 20.37208 ? 6   DG    A N2     1 
ATOM   176 N  N3     . DG    A 1 6  ? -4.78813  -5.45617  -5.69510  1.000 18.44609 ? 6   DG    A N3     1 
ATOM   177 C  C4     . DG    A 1 6  ? -5.21432  -4.23675  -6.08394  1.000 17.50396 ? 6   DG    A C4     1 
ATOM   178 H  "H5'"  . DG    A 1 6  ? -9.53946  -3.83682  -8.69596  1.000 15.64304 ? 6   DG    A "H5'"  1 
ATOM   179 H  "H5''" . DG    A 1 6  ? -11.01511 -3.85856  -8.13345  1.000 15.64304 ? 6   DG    A "H5''" 1 
ATOM   180 H  "H4'"  . DG    A 1 6  ? -10.10615 -5.61753  -7.15924  1.000 20.21661 ? 6   DG    A "H4'"  1 
ATOM   181 H  "H3'"  . DG    A 1 6  ? -10.73715 -3.79269  -5.36621  1.000 16.43482 ? 6   DG    A "H3'"  1 
ATOM   182 H  "H2'"  . DG    A 1 6  ? -8.73671  -2.87328  -5.05478  1.000 18.10113 ? 6   DG    A "H2'"  1 
ATOM   183 H  "H2''" . DG    A 1 6  ? -8.69291  -3.97248  -3.92151  1.000 18.10113 ? 6   DG    A "H2''" 1 
ATOM   184 H  "H1'"  . DG    A 1 6  ? -7.42434  -5.28047  -5.03683  1.000 20.56394 ? 6   DG    A "H1'"  1 
ATOM   185 H  H8     . DG    A 1 6  ? -7.25326  -1.96781  -6.63145  1.000 25.14443 ? 6   DG    A H8     1 
ATOM   186 H  H1     . DG    A 1 6  ? -1.81284  -4.80710  -6.44329  1.000 20.66644 ? 6   DG    A H1     1 
ATOM   187 H  H21    . DG    A 1 6  ? -3.37913  -7.38473  -5.22262  1.000 24.51679 ? 6   DG    A H21    1 
ATOM   188 H  H22    . DG    A 1 6  ? -2.04799  -6.83408  -5.60165  1.000 24.51679 ? 6   DG    A H22    1 
ATOM   189 P  P      . DT    A 1 7  ? -10.79825 -5.81938  -3.30014  1.000 21.19939 ? 7   DT    A P      1 
ATOM   190 O  OP1    . DT    A 1 7  ? -11.57195 -7.04918  -3.13229  1.000 21.03297 ? 7   DT    A OP1    1 
ATOM   191 O  OP2    . DT    A 1 7  ? -11.32291 -4.59416  -2.77951  1.000 19.23106 ? 7   DT    A OP2    1 
ATOM   192 O  "O5'"  . DT    A 1 7  ? -9.41061  -6.04885  -2.56991  1.000 21.40248 ? 7   DT    A "O5'"  1 
ATOM   193 C  "C5'"  . DT    A 1 7  ? -8.76484  -7.27932  -2.70684  1.000 24.03421 ? 7   DT    A "C5'"  1 
ATOM   194 C  "C4'"  . DT    A 1 7  ? -7.43604  -7.24694  -2.03523  1.000 20.13473 ? 7   DT    A "C4'"  1 
ATOM   195 O  "O4'"  . DT    A 1 7  ? -6.59908  -6.26645  -2.65919  1.000 22.10251 ? 7   DT    A "O4'"  1 
ATOM   196 C  "C3'"  . DT    A 1 7  ? -7.50045  -6.83148  -0.54739  1.000 24.99674 ? 7   DT    A "C3'"  1 
ATOM   197 O  "O3'"  . DT    A 1 7  ? -7.30001  -8.01299  0.24475   1.000 25.08844 ? 7   DT    A "O3'"  1 
ATOM   198 C  "C2'"  . DT    A 1 7  ? -6.41932  -5.76973  -0.38498  1.000 19.97594 ? 7   DT    A "C2'"  1 
ATOM   199 C  "C1'"  . DT    A 1 7  ? -5.65143  -5.83114  -1.67455  1.000 19.42213 ? 7   DT    A "C1'"  1 
ATOM   200 N  N1     . DT    A 1 7  ? -5.13564  -4.61089  -2.17628  1.000 20.37097 ? 7   DT    A N1     1 
ATOM   201 C  C2     . DT    A 1 7  ? -3.81463  -4.51559  -2.47074  1.000 18.43512 ? 7   DT    A C2     1 
ATOM   202 O  O2     . DT    A 1 7  ? -3.07575  -5.40919  -2.28357  1.000 22.37088 ? 7   DT    A O2     1 
ATOM   203 N  N3     . DT    A 1 7  ? -3.42798  -3.28150  -2.95081  1.000 20.42678 ? 7   DT    A N3     1 
ATOM   204 C  C4     . DT    A 1 7  ? -4.21711  -2.18482  -3.16453  1.000 16.67685 ? 7   DT    A C4     1 
ATOM   205 O  O4     . DT    A 1 7  ? -3.82293  -1.10758  -3.58991  1.000 21.62175 ? 7   DT    A O4     1 
ATOM   206 C  C5     . DT    A 1 7  ? -5.62359  -2.36231  -2.86493  1.000 16.92519 ? 7   DT    A C5     1 
ATOM   207 C  C7     . DT    A 1 7  ? -6.56140  -1.24900  -3.04967  1.000 18.12373 ? 7   DT    A C7     1 
ATOM   208 C  C6     . DT    A 1 7  ? -6.00336  -3.54848  -2.39482  1.000 20.15572 ? 7   DT    A C6     1 
ATOM   209 H  "H5'"  . DT    A 1 7  ? -8.64395  -7.47564  -3.64904  1.000 28.91135 ? 7   DT    A "H5'"  1 
ATOM   210 H  "H5''" . DT    A 1 7  ? -9.31018  -7.97465  -2.30681  1.000 28.91135 ? 7   DT    A "H5''" 1 
ATOM   211 H  "H4'"  . DT    A 1 7  ? -7.01116  -8.11462  -2.12196  1.000 24.23197 ? 7   DT    A "H4'"  1 
ATOM   212 H  "H3'"  . DT    A 1 7  ? -8.34142  -6.39954  -0.33032  1.000 30.06639 ? 7   DT    A "H3'"  1 
ATOM   213 H  "H2'"  . DT    A 1 7  ? -6.81192  -4.89205  -0.25681  1.000 24.04142 ? 7   DT    A "H2'"  1 
ATOM   214 H  "H2''" . DT    A 1 7  ? -5.84527  -5.97227  0.37023   1.000 24.04142 ? 7   DT    A "H2''" 1 
ATOM   215 H  "H1'"  . DT    A 1 7  ? -4.91795  -6.45019  -1.53425  1.000 23.37686 ? 7   DT    A "H1'"  1 
ATOM   216 H  H3     . DT    A 1 7  ? -2.59338  -3.19108  -3.13753  1.000 24.58243 ? 7   DT    A H3     1 
ATOM   217 H  H71    . DT    A 1 7  ? -7.10404  -1.42021  -3.83524  1.000 21.81877 ? 7   DT    A H71    1 
ATOM   218 H  H72    . DT    A 1 7  ? -7.12768  -1.17961  -2.26519  1.000 21.81877 ? 7   DT    A H72    1 
ATOM   219 H  H73    . DT    A 1 7  ? -6.05797  -0.42832  -3.16785  1.000 21.81877 ? 7   DT    A H73    1 
ATOM   220 H  H6     . DT    A 1 7  ? -6.90431  -3.67340  -2.20096  1.000 24.25716 ? 7   DT    A H6     1 
ATOM   221 P  P      . DT    A 1 8  ? -7.34747  -7.96863  1.85243   1.000 29.48327 ? 8   DT    A P      1 
ATOM   222 O  OP1    . DT    A 1 8  ? -7.69379  -9.35533  2.20912   1.000 35.87081 ? 8   DT    A OP1    1 
ATOM   223 O  OP2    . DT    A 1 8  ? -8.12720  -6.81350  2.32223   1.000 31.66978 ? 8   DT    A OP2    1 
ATOM   224 O  "O5'"  . DT    A 1 8  ? -5.82410  -7.73824  2.22039   1.000 27.40365 ? 8   DT    A "O5'"  1 
ATOM   225 C  "C5'"  . DT    A 1 8  ? -4.84144  -8.43423  1.54082   1.000 29.33692 ? 8   DT    A "C5'"  1 
ATOM   226 C  "C4'"  . DT    A 1 8  ? -3.48217  -7.87678  1.86196   1.000 33.18543 ? 8   DT    A "C4'"  1 
ATOM   227 O  "O4'"  . DT    A 1 8  ? -3.24202  -6.67447  1.10391   1.000 25.13561 ? 8   DT    A "O4'"  1 
ATOM   228 C  "C3'"  . DT    A 1 8  ? -3.31383  -7.48404  3.32757   1.000 37.00493 ? 8   DT    A "C3'"  1 
ATOM   229 O  "O3'"  . DT    A 1 8  ? -2.26129  -8.25194  3.88382   1.000 47.76196 ? 8   DT    A "O3'"  1 
ATOM   230 C  "C2'"  . DT    A 1 8  ? -3.02538  -5.98272  3.31370   1.000 35.93090 ? 8   DT    A "C2'"  1 
ATOM   231 C  "C1'"  . DT    A 1 8  ? -2.54384  -5.74057  1.89811   1.000 31.54106 ? 8   DT    A "C1'"  1 
ATOM   232 N  N1     . DT    A 1 8  ? -2.81221  -4.41141  1.35048   1.000 26.27378 ? 8   DT    A N1     1 
ATOM   233 C  C2     . DT    A 1 8  ? -1.79540  -3.71546  0.72709   1.000 17.56313 ? 8   DT    A C2     1 
ATOM   234 O  O2     . DT    A 1 8  ? -0.69118  -4.15490  0.54788   1.000 27.70513 ? 8   DT    A O2     1 
ATOM   235 N  N3     . DT    A 1 8  ? -2.18554  -2.49942  0.21104   1.000 27.99622 ? 8   DT    A N3     1 
ATOM   236 C  C4     . DT    A 1 8  ? -3.41244  -1.92199  0.28625   1.000 17.79661 ? 8   DT    A C4     1 
ATOM   237 O  O4     . DT    A 1 8  ? -3.66711  -0.78925  -0.16379  1.000 29.87036 ? 8   DT    A O4     1 
ATOM   238 C  C5     . DT    A 1 8  ? -4.42751  -2.69062  0.98989   1.000 25.82274 ? 8   DT    A C5     1 
ATOM   239 C  C7     . DT    A 1 8  ? -5.80224  -2.17086  1.15170   1.000 26.18064 ? 8   DT    A C7     1 
ATOM   240 C  C6     . DT    A 1 8  ? -4.05900  -3.88465  1.47482   1.000 20.28730 ? 8   DT    A C6     1 
ATOM   241 H  "H5'"  . DT    A 1 8  ? -4.99993  -8.36372  0.58646   1.000 35.27459 ? 8   DT    A "H5'"  1 
ATOM   242 H  "H5''" . DT    A 1 8  ? -4.87395  -9.36892  1.79813   1.000 35.27459 ? 8   DT    A "H5''" 1 
ATOM   243 H  "H4'"  . DT    A 1 8  ? -2.80221  -8.52164  1.61155   1.000 39.89281 ? 8   DT    A "H4'"  1 
ATOM   244 H  "H3'"  . DT    A 1 8  ? -4.14438  -7.61350  3.81165   1.000 44.47621 ? 8   DT    A "H3'"  1 
ATOM   245 H  "H2'"  . DT    A 1 8  ? -3.82656  -5.47007  3.50395   1.000 43.18738 ? 8   DT    A "H2'"  1 
ATOM   246 H  "H2''" . DT    A 1 8  ? -2.34117  -5.75123  3.96113   1.000 43.18738 ? 8   DT    A "H2''" 1 
ATOM   247 H  "H1'"  . DT    A 1 8  ? -1.58581  -5.89022  1.87228   1.000 37.91957 ? 8   DT    A "H1'"  1 
ATOM   248 H  H3     . DT    A 1 8  ? -1.58124  -2.05349  -0.20796  1.000 33.66576 ? 8   DT    A H3     1 
ATOM   249 H  H71    . DT    A 1 8  ? -6.42652  -2.80194  0.76067   1.000 31.48707 ? 8   DT    A H71    1 
ATOM   250 H  H72    . DT    A 1 8  ? -5.98977  -2.06283  2.09725   1.000 31.48707 ? 8   DT    A H72    1 
ATOM   251 H  H73    . DT    A 1 8  ? -5.87130  -1.31478  0.70086   1.000 31.48707 ? 8   DT    A H73    1 
ATOM   252 H  H6     . DT    A 1 8  ? -4.69900  -4.38602  1.92641   1.000 24.41505 ? 8   DT    A H6     1 
ATOM   253 P  P      . DA    A 1 9  ? -2.05376  -8.34196  5.48256   1.000 39.57036 ? 9   DA    A P      1 
ATOM   254 O  OP1    . DA    A 1 9  ? -2.23008  -9.76847  5.81922   1.000 48.43307 ? 9   DA    A OP1    1 
ATOM   255 O  OP2    . DA    A 1 9  ? -2.90450  -7.35473  6.15865   1.000 43.46851 ? 9   DA    A OP2    1 
ATOM   256 O  "O5'"  . DA    A 1 9  ? -0.54327  -7.90763  5.64197   1.000 41.15437 ? 9   DA    A "O5'"  1 
ATOM   257 C  "C5'"  . DA    A 1 9  ? 0.39467   -8.28095  4.65062   1.000 30.54683 ? 9   DA    A "C5'"  1 
ATOM   258 C  "C4'"  . DA    A 1 9  ? 1.53675   -7.29919  4.60914   1.000 33.78882 ? 9   DA    A "C4'"  1 
ATOM   259 O  "O4'"  . DA    A 1 9  ? 1.09510   -6.04834  4.04728   1.000 33.25435 ? 9   DA    A "O4'"  1 
ATOM   260 C  "C3'"  . DA    A 1 9  ? 2.12113   -6.95117  5.98824   1.000 37.82814 ? 9   DA    A "C3'"  1 
ATOM   261 O  "O3'"  . DA    A 1 9  ? 3.52076   -6.99172  5.88338   1.000 45.29891 ? 9   DA    A "O3'"  1 
ATOM   262 C  "C2'"  . DA    A 1 9  ? 1.56266   -5.56407  6.30155   1.000 30.12502 ? 9   DA    A "C2'"  1 
ATOM   263 C  "C1'"  . DA    A 1 9  ? 1.40559   -4.96034  4.91005   1.000 34.26204 ? 9   DA    A "C1'"  1 
ATOM   264 N  N9     . DA    A 1 9  ? 0.33237   -4.00308  4.74517   1.000 23.86574 ? 9   DA    A N9     1 
ATOM   265 C  C8     . DA    A 1 9  ? -0.90209  -4.04659  5.25971   1.000 21.98179 ? 9   DA    A C8     1 
ATOM   266 N  N7     . DA    A 1 9  ? -1.68024  -3.07278  4.90271   1.000 21.63584 ? 9   DA    A N7     1 
ATOM   267 C  C5     . DA    A 1 9  ? -0.90116  -2.33210  4.03910   1.000 23.54182 ? 9   DA    A C5     1 
ATOM   268 C  C6     . DA    A 1 9  ? -1.17295  -1.18032  3.25983   1.000 28.56292 ? 9   DA    A C6     1 
ATOM   269 N  N6     . DA    A 1 9  ? -2.32384  -0.51881  3.26648   1.000 24.21102 ? 9   DA    A N6     1 
ATOM   270 N  N1     . DA    A 1 9  ? -0.16794  -0.70420  2.51929   1.000 24.49747 ? 9   DA    A N1     1 
ATOM   271 C  C2     . DA    A 1 9  ? 0.97403   -1.36145  2.47059   1.000 26.74035 ? 9   DA    A C2     1 
ATOM   272 N  N3     . DA    A 1 9  ? 1.34801   -2.47654  3.12176   1.000 27.11134 ? 9   DA    A N3     1 
ATOM   273 C  C4     . DA    A 1 9  ? 0.32761   -2.90220  3.90416   1.000 28.75222 ? 9   DA    A C4     1 
ATOM   274 H  "H5'"  . DA    A 1 9  ? -0.04333  -8.30083  3.78536   1.000 36.72650 ? 9   DA    A "H5'"  1 
ATOM   275 H  "H5''" . DA    A 1 9  ? 0.73867   -9.16552  4.85084   1.000 36.72650 ? 9   DA    A "H5''" 1 
ATOM   276 H  "H4'"  . DA    A 1 9  ? 2.23790   -7.65333  4.04003   1.000 40.61688 ? 9   DA    A "H4'"  1 
ATOM   277 H  "H3'"  . DA    A 1 9  ? 1.79995   -7.55166  6.67900   1.000 45.46407 ? 9   DA    A "H3'"  1 
ATOM   278 H  "H2'"  . DA    A 1 9  ? 0.71027   -5.62111  6.76100   1.000 36.22032 ? 9   DA    A "H2'"  1 
ATOM   279 H  "H2''" . DA    A 1 9  ? 2.17975   -5.04815  6.84371   1.000 36.22032 ? 9   DA    A "H2''" 1 
ATOM   280 H  "H1'"  . DA    A 1 9  ? 2.24764   -4.53484  4.68465   1.000 41.18474 ? 9   DA    A "H1'"  1 
ATOM   281 H  H8     . DA    A 1 9  ? -1.18130  -4.72514  5.83113   1.000 26.44844 ? 9   DA    A H8     1 
ATOM   282 H  H61    . DA    A 1 9  ? -2.40987  0.19911   2.80087   1.000 29.12352 ? 9   DA    A H61    1 
ATOM   283 H  H62    . DA    A 1 9  ? -2.98343  -0.80819  3.73639   1.000 29.12352 ? 9   DA    A H62    1 
ATOM   284 H  H2     . DA    A 1 9  ? 1.61531   -1.00043  1.90197   1.000 32.15872 ? 9   DA    A H2     1 
ATOM   285 P  P      . DA    A 1 10 ? 4.42967   -7.10285  7.18125   1.000 44.63242 ? 10  DA    A P      1 
ATOM   286 O  OP1    . DA    A 1 10 ? 5.34945   -8.24072  6.95143   1.000 51.21884 ? 10  DA    A OP1    1 
ATOM   287 O  OP2    . DA    A 1 10 ? 3.55764   -7.01354  8.38623   1.000 43.12696 ? 10  DA    A OP2    1 
ATOM   288 O  "O5'"  . DA    A 1 10 ? 5.25226   -5.75208  7.12799   1.000 26.69144 ? 10  DA    A "O5'"  1 
ATOM   289 C  "C5'"  . DA    A 1 10 ? 5.73718   -5.27711  5.92233   1.000 35.71155 ? 10  DA    A "C5'"  1 
ATOM   290 C  "C4'"  . DA    A 1 10 ? 6.07232   -3.80994  6.02519   1.000 36.39416 ? 10  DA    A "C4'"  1 
ATOM   291 O  "O4'"  . DA    A 1 10 ? 4.89425   -3.01373  5.74344   1.000 42.06185 ? 10  DA    A "O4'"  1 
ATOM   292 C  "C3'"  . DA    A 1 10 ? 6.53730   -3.36775  7.41559   1.000 36.47637 ? 10  DA    A "C3'"  1 
ATOM   293 O  "O3'"  . DA    A 1 10 ? 7.51808   -2.40169  7.29400   1.000 54.98382 ? 10  DA    A "O3'"  1 
ATOM   294 C  "C2'"  . DA    A 1 10 ? 5.27093   -2.79107  8.03607   1.000 37.70791 ? 10  DA    A "C2'"  1 
ATOM   295 C  "C1'"  . DA    A 1 10 ? 4.67347   -2.09241  6.80788   1.000 34.89359 ? 10  DA    A "C1'"  1 
ATOM   296 N  N9     . DA    A 1 10 ? 3.28026   -1.79283  6.92544   1.000 30.57044 ? 10  DA    A N9     1 
ATOM   297 C  C8     . DA    A 1 10 ? 2.34898   -2.44974  7.62335   1.000 23.07414 ? 10  DA    A C8     1 
ATOM   298 N  N7     . DA    A 1 10 ? 1.14949   -1.92491  7.53956   1.000 29.88449 ? 10  DA    A N7     1 
ATOM   299 C  C5     . DA    A 1 10 ? 1.32413   -0.84735  6.69929   1.000 24.69343 ? 10  DA    A C5     1 
ATOM   300 C  C6     . DA    A 1 10 ? 0.43289   0.13655   6.20876   1.000 20.18290 ? 10  DA    A C6     1 
ATOM   301 N  N6     . DA    A 1 10 ? -0.86790  0.14364   6.46554   1.000 28.43690 ? 10  DA    A N6     1 
ATOM   302 N  N1     . DA    A 1 10 ? 0.94429   1.05580   5.36766   1.000 27.97214 ? 10  DA    A N1     1 
ATOM   303 C  C2     . DA    A 1 10 ? 2.21858   1.01816   5.06554   1.000 23.56752 ? 10  DA    A C2     1 
ATOM   304 N  N3     . DA    A 1 10 ? 3.16973   0.14970   5.48419   1.000 29.84308 ? 10  DA    A N3     1 
ATOM   305 C  C4     . DA    A 1 10 ? 2.62131   -0.76612  6.28979   1.000 21.96389 ? 10  DA    A C4     1 
ATOM   306 H  "H5'"  . DA    A 1 10 ? 5.06578   -5.40505  5.23404   1.000 42.92416 ? 10  DA    A "H5'"  1 
ATOM   307 H  "H5''" . DA    A 1 10 ? 6.53557   -5.77210  5.68059   1.000 42.92416 ? 10  DA    A "H5''" 1 
ATOM   308 H  "H4'"  . DA    A 1 10 ? 6.75305   -3.59308  5.36908   1.000 43.74328 ? 10  DA    A "H4'"  1 
ATOM   309 H  "H3'"  . DA    A 1 10 ? 6.85123   -4.12966  7.92728   1.000 43.84194 ? 10  DA    A "H3'"  1 
ATOM   310 H  "H2'"  . DA    A 1 10 ? 4.68633   -3.48505  8.37892   1.000 45.31978 ? 10  DA    A "H2'"  1 
ATOM   311 H  "H2''" . DA    A 1 10 ? 5.46925   -2.16435  8.74936   1.000 45.31978 ? 10  DA    A "H2''" 1 
ATOM   312 H  "H1'"  . DA    A 1 10 ? 5.13020   -1.25691  6.62284   1.000 41.94260 ? 10  DA    A "H1'"  1 
ATOM   313 H  H8     . DA    A 1 10 ? 2.53465   -3.21122  8.12392   1.000 27.75926 ? 10  DA    A H8     1 
ATOM   314 H  H61    . DA    A 1 10 ? -1.37588  0.73123   6.09636   1.000 34.19458 ? 10  DA    A H61    1 
ATOM   315 H  H62    . DA    A 1 10 ? -1.20362  -0.43936  7.00127   1.000 34.19458 ? 10  DA    A H62    1 
ATOM   316 H  H2     . DA    A 1 10 ? 2.51091   1.68056   4.48187   1.000 28.35132 ? 10  DA    A H2     1 
ATOM   317 P  P      . DC    A 1 11 ? 8.87701   -2.52027  8.13271   1.000 51.14727 ? 11  DC    A P      1 
ATOM   318 O  OP1    . DC    A 1 11 ? 9.68752   -3.55350  7.44667   1.000 38.81456 ? 11  DC    A OP1    1 
ATOM   319 O  OP2    . DC    A 1 11 ? 8.50177   -2.61117  9.55773   1.000 47.98977 ? 11  DC    A OP2    1 
ATOM   320 O  "O5'"  . DC    A 1 11 ? 9.55974   -1.12450  7.84918   1.000 41.14272 ? 11  DC    A "O5'"  1 
ATOM   321 C  "C5'"  . DC    A 1 11 ? 9.49185   -0.56295  6.57427   1.000 32.12467 ? 11  DC    A "C5'"  1 
ATOM   322 C  "C4'"  . DC    A 1 11 ? 8.88811   0.80924   6.62330   1.000 27.39417 ? 11  DC    A "C4'"  1 
ATOM   323 O  "O4'"  . DC    A 1 11 ? 7.46657   0.74130   6.88951   1.000 24.85724 ? 11  DC    A "O4'"  1 
ATOM   324 C  "C3'"  . DC    A 1 11 ? 9.45832   1.71858   7.73148   1.000 25.65853 ? 11  DC    A "C3'"  1 
ATOM   325 O  "O3'"  . DC    A 1 11 ? 10.22563  2.70785   7.12500   1.000 30.45048 ? 11  DC    A "O3'"  1 
ATOM   326 C  "C2'"  . DC    A 1 11 ? 8.23018   2.25721   8.48054   1.000 24.10925 ? 11  DC    A "C2'"  1 
ATOM   327 C  "C1'"  . DC    A 1 11 ? 7.07168   1.93305   7.56800   1.000 29.73354 ? 11  DC    A "C1'"  1 
ATOM   328 N  N1     . DC    A 1 11 ? 5.79977   1.64155   8.19944   1.000 20.99321 ? 11  DC    A N1     1 
ATOM   329 C  C2     . DC    A 1 11 ? 4.64372   2.41730   7.86108   1.000 24.01334 ? 11  DC    A C2     1 
ATOM   330 O  O2     . DC    A 1 11 ? 4.77134   3.37000   7.06954   1.000 23.22184 ? 11  DC    A O2     1 
ATOM   331 N  N3     . DC    A 1 11 ? 3.46705   2.08686   8.39946   1.000 18.94207 ? 11  DC    A N3     1 
ATOM   332 C  C4     . DC    A 1 11 ? 3.37529   1.07677   9.26643   1.000 22.80657 ? 11  DC    A C4     1 
ATOM   333 N  N4     . DC    A 1 11 ? 2.20091   0.78114   9.79237   1.000 23.72928 ? 11  DC    A N4     1 
ATOM   334 C  C5     . DC    A 1 11 ? 4.51724   0.28421   9.60514   1.000 26.21129 ? 11  DC    A C5     1 
ATOM   335 C  C6     . DC    A 1 11 ? 5.67426   0.59817   9.03404   1.000 25.17041 ? 11  DC    A C6     1 
ATOM   336 H  "H5'"  . DC    A 1 11 ? 8.94937   -1.13010  6.00422   1.000 38.61990 ? 11  DC    A "H5'"  1 
ATOM   337 H  "H5''" . DC    A 1 11 ? 10.38612  -0.50505  6.20302   1.000 38.61990 ? 11  DC    A "H5''" 1 
ATOM   338 H  "H4'"  . DC    A 1 11 ? 9.01031   1.22433   5.75516   1.000 32.94330 ? 11  DC    A "H4'"  1 
ATOM   339 H  "H3'"  . DC    A 1 11 ? 9.97733   1.20800   8.37244   1.000 30.86053 ? 11  DC    A "H3'"  1 
ATOM   340 H  "H2'"  . DC    A 1 11 ? 8.12810   1.81805   9.33940   1.000 29.00139 ? 11  DC    A "H2'"  1 
ATOM   341 H  "H2''" . DC    A 1 11 ? 8.30270   3.21412   8.62180   1.000 29.00139 ? 11  DC    A "H2''" 1 
ATOM   342 H  "H1'"  . DC    A 1 11 ? 6.94537   2.68920   6.97372   1.000 35.75054 ? 11  DC    A "H1'"  1 
ATOM   343 H  H41    . DC    A 1 11 ? 2.13158   0.13189   10.35207  1.000 28.54543 ? 11  DC    A H41    1 
ATOM   344 H  H42    . DC    A 1 11 ? 1.50529   1.23782   9.57525   1.000 28.54543 ? 11  DC    A H42    1 
ATOM   345 H  H5     . DC    A 1 11 ? 4.45165   -0.42486  10.20332  1.000 31.52385 ? 11  DC    A H5     1 
ATOM   346 H  H6     . DC    A 1 11 ? 6.42251   0.07766   9.21863   1.000 30.27479 ? 11  DC    A H6     1 
ATOM   347 P  P      . DG    A 1 12 ? 11.13491  3.68442   7.98491   1.000 37.51654 ? 12  DG    A P      1 
ATOM   348 O  OP1    . DG    A 1 12 ? 12.11049  4.30234   7.07866   1.000 36.73143 ? 12  DG    A OP1    1 
ATOM   349 O  OP2    . DG    A 1 12 ? 11.46127  2.96929   9.21197   1.000 32.18076 ? 12  DG    A OP2    1 
ATOM   350 O  "O5'"  . DG    A 1 12 ? 10.09428  4.86676   8.32918   1.000 33.40979 ? 12  DG    A "O5'"  1 
ATOM   351 C  "C5'"  . DG    A 1 12 ? 9.48198   5.53943   7.26627   1.000 35.72124 ? 12  DG    A "C5'"  1 
ATOM   352 C  "C4'"  . DG    A 1 12 ? 8.47514   6.54222   7.77583   1.000 33.43201 ? 12  DG    A "C4'"  1 
ATOM   353 O  "O4'"  . DG    A 1 12 ? 7.34404   5.84469   8.34563   1.000 27.21385 ? 12  DG    A "O4'"  1 
ATOM   354 C  "C3'"  . DG    A 1 12 ? 9.00614   7.46321   8.86202   1.000 29.01152 ? 12  DG    A "C3'"  1 
ATOM   355 O  "O3'"  . DG    A 1 12 ? 8.70131   8.80167   8.48175   1.000 32.89172 ? 12  DG    A "O3'"  1 
ATOM   356 C  "C2'"  . DG    A 1 12 ? 8.31966   6.98837   10.14263  1.000 28.01276 ? 12  DG    A "C2'"  1 
ATOM   357 C  "C1'"  . DG    A 1 12 ? 7.01667   6.39438   9.63549   1.000 22.39619 ? 12  DG    A "C1'"  1 
ATOM   358 N  N9     . DG    A 1 12 ? 6.44954   5.29543   10.39312  1.000 24.61586 ? 12  DG    A N9     1 
ATOM   359 C  C8     . DG    A 1 12 ? 7.10912   4.25104   10.94072  1.000 18.38263 ? 12  DG    A C8     1 
ATOM   360 N  N7     . DG    A 1 12 ? 6.35569   3.39316   11.54529  1.000 22.00642 ? 12  DG    A N7     1 
ATOM   361 C  C5     . DG    A 1 12 ? 5.08230   3.87736   11.34381  1.000 21.27257 ? 12  DG    A C5     1 
ATOM   362 C  C6     . DG    A 1 12 ? 3.82812   3.33655   11.75205  1.000 22.12291 ? 12  DG    A C6     1 
ATOM   363 O  O6     . DG    A 1 12 ? 3.58887   2.31162   12.36797  1.000 21.34957 ? 12  DG    A O6     1 
ATOM   364 N  N1     . DG    A 1 12 ? 2.77134   4.15952   11.33892  1.000 17.50552 ? 12  DG    A N1     1 
ATOM   365 C  C2     . DG    A 1 12 ? 2.91110   5.30069   10.62007  1.000 21.61938 ? 12  DG    A C2     1 
ATOM   366 N  N2     . DG    A 1 12 ? 1.80115   5.95979   10.34865  1.000 22.09384 ? 12  DG    A N2     1 
ATOM   367 N  N3     . DG    A 1 12 ? 4.10047   5.80135   10.21786  1.000 21.36860 ? 12  DG    A N3     1 
ATOM   368 C  C4     . DG    A 1 12 ? 5.11669   5.03816   10.61630  1.000 20.59331 ? 12  DG    A C4     1 
ATOM   369 H  "H5'"  . DG    A 1 12 ? 9.03229   4.89568   6.69682   1.000 42.93578 ? 12  DG    A "H5'"  1 
ATOM   370 H  "H5''" . DG    A 1 12 ? 10.15905  6.00126   6.74744   1.000 42.93578 ? 12  DG    A "H5''" 1 
ATOM   371 H  "H4'"  . DG    A 1 12 ? 8.15075   7.08321   7.03893   1.000 40.18870 ? 12  DG    A "H4'"  1 
ATOM   372 H  "H3'"  . DG    A 1 12 ? 9.95899   7.34975   9.00386   1.000 34.88412 ? 12  DG    A "H3'"  1 
ATOM   373 H  "H2'"  . DG    A 1 12 ? 8.85447   6.32057   10.59972  1.000 33.68561 ? 12  DG    A "H2'"  1 
ATOM   374 H  "H2''" . DG    A 1 12 ? 8.15508   7.72898   10.74704  1.000 33.68561 ? 12  DG    A "H2''" 1 
ATOM   375 H  "H1'"  . DG    A 1 12 ? 6.36585   7.11298   9.60506   1.000 26.94573 ? 12  DG    A "H1'"  1 
ATOM   376 H  H8     . DG    A 1 12 ? 8.03278   4.15712   10.88667  1.000 22.12945 ? 12  DG    A H8     1 
ATOM   377 H  H1     . DG    A 1 12 ? 1.97410   3.92278   11.55791  1.000 21.07692 ? 12  DG    A H1     1 
ATOM   378 H  H21    . DG    A 1 12 ? 1.83698   6.70344   9.91817   1.000 26.58291 ? 12  DG    A H21    1 
ATOM   379 H  H22    . DG    A 1 12 ? 1.04170   5.64585   10.60218  1.000 26.58291 ? 12  DG    A H22    1 
ATOM   380 P  P      . DC    A 1 13 ? 9.34503   10.02442  9.27857   1.000 35.27538 ? 13  DC    A P      1 
ATOM   381 O  OP1    . DC    A 1 13 ? 9.59972   11.07204  8.29070   1.000 35.87380 ? 13  DC    A OP1    1 
ATOM   382 O  OP2    . DC    A 1 13 ? 10.39195  9.51885   10.18849  1.000 31.55155 ? 13  DC    A OP2    1 
ATOM   383 O  "O5'"  . DC    A 1 13 ? 8.13666   10.53302  10.25237  1.000 25.66193 ? 13  DC    A "O5'"  1 
ATOM   384 C  "C5'"  . DC    A 1 13 ? 6.91719   10.86494  9.68352   1.000 23.90721 ? 13  DC    A "C5'"  1 
ATOM   385 C  "C4'"  . DC    A 1 13 ? 5.88910   10.97190  10.74881  1.000 27.48675 ? 13  DC    A "C4'"  1 
ATOM   386 O  "O4'"  . DC    A 1 13 ? 5.43514   9.63208   11.14172  1.000 27.31545 ? 13  DC    A "O4'"  1 
ATOM   387 C  "C3'"  . DC    A 1 13 ? 6.40439   11.62208  12.04419  1.000 31.83507 ? 13  DC    A "C3'"  1 
ATOM   388 O  "O3'"  . DC    A 1 13 ? 5.38496   12.41823  12.57840  1.000 32.03202 ? 13  DC    A "O3'"  1 
ATOM   389 C  "C2'"  . DC    A 1 13 ? 6.69416   10.43329  12.96696  1.000 19.03056 ? 13  DC    A "C2'"  1 
ATOM   390 C  "C1'"  . DC    A 1 13 ? 5.45987   9.57509   12.57153  1.000 26.39467 ? 13  DC    A "C1'"  1 
ATOM   391 N  N1     . DC    A 1 13 ? 5.44828   8.18922   13.06440  1.000 20.47587 ? 13  DC    A N1     1 
ATOM   392 C  C2     . DC    A 1 13 ? 4.18220   7.59233   13.27143  1.000 17.81956 ? 13  DC    A C2     1 
ATOM   393 O  O2     . DC    A 1 13 ? 3.17505   8.23342   12.97574  1.000 22.70640 ? 13  DC    A O2     1 
ATOM   394 N  N3     . DC    A 1 13 ? 4.12621   6.38846   13.79327  1.000 18.14700 ? 13  DC    A N3     1 
ATOM   395 C  C4     . DC    A 1 13 ? 5.26081   5.70608   14.10595  1.000 17.16437 ? 13  DC    A C4     1 
ATOM   396 N  N4     . DC    A 1 13 ? 5.15285   4.49186   14.59267  1.000 22.05139 ? 13  DC    A N4     1 
ATOM   397 C  C5     . DC    A 1 13 ? 6.53856   6.31349   13.91533  1.000 22.76736 ? 13  DC    A C5     1 
ATOM   398 C  C6     . DC    A 1 13 ? 6.56512   7.54378   13.40743  1.000 16.98813 ? 13  DC    A C6     1 
ATOM   399 H  "H5'"  . DC    A 1 13 ? 6.65726   10.17984  9.04792   1.000 28.75895 ? 13  DC    A "H5'"  1 
ATOM   400 H  "H5''" . DC    A 1 13 ? 6.99459   11.71322  9.21949   1.000 28.75895 ? 13  DC    A "H5''" 1 
ATOM   401 H  "H4'"  . DC    A 1 13 ? 5.12541   11.46531  10.41085  1.000 33.05440 ? 13  DC    A "H4'"  1 
ATOM   402 H  "H3'"  . DC    A 1 13 ? 7.21999   12.11872  11.87376  1.000 38.27238 ? 13  DC    A "H3'"  1 
ATOM   403 H  "H2'"  . DC    A 1 13 ? 7.53440   9.99582   12.75833  1.000 22.90696 ? 13  DC    A "H2'"  1 
ATOM   404 H  "H2''" . DC    A 1 13 ? 6.69112   10.68033  13.90497  1.000 22.90696 ? 13  DC    A "H2''" 1 
ATOM   405 H  "H1'"  . DC    A 1 13 ? 4.64766   9.96953   12.92600  1.000 31.74390 ? 13  DC    A "H1'"  1 
ATOM   406 H  H41    . DC    A 1 13 ? 5.85940   4.04569   14.79596  1.000 26.53196 ? 13  DC    A H41    1 
ATOM   407 H  H42    . DC    A 1 13 ? 4.37557   4.14247   14.70828  1.000 26.53196 ? 13  DC    A H42    1 
ATOM   408 H  H5     . DC    A 1 13 ? 7.32315   5.86642   14.13767  1.000 27.39113 ? 13  DC    A H5     1 
ATOM   409 H  H6     . DC    A 1 13 ? 7.38534   7.96560   13.28820  1.000 20.45605 ? 13  DC    A H6     1 
ATOM   410 P  P      . DA    A 1 14 ? 5.42503   14.01327  12.47725  1.000 24.96127 ? 14  DA    A P      1 
ATOM   411 O  OP1    . DA    A 1 14 ? 5.47629   14.49111  11.11781  1.000 27.32979 ? 14  DA    A OP1    1 
ATOM   412 O  OP2    . DA    A 1 14 ? 6.36682   14.44543  13.53206  1.000 30.15573 ? 14  DA    A OP2    1 
ATOM   413 O  "O5'"  . DA    A 1 14 ? 3.94241   14.35144  12.95025  1.000 23.78730 ? 14  DA    A "O5'"  1 
ATOM   414 C  "C5'"  . DA    A 1 14 ? 2.87564   14.00180  12.10911  1.000 19.63327 ? 14  DA    A "C5'"  1 
ATOM   415 C  "C4'"  . DA    A 1 14 ? 1.62969   13.70895  12.96947  1.000 17.08534 ? 14  DA    A "C4'"  1 
ATOM   416 O  "O4'"  . DA    A 1 14 ? 1.77813   12.39314  13.61955  1.000 19.07656 ? 14  DA    A "O4'"  1 
ATOM   417 C  "C3'"  . DA    A 1 14 ? 1.38097   14.69619  14.09612  1.000 19.10832 ? 14  DA    A "C3'"  1 
ATOM   418 O  "O3'"  . DA    A 1 14 ? 0.00283   14.87621  14.24476  1.000 18.15844 ? 14  DA    A "O3'"  1 
ATOM   419 C  "C2'"  . DA    A 1 14 ? 2.04643   14.02449  15.29851  1.000 14.88112 ? 14  DA    A "C2'"  1 
ATOM   420 C  "C1'"  . DA    A 1 14 ? 1.78917   12.57260  15.06250  1.000 16.29428 ? 14  DA    A "C1'"  1 
ATOM   421 N  N9     . DA    A 1 14 ? 2.76361   11.61787  15.58048  1.000 14.19400 ? 14  DA    A N9     1 
ATOM   422 C  C8     . DA    A 1 14 ? 4.12835   11.71317  15.46991  1.000 16.99203 ? 14  DA    A C8     1 
ATOM   423 N  N7     . DA    A 1 14 ? 4.75970   10.65647  15.92073  1.000 18.34733 ? 14  DA    A N7     1 
ATOM   424 C  C5     . DA    A 1 14 ? 3.75994   9.78167   16.26533  1.000 14.55913 ? 14  DA    A C5     1 
ATOM   425 C  C6     . DA    A 1 14 ? 3.76807   8.45193   16.79983  1.000 14.73939 ? 14  DA    A C6     1 
ATOM   426 N  N6     . DA    A 1 14 ? 4.93573   7.77854   17.04764  1.000 17.41209 ? 14  DA    A N6     1 
ATOM   427 N  N1     . DA    A 1 14 ? 2.63452   7.85738   17.08825  1.000 14.97627 ? 14  DA    A N1     1 
ATOM   428 C  C2     . DA    A 1 14 ? 1.46739   8.52649   16.83173  1.000 16.08785 ? 14  DA    A C2     1 
ATOM   429 N  N3     . DA    A 1 14 ? 1.34536   9.74809   16.27439  1.000 16.79260 ? 14  DA    A N3     1 
ATOM   430 C  C4     . DA    A 1 14 ? 2.52132   10.32994  16.05580  1.000 14.50098 ? 14  DA    A C4     1 
ATOM   431 H  "H5'"  . DA    A 1 14 ? 3.11004   13.21360  11.59464  1.000 23.63022 ? 14  DA    A "H5'"  1 
ATOM   432 H  "H5''" . DA    A 1 14 ? 2.68732   14.73238  11.49945  1.000 23.63022 ? 14  DA    A "H5''" 1 
ATOM   433 H  "H4'"  . DA    A 1 14 ? 0.84853   13.68704  12.39484  1.000 20.57270 ? 14  DA    A "H4'"  1 
ATOM   434 H  "H3'"  . DA    A 1 14 ? 1.81845   15.54689  13.93546  1.000 23.00028 ? 14  DA    A "H3'"  1 
ATOM   435 H  "H2'"  . DA    A 1 14 ? 2.99784   14.21208  15.32201  1.000 17.92764 ? 14  DA    A "H2'"  1 
ATOM   436 H  "H2''" . DA    A 1 14 ? 1.64558   14.32022  16.13083  1.000 17.92764 ? 14  DA    A "H2''" 1 
ATOM   437 H  "H1'"  . DA    A 1 14 ? 0.93121   12.38212  15.47303  1.000 19.62343 ? 14  DA    A "H1'"  1 
ATOM   438 H  H8     . DA    A 1 14 ? 4.56190   12.45352  15.11099  1.000 20.46073 ? 14  DA    A H8     1 
ATOM   439 H  H61    . DA    A 1 14 ? 4.91277   6.98726   17.38370  1.000 20.96480 ? 14  DA    A H61    1 
ATOM   440 H  H62    . DA    A 1 14 ? 5.69139   8.14728   16.86708  1.000 20.96480 ? 14  DA    A H62    1 
ATOM   441 H  H2     . DA    A 1 14 ? 0.67815   8.09389   17.06598  1.000 19.37571 ? 14  DA    A H2     1 
ATOM   442 P  P      . DG    A 1 15 ? -0.52512  16.03331  15.23774  1.000 16.30139 ? 15  DG    A P      1 
ATOM   443 O  OP1    . DG    A 1 15 ? -1.94467  16.25687  14.84744  1.000 17.83684 ? 15  DG    A OP1    1 
ATOM   444 O  OP2    . DG    A 1 15 ? 0.39791   17.09964  15.32721  1.000 18.27565 ? 15  DG    A OP2    1 
ATOM   445 O  "O5'"  . DG    A 1 15 ? -0.52841  15.26691  16.62037  1.000 17.08534 ? 15  DG    A "O5'"  1 
ATOM   446 C  "C5'"  . DG    A 1 15 ? -1.45591  14.29351  16.88557  1.000 15.99142 ? 15  DG    A "C5'"  1 
ATOM   447 C  "C4'"  . DG    A 1 15 ? -1.20418  13.70056  18.24956  1.000 14.80467 ? 15  DG    A "C4'"  1 
ATOM   448 O  "O4'"  . DG    A 1 15 ? -0.06873  12.83155  18.21757  1.000 15.43546 ? 15  DG    A "O4'"  1 
ATOM   449 C  "C3'"  . DG    A 1 15 ? -0.92912  14.73999  19.35681  1.000 15.09242 ? 15  DG    A "C3'"  1 
ATOM   450 O  "O3'"  . DG    A 1 15 ? -1.83720  14.50962  20.45235  1.000 14.45260 ? 15  DG    A "O3'"  1 
ATOM   451 C  "C2'"  . DG    A 1 15 ? 0.54582   14.45209  19.69293  1.000 12.71157 ? 15  DG    A "C2'"  1 
ATOM   452 C  "C1'"  . DG    A 1 15 ? 0.64983   12.97659  19.42322  1.000 13.28601 ? 15  DG    A "C1'"  1 
ATOM   453 N  N9     . DG    A 1 15 ? 1.97780   12.43343  19.25704  1.000 14.60208 ? 15  DG    A N9     1 
ATOM   454 C  C8     . DG    A 1 15 ? 3.11198   13.06699  18.88044  1.000 15.31640 ? 15  DG    A C8     1 
ATOM   455 N  N7     . DG    A 1 15 ? 4.17218   12.30273  18.95298  1.000 17.42671 ? 15  DG    A N7     1 
ATOM   456 C  C5     . DG    A 1 15 ? 3.71149   11.12076  19.45001  1.000 16.02846 ? 15  DG    A C5     1 
ATOM   457 C  C6     . DG    A 1 15 ? 4.38759   9.91453   19.72807  1.000 16.81069 ? 15  DG    A C6     1 
ATOM   458 O  O6     . DG    A 1 15 ? 5.58719   9.67641   19.61549  1.000 17.76322 ? 15  DG    A O6     1 
ATOM   459 N  N1     . DG    A 1 15 ? 3.53385   8.95071   20.31366  1.000 16.07479 ? 15  DG    A N1     1 
ATOM   460 C  C2     . DG    A 1 15 ? 2.20576   9.10441   20.48751  1.000 13.80969 ? 15  DG    A C2     1 
ATOM   461 N  N2     . DG    A 1 15 ? 1.55768   8.07270   20.93928  1.000 16.52059 ? 15  DG    A N2     1 
ATOM   462 N  N3     . DG    A 1 15 ? 1.54453   10.21373  20.18624  1.000 15.29591 ? 15  DG    A N3     1 
ATOM   463 C  C4     . DG    A 1 15 ? 2.35487   11.17409  19.67512  1.000 13.50897 ? 15  DG    A C4     1 
ATOM   464 H  "H5'"  . DG    A 1 15 ? -1.39427  13.59658  16.21371  1.000 19.26000 ? 15  DG    A "H5'"  1 
ATOM   465 H  "H5''" . DG    A 1 15 ? -2.34561  14.67912  16.85987  1.000 19.26000 ? 15  DG    A "H5''" 1 
ATOM   466 H  "H4'"  . DG    A 1 15 ? -1.96951  13.16208  18.50490  1.000 17.83589 ? 15  DG    A "H4'"  1 
ATOM   467 H  "H3'"  . DG    A 1 15 ? -1.01538  15.65497  19.04652  1.000 18.18120 ? 15  DG    A "H3'"  1 
ATOM   468 H  "H2'"  . DG    A 1 15 ? 1.14431   14.95919  19.12236  1.000 15.32418 ? 15  DG    A "H2'"  1 
ATOM   469 H  "H2''" . DG    A 1 15 ? 0.74406   14.65721  20.62004  1.000 15.32418 ? 15  DG    A "H2''" 1 
ATOM   470 H  "H1'"  . DG    A 1 15 ? 0.25633   12.47778  20.15618  1.000 16.01351 ? 15  DG    A "H1'"  1 
ATOM   471 H  H8     . DG    A 1 15 ? 3.13601   13.95317  18.59931  1.000 18.44998 ? 15  DG    A H8     1 
ATOM   472 H  H1     . DG    A 1 15 ? 3.88774   8.21286   20.57809  1.000 19.36004 ? 15  DG    A H1     1 
ATOM   473 P  P      . DC    A 1 16 ? -1.90505  15.58356  21.63378  1.000 15.86679 ? 16  DC    A P      1 
ATOM   474 O  OP1    . DC    A 1 16 ? -3.18326  15.27493  22.30304  1.000 18.54080 ? 16  DC    A OP1    1 
ATOM   475 O  OP2    . DC    A 1 16 ? -1.63721  16.89256  21.07435  1.000 17.44574 ? 16  DC    A OP2    1 
ATOM   476 O  "O5'"  . DC    A 1 16 ? -0.66323  15.27324  22.56544  1.000 18.29281 ? 16  DC    A "O5'"  1 
ATOM   477 C  "C5'"  . DC    A 1 16 ? -0.84795  14.59054  23.78206  1.000 22.44911 ? 16  DC    A "C5'"  1 
ATOM   478 C  "C4'"  . DC    A 1 16 ? -0.94975  13.09248  23.58832  1.000 20.66870 ? 16  DC    A "C4'"  1 
ATOM   479 O  "O4'"  . DC    A 1 16 ? 0.09529   12.63737  22.71706  1.000 18.62322 ? 16  DC    A "O4'"  1 
ATOM   480 C  "C3'"  . DC    A 1 16 ? -0.79796  12.25606  24.84756  1.000 21.68271 ? 16  DC    A "C3'"  1 
ATOM   481 O  "O3'"  . DC    A 1 16 ? -1.59514  11.07377  24.75952  1.000 28.98329 ? 16  DC    A "O3'"  1 
ATOM   482 C  "C2'"  . DC    A 1 16 ? 0.68090   11.94722  24.88397  1.000 19.66690 ? 16  DC    A "C2'"  1 
ATOM   483 C  "C1'"  . DC    A 1 16 ? 0.97340   11.73841  23.41750  1.000 16.01959 ? 16  DC    A "C1'"  1 
ATOM   484 N  N1     . DC    A 1 16 ? 2.37312   12.01914  23.03710  1.000 14.06888 ? 16  DC    A N1     1 
ATOM   485 C  C2     . DC    A 1 16 ? 3.28668   10.97398  23.12469  1.000 16.29706 ? 16  DC    A C2     1 
ATOM   486 O  O2     . DC    A 1 16 ? 2.88878   9.86787   23.56270  1.000 15.31188 ? 16  DC    A O2     1 
ATOM   487 N  N3     . DC    A 1 16 ? 4.55701   11.15521  22.70980  1.000 17.89308 ? 16  DC    A N3     1 
ATOM   488 C  C4     . DC    A 1 16 ? 4.92824   12.35382  22.26774  1.000 17.97288 ? 16  DC    A C4     1 
ATOM   489 N  N4     . DC    A 1 16 ? 6.21367   12.47934  21.88705  1.000 18.12001 ? 16  DC    A N4     1 
ATOM   490 C  C5     . DC    A 1 16 ? 4.02827   13.43612  22.18210  1.000 18.62585 ? 16  DC    A C5     1 
ATOM   491 C  C6     . DC    A 1 16 ? 2.75511   13.23399  22.55090  1.000 17.34342 ? 16  DC    A C6     1 
ATOM   492 H  "H5'"  . DC    A 1 16 ? -1.66301  14.90922  24.20042  1.000 27.00923 ? 16  DC    A "H5'"  1 
ATOM   493 H  "H5''" . DC    A 1 16 ? -0.09758  14.78139  24.36636  1.000 27.00923 ? 16  DC    A "H5''" 1 
ATOM   494 H  "H4'"  . DC    A 1 16 ? -1.80947  12.90126  23.18185  1.000 24.87274 ? 16  DC    A "H4'"  1 
ATOM   495 H  "H3'"  . DC    A 1 16 ? -1.04661  12.77597  25.62780  1.000 26.08955 ? 16  DC    A "H3'"  1 
ATOM   496 H  "HO3'" . DC    A 1 16 ? -1.22699  10.31883  24.74874  1.000 34.85025 ? 16  DC    A "HO3'" 1 
ATOM   497 H  "H2'"  . DC    A 1 16 ? 1.19169   12.68684  25.24860  1.000 23.67058 ? 16  DC    A "H2'"  1 
ATOM   498 H  "H2''" . DC    A 1 16 ? 0.86672   11.14895  25.40276  1.000 23.67058 ? 16  DC    A "H2''" 1 
ATOM   499 H  "H1'"  . DC    A 1 16 ? 0.76904   10.82452  23.16462  1.000 19.29381 ? 16  DC    A "H1'"  1 
ATOM   500 H  H41    . DC    A 1 16 ? 6.50352   13.23400  21.59367  1.000 21.81431 ? 16  DC    A H41    1 
ATOM   501 H  H42    . DC    A 1 16 ? 6.74483   11.80484  21.93729  1.000 21.81431 ? 16  DC    A H42    1 
ATOM   502 H  H5     . DC    A 1 16 ? 4.31048   14.26838  21.87777  1.000 22.42132 ? 16  DC    A H5     1 
ATOM   503 H  H6     . DC    A 1 16 ? 2.13354   13.92161  22.47508  1.000 20.88239 ? 16  DC    A H6     1 
HETATM 504 C  C6     . A1AB3 B 2 .  ? 5.26119   -4.27931  2.32436   1.000 35.83518 ? 101 A1AB3 A C6     1 
HETATM 505 C  C5     . A1AB3 B 2 .  ? 6.77940   -2.79456  2.75437   1.000 39.42401 ? 101 A1AB3 A C5     1 
HETATM 506 C  C4     . A1AB3 B 2 .  ? 7.95917   -2.08192  2.95076   1.000 35.43500 ? 101 A1AB3 A C4     1 
HETATM 507 C  C3     . A1AB3 B 2 .  ? 7.86134   -0.76114  3.29401   1.000 33.83625 ? 101 A1AB3 A C3     1 
HETATM 508 C  C2     . A1AB3 B 2 .  ? 6.62917   -0.13196  3.47351   1.000 37.75854 ? 101 A1AB3 A C2     1 
HETATM 509 C  C1     . A1AB3 B 2 .  ? 6.58452   1.30375   3.83461   1.000 28.38476 ? 101 A1AB3 A C1     1 
HETATM 510 C  C7     . A1AB3 B 2 .  ? 4.69246   -5.55230  2.03092   1.000 17.01733 ? 101 A1AB3 A C7     1 
HETATM 511 C  C10    . A1AB3 B 2 .  ? 3.13404   -7.03800  1.52816   1.000 32.71052 ? 101 A1AB3 A C10    1 
HETATM 512 C  C11    . A1AB3 B 2 .  ? 1.79895   -7.56246  1.22726   1.000 42.40387 ? 101 A1AB3 A C11    1 
HETATM 513 C  C12    . A1AB3 B 2 .  ? 1.39368   -8.84740  1.61421   1.000 51.53665 ? 101 A1AB3 A C12    1 
HETATM 514 C  C13    . A1AB3 B 2 .  ? 0.17544   -9.22159  1.04242   1.000 40.80134 ? 101 A1AB3 A C13    1 
HETATM 515 C  C14    . A1AB3 B 2 .  ? -0.29430  -8.30853  0.11878   1.000 37.45647 ? 101 A1AB3 A C14    1 
HETATM 516 C  C8     . A1AB3 B 2 .  ? 5.25484   -6.78068  2.00630   1.000 37.00829 ? 101 A1AB3 A C8     1 
HETATM 517 C  C9     . A1AB3 B 2 .  ? 4.26491   -7.70344  1.70893   1.000 33.33454 ? 101 A1AB3 A C9     1 
HETATM 518 C  C15    . A1AB3 B 2 .  ? -1.33181  -8.57811  -0.80304  1.000 53.15512 ? 101 A1AB3 A C15    1 
HETATM 519 C  C16    . A1AB3 B 2 .  ? 5.55117   -2.16918  2.91604   1.000 29.69853 ? 101 A1AB3 A C16    1 
HETATM 520 C  C17    . A1AB3 B 2 .  ? 5.45029   -0.83747  3.26156   1.000 35.22217 ? 101 A1AB3 A C17    1 
HETATM 521 N  N1     . A1AB3 B 2 .  ? 5.58974   1.76580   4.55552   1.000 44.72361 ? 101 A1AB3 A N1     1 
HETATM 522 N  N2     . A1AB3 B 2 .  ? 7.51572   2.12378   3.40536   1.000 40.37586 ? 101 A1AB3 A N2     1 
HETATM 523 N  N3     . A1AB3 B 2 .  ? 6.56769   -4.11458  2.40294   1.000 43.94337 ? 101 A1AB3 A N3     1 
HETATM 524 N  N4     . A1AB3 B 2 .  ? -1.76126  -7.62051  -1.65222  1.000 39.90318 ? 101 A1AB3 A N4     1 
HETATM 525 N  N5     . A1AB3 B 2 .  ? -1.86328  -9.80289  -0.84465  1.000 54.49203 ? 101 A1AB3 A N5     1 
HETATM 526 N  N6     . A1AB3 B 2 .  ? 4.60173   -3.14688  2.64270   1.000 36.91222 ? 101 A1AB3 A N6     1 
HETATM 527 O  O1     . A1AB3 B 2 .  ? 3.33611   -5.67847  1.75608   1.000 25.72328 ? 101 A1AB3 A O1     1 
HETATM 528 S  S1     . A1AB3 B 2 .  ? 0.56444   -6.80555  0.28905   1.000 59.97805 ? 101 A1AB3 A S1     1 
HETATM 529 H  H6     . A1AB3 B 2 .  ? 8.79619   -2.49764  2.85005   1.000 42.59230 ? 101 A1AB3 A H6     1 
HETATM 530 H  H3     . A1AB3 B 2 .  ? 8.18360   1.81842   2.92231   1.000 48.52133 ? 101 A1AB3 A H3     1 
HETATM 531 H  H5     . A1AB3 B 2 .  ? 8.65390   -0.26575  3.41156   1.000 40.67379 ? 101 A1AB3 A H5     1 
HETATM 532 H  H9     . A1AB3 B 2 .  ? 1.87934   -9.40116  2.19178   1.000 61.91427 ? 101 A1AB3 A H9     1 
HETATM 533 H  H10    . A1AB3 B 2 .  ? -0.27512  -10.01447 1.26617   1.000 49.03190 ? 101 A1AB3 A H10    1 
HETATM 534 H  H7     . A1AB3 B 2 .  ? 6.16511   -6.97958  2.16404   1.000 44.48025 ? 101 A1AB3 A H7     1 
HETATM 535 H  H8     . A1AB3 B 2 .  ? 4.37911   -8.63042  1.64773   1.000 40.07174 ? 101 A1AB3 A H8     1 
HETATM 536 H  H16    . A1AB3 B 2 .  ? 4.61947   -0.41812  3.35162   1.000 42.33689 ? 101 A1AB3 A H16    1 
HETATM 537 H  H2     . A1AB3 B 2 .  ? 5.54650   2.62963   4.75228   1.000 53.73863 ? 101 A1AB3 A H2     1 
HETATM 538 H  H1     . A1AB3 B 2 .  ? 4.95856   1.21523   4.84749   1.000 53.73863 ? 101 A1AB3 A H1     1 
HETATM 539 H  H4     . A1AB3 B 2 .  ? 7.47326   2.97988   3.60012   1.000 48.52133 ? 101 A1AB3 A H4     1 
HETATM 540 H  H12    . A1AB3 B 2 .  ? -1.40529  -6.80868  -1.62078  1.000 47.95411 ? 101 A1AB3 A H12    1 
HETATM 541 H  H11    . A1AB3 B 2 .  ? -2.39898  -7.80410  -2.24076  1.000 47.95411 ? 101 A1AB3 A H11    1 
HETATM 542 H  H13    . A1AB3 B 2 .  ? -1.58041  -10.42310 -0.28972  1.000 65.46073 ? 101 A1AB3 A H13    1 
HETATM 543 H  H15    . A1AB3 B 2 .  ? 3.72990   -3.04702  2.67159   1.000 44.36497 ? 101 A1AB3 A H15    1 
HETATM 544 H  H14    . A1AB3 B 2 .  ? -2.49538  -9.98743  -1.42692  1.000 65.46073 ? 101 A1AB3 A H14    1 
HETATM 545 CA CA     . CA    C 3 .  ? 6.66421   -5.68981  -23.74208 0.321 16.46247 ? 102 CA    A CA     1 
HETATM 546 CA CA     . CA    D 3 .  ? -9.14384  -5.05104  -18.11395 1.000 20.22458 ? 103 CA    A CA     1 
HETATM 547 CA CA     . CA    E 3 .  ? -12.83321 -1.86371  -10.19835 0.379 17.43220 ? 104 CA    A CA     1 
HETATM 548 CA CA     . CA    F 3 .  ? -11.80819 0.49556   -5.78095  0.378 16.50292 ? 105 CA    A CA     1 
HETATM 549 CA CA     . CA    G 3 .  ? -6.26090  -9.91473  -5.96933  1.000 33.91973 ? 106 CA    A CA     1 
HETATM 550 CA CA     . CA    H 3 .  ? -4.78660  16.20008  23.71493  0.354 13.90566 ? 107 CA    A CA     1 
HETATM 551 CA CA     . CA    I 3 .  ? -13.93534 -6.53373  -0.69709  1.000 52.58099 ? 108 CA    A CA     1 
HETATM 552 O  O      . HOH   J 4 .  ? -4.30765  2.70988   -21.15950 1.000 30.64125 ? 201 HOH   A O      1 
HETATM 553 O  O      . HOH   J 4 .  ? 4.04938   -7.82099  -19.32950 1.000 32.48657 ? 202 HOH   A O      1 
HETATM 554 O  O      . HOH   J 4 .  ? -7.28383  -5.11613  -9.94979  1.000 27.33642 ? 203 HOH   A O      1 
HETATM 555 O  O      . HOH   J 4 .  ? 4.14104   -4.72420  -19.72737 1.000 32.57389 ? 204 HOH   A O      1 
HETATM 556 O  O      . HOH   J 4 .  ? 3.12864   -9.45591  9.12429   1.000 51.41489 ? 205 HOH   A O      1 
HETATM 557 O  O      . HOH   J 4 .  ? 1.54243   17.69326  17.60047  1.000 30.90785 ? 206 HOH   A O      1 
HETATM 558 O  O      . HOH   J 4 .  ? -7.20890  -4.55893  -17.13829 1.000 21.69520 ? 207 HOH   A O      1 
HETATM 559 O  O      . HOH   J 4 .  ? 1.84240   10.21166  11.84211  1.000 25.60553 ? 208 HOH   A O      1 
HETATM 560 O  O      . HOH   J 4 .  ? 0.04487   -2.42914  -15.46173 1.000 27.88935 ? 209 HOH   A O      1 
HETATM 561 O  O      . HOH   J 4 .  ? -2.31591  0.79326   -15.27331 1.000 37.35959 ? 210 HOH   A O      1 
HETATM 562 O  O      . HOH   J 4 .  ? 1.10106   -5.02817  -14.17305 1.000 28.74957 ? 211 HOH   A O      1 
HETATM 563 O  O      . HOH   J 4 .  ? -12.84158 -2.36401  -3.12767  1.000 26.42359 ? 212 HOH   A O      1 
HETATM 564 O  O      . HOH   J 4 .  ? 6.53369   13.32765  18.02584  1.000 27.09876 ? 213 HOH   A O      1 
HETATM 565 O  O      . HOH   J 4 .  ? -13.84036 -8.19787  -2.09525  1.000 36.31091 ? 214 HOH   A O      1 
HETATM 566 O  O      . HOH   J 4 .  ? 0.40880   18.26616  19.84949  1.000 24.07083 ? 215 HOH   A O      1 
HETATM 567 O  O      . HOH   J 4 .  ? 0.97788   8.17353   24.58819  1.000 31.30349 ? 216 HOH   A O      1 
HETATM 568 O  O      . HOH   J 4 .  ? 1.07458   -9.68276  -15.78911 1.000 25.52345 ? 217 HOH   A O      1 
HETATM 569 O  O      . HOH   J 4 .  ? 8.12190   10.74213  19.29364  1.000 26.40777 ? 218 HOH   A O      1 
HETATM 570 O  O      . HOH   J 4 .  ? 7.51749   3.08594   14.94264  1.000 39.17340 ? 219 HOH   A O      1 
HETATM 571 O  O      . HOH   J 4 .  ? 6.16794   -8.91091  -26.16591 1.000 18.62491 ? 220 HOH   A O      1 
HETATM 572 O  O      . HOH   J 4 .  ? -4.90658  0.67701   -6.86243  1.000 26.94004 ? 221 HOH   A O      1 
HETATM 573 O  O      . HOH   J 4 .  ? -13.03017 1.02013   -13.69584 1.000 24.89010 ? 222 HOH   A O      1 
HETATM 574 O  O      . HOH   J 4 .  ? -2.57727  -0.04384  -8.36908  1.000 29.28190 ? 223 HOH   A O      1 
HETATM 575 O  O      . HOH   J 4 .  ? 7.66641   4.76963   4.36727   1.000 35.55705 ? 224 HOH   A O      1 
HETATM 576 O  O      . HOH   J 4 .  ? 2.25572   -16.79608 -23.48412 1.000 29.24700 ? 225 HOH   A O      1 
HETATM 577 O  O      . HOH   J 4 .  ? -8.17742  -4.65625  -13.63920 1.000 21.26003 ? 226 HOH   A O      1 
HETATM 578 O  O      . HOH   J 4 .  ? -1.51029  19.23675  22.69043  1.000 18.99648 ? 227 HOH   A O      1 
HETATM 579 O  O      . HOH   J 4 .  ? -5.63671  2.35542   -12.76938 1.000 30.88026 ? 228 HOH   A O      1 
HETATM 580 O  O      . HOH   J 4 .  ? 6.04421   5.87728   5.78269   1.000 33.04292 ? 229 HOH   A O      1 
HETATM 581 O  O      . HOH   J 4 .  ? -1.10447  10.07315  19.05318  1.000 19.04277 ? 230 HOH   A O      1 
HETATM 582 O  O      . HOH   J 4 .  ? 9.87431   8.72150   12.91891  1.000 40.03451 ? 231 HOH   A O      1 
HETATM 583 O  O      . HOH   J 4 .  ? -1.44891  10.47663  15.97341  1.000 22.20168 ? 232 HOH   A O      1 
HETATM 584 O  O      . HOH   J 4 .  ? 0.85563   -12.56632 -17.01576 1.000 42.86195 ? 233 HOH   A O      1 
HETATM 585 O  O      . HOH   J 4 .  ? 1.60581   -2.75589  -17.39276 1.000 32.20915 ? 234 HOH   A O      1 
HETATM 586 O  O      . HOH   J 4 .  ? 7.49137   -6.68589  -21.69465 1.000 20.24983 ? 235 HOH   A O      1 
HETATM 587 O  O      . HOH   J 4 .  ? 2.23712   -1.71510  11.46012  1.000 31.53659 ? 236 HOH   A O      1 
HETATM 588 O  O      . HOH   J 4 .  ? -6.21674  -7.75333  -7.02570  1.000 28.23689 ? 237 HOH   A O      1 
HETATM 589 O  O      . HOH   J 4 .  ? -9.67983  -4.33371  1.56507   1.000 34.88370 ? 238 HOH   A O      1 
HETATM 590 O  O      . HOH   J 4 .  ? 6.83267   15.10016  20.50055  1.000 30.79218 ? 239 HOH   A O      1 
HETATM 591 O  O      . HOH   J 4 .  ? 8.45231   -6.47848  2.83385   1.000 45.09144 ? 240 HOH   A O      1 
HETATM 592 O  O      . HOH   J 4 .  ? -4.68098  -9.51602  -2.04327  1.000 41.25236 ? 241 HOH   A O      1 
HETATM 593 O  O      . HOH   J 4 .  ? -5.04203  -8.56157  -4.01489  1.000 35.94583 ? 242 HOH   A O      1 
HETATM 594 O  O      . HOH   J 4 .  ? 0.37615   0.18974   -17.04386 1.000 36.05435 ? 243 HOH   A O      1 
HETATM 595 O  O      . HOH   J 4 .  ? -7.03346  -9.59618  5.25361   1.000 41.89660 ? 244 HOH   A O      1 
HETATM 596 O  O      . HOH   J 4 .  ? 7.78180   9.11847   16.60343  1.000 31.03413 ? 245 HOH   A O      1 
HETATM 597 O  O      . HOH   J 4 .  ? -0.99207  19.75432  14.25442  1.000 27.64385 ? 246 HOH   A O      1 
HETATM 598 O  O      . HOH   J 4 .  ? -3.20487  17.26485  17.61742  1.000 21.20953 ? 247 HOH   A O      1 
HETATM 599 O  O      . HOH   J 4 .  ? -12.53115 -0.90686  -12.43943 1.000 21.52387 ? 248 HOH   A O      1 
HETATM 600 O  O      . HOH   J 4 .  ? -1.46605  9.00885   22.27458  1.000 30.80481 ? 249 HOH   A O      1 
HETATM 601 O  O      . HOH   J 4 .  ? -9.25410  -3.09967  -0.71152  1.000 31.29466 ? 250 HOH   A O      1 
HETATM 602 O  O      . HOH   J 4 .  ? -7.86132  -7.62387  -8.80062  1.000 29.36074 ? 251 HOH   A O      1 
HETATM 603 O  O      . HOH   J 4 .  ? -12.43999 -5.17737  0.28576   1.000 29.01923 ? 252 HOH   A O      1 
HETATM 604 O  O      . HOH   J 4 .  ? 0.76371   -0.73272  -13.27292 1.000 37.50521 ? 253 HOH   A O      1 
HETATM 605 O  O      . HOH   J 4 .  ? -10.80904 2.61419   -5.43196  1.000 21.27598 ? 254 HOH   A O      1 
HETATM 606 O  O      . HOH   J 4 .  ? -11.05662 -2.11404  -15.77106 1.000 29.56566 ? 255 HOH   A O      1 
HETATM 607 O  O      . HOH   J 4 .  ? -3.09630  -7.67369  -24.71032 1.000 30.14977 ? 256 HOH   A O      1 
HETATM 608 O  O      . HOH   J 4 .  ? -5.04812  15.42708  13.87391  1.000 27.64798 ? 257 HOH   A O      1 
HETATM 609 O  O      . HOH   J 4 .  ? -7.27070  5.25082   -13.55479 1.000 32.19475 ? 258 HOH   A O      1 
HETATM 610 O  O      . HOH   J 4 .  ? -1.92292  2.29188   -21.56236 1.000 45.85623 ? 259 HOH   A O      1 
HETATM 611 O  O      . HOH   J 4 .  ? 2.55433   10.77489  9.47149   1.000 36.46334 ? 260 HOH   A O      1 
HETATM 612 O  O      . HOH   J 4 .  ? -4.96265  15.72994  16.75885  1.000 28.37331 ? 261 HOH   A O      1 
HETATM 613 O  O      . HOH   J 4 .  ? -4.90499  -3.44938  -23.24118 1.000 36.83600 ? 262 HOH   A O      1 
HETATM 614 O  O      . HOH   J 4 .  ? -3.34139  -2.25123  8.59947   1.000 39.59502 ? 263 HOH   A O      1 
HETATM 615 O  O      . HOH   J 4 .  ? 3.55127   16.21456  17.79848  1.000 33.53987 ? 264 HOH   A O      1 
HETATM 616 O  O      . HOH   J 4 .  ? -12.48216 -0.90693  -1.32640  1.000 34.22484 ? 265 HOH   A O      1 
HETATM 617 O  O      . HOH   J 4 .  ? 5.09045   8.93421   6.47550   1.000 35.54709 ? 266 HOH   A O      1 
HETATM 618 O  O      . HOH   J 4 .  ? 1.98650   20.69362  17.52833  1.000 42.65861 ? 267 HOH   A O      1 
HETATM 619 O  O      . HOH   J 4 .  ? 3.57209   1.98115   -23.89939 1.000 30.43186 ? 268 HOH   A O      1 
HETATM 620 O  O      . HOH   J 4 .  ? 7.98311   -17.22870 -22.83686 1.000 43.91142 ? 269 HOH   A O      1 
# 
